data_8UID
#
_entry.id   8UID
#
loop_
_entity.id
_entity.type
_entity.pdbx_description
1 polymer Beta-galactosidase
2 polymer Beta-galactosidase
#
loop_
_entity_poly.entity_id
_entity_poly.type
_entity_poly.pdbx_seq_one_letter_code
_entity_poly.pdbx_strand_id
1 'polypeptide(L)'
;TLLCGEIHYFRVPKHLWRDRLLKLKRAGGNCVSTYIPWNWHDPREKVVNFTDGTSQWHVASYYSRDLASFLELAGELGLR
VIARPGPYICSEWDSGGHPNWIYTKAMRLRSLDPGYFKHVVEWYNSVLNILKPYVEREIVIGIQVENEYFWGNEKYIEKL
AEIVEEKLPGVLVFTNEDPYLTRIPNTIDLYPSPWDMRQFDDRLRSYLSSQPGLFKMIMELEGGWFKSSRYGYYPTNRLS
IPPEWTEILLKTAVGMGLNNINIYMFHGGSNPGYYTAKYLASSYDFEACIREWGELSERYYRVKRVFTFLNGFQELVTSL
KPGETVKTASTCSELLQRVGDHGKIAVLRNTGDNLCYQRLINRGEIIPMWTPIRVPPRYAKIVLLDLVVEGTPFKLVYTS
GEALLMKRLGDTVVMIIYGDHGEYTETAVEVEGGVLDVDIQGDVLIRREGERAYLVVNHTHGEHLAIVKSTRGQNLLLIF
TCRCRAEKTWIVDEDLVLISNIYYIGDSRIDEGKVVINAELDEDSCGRLLVVTSREIEAISLEDLDLDLTRLSKYVYATH
IPLSMCRSGKNTYHPLEYRLLEDPVFHTLTSINPSSPLLKNGFYENGIYVYRLRLHLDKKQLGDLLDKHLALIGFSDYAV
VSINNEYAGSGYHYIEMSADSLREGVNEVTVILESTGHPNDGLLYVPNGIYGGVYLGRVGEIRLYKWRKTGFEIPYGPGF
DLAEFIANPEPVIKALQE
;
A,C
2 'polypeptide(L)'
;ETYSVDSPGLYITEFKVDDLSRHYVLDPGLEFYYNHYYRILLFVNKVYVGPLIGPIDITRYLKPGVNEVALLVEWGVVNP
VIGVYQYKVDGEWFIQEGLHGLIEEWFRRSPRGETAEPPILLGDKAGRVIWVNTVIPYEKEPTSSSPVKLEVDFWGCRIL
VFVNGEFIGRISDDSPERELYVPETAVRRGLNNITLLAIVTSRSSGIRGLRLKETYVHERKEIVFKL
;
B,D
#
# COMPACT_ATOMS: atom_id res chain seq x y z
N THR A 1 -27.46 -15.03 9.20
CA THR A 1 -26.15 -14.75 8.54
C THR A 1 -24.98 -14.98 9.49
N LEU A 2 -23.88 -15.53 9.02
CA LEU A 2 -22.63 -15.69 9.78
C LEU A 2 -21.59 -14.70 9.26
N LEU A 3 -21.17 -13.78 10.13
CA LEU A 3 -20.12 -12.82 9.83
C LEU A 3 -18.96 -13.13 10.75
N CYS A 4 -17.92 -13.75 10.22
CA CYS A 4 -16.85 -14.31 11.02
C CYS A 4 -15.52 -13.65 10.74
N GLY A 5 -14.74 -13.58 11.79
CA GLY A 5 -13.30 -13.57 11.71
C GLY A 5 -12.78 -14.92 12.21
N GLU A 6 -11.65 -15.35 11.71
CA GLU A 6 -10.97 -16.50 12.25
C GLU A 6 -9.86 -16.04 13.18
N ILE A 7 -9.91 -16.58 14.40
CA ILE A 7 -9.04 -16.22 15.50
C ILE A 7 -8.72 -17.52 16.22
N HIS A 8 -7.47 -17.96 16.07
CA HIS A 8 -6.97 -19.25 16.55
C HIS A 8 -6.54 -19.20 18.01
N TYR A 9 -7.29 -19.78 18.93
CA TYR A 9 -6.92 -19.83 20.35
C TYR A 9 -5.54 -20.46 20.64
N PHE A 10 -5.07 -21.32 19.75
CA PHE A 10 -3.74 -21.93 19.77
C PHE A 10 -2.61 -21.02 19.25
N ARG A 11 -2.92 -19.84 18.70
CA ARG A 11 -1.96 -18.83 18.22
C ARG A 11 -2.00 -17.51 18.98
N VAL A 12 -2.96 -17.37 19.89
CA VAL A 12 -3.17 -16.19 20.74
C VAL A 12 -2.93 -16.61 22.19
N PRO A 13 -2.13 -15.87 22.98
CA PRO A 13 -1.99 -16.12 24.42
C PRO A 13 -3.33 -16.10 25.14
N LYS A 14 -3.58 -16.97 26.11
CA LYS A 14 -4.90 -17.09 26.77
C LYS A 14 -5.38 -15.80 27.42
N HIS A 15 -4.48 -14.99 27.94
CA HIS A 15 -4.81 -13.67 28.50
C HIS A 15 -5.38 -12.71 27.46
N LEU A 16 -4.92 -12.84 26.22
CA LEU A 16 -5.31 -11.99 25.10
C LEU A 16 -6.52 -12.50 24.33
N TRP A 17 -7.09 -13.67 24.64
CA TRP A 17 -8.30 -14.15 23.98
C TRP A 17 -9.45 -13.15 24.07
N ARG A 18 -9.72 -12.55 25.23
CA ARG A 18 -10.81 -11.56 25.36
C ARG A 18 -10.50 -10.28 24.60
N ASP A 19 -9.26 -9.82 24.67
CA ASP A 19 -8.75 -8.66 23.93
C ASP A 19 -8.94 -8.83 22.41
N ARG A 20 -8.70 -10.02 21.86
CA ARG A 20 -8.84 -10.31 20.42
C ARG A 20 -10.25 -10.64 19.99
N LEU A 21 -11.00 -11.41 20.77
CA LEU A 21 -12.38 -11.73 20.46
C LEU A 21 -13.31 -10.53 20.61
N LEU A 22 -13.07 -9.64 21.57
CA LEU A 22 -13.84 -8.41 21.69
C LEU A 22 -13.54 -7.42 20.57
N LYS A 23 -12.31 -7.38 20.03
CA LYS A 23 -12.01 -6.64 18.81
C LYS A 23 -12.81 -7.16 17.61
N LEU A 24 -13.01 -8.47 17.48
CA LEU A 24 -13.92 -9.06 16.49
C LEU A 24 -15.39 -8.70 16.73
N LYS A 25 -15.92 -8.85 17.94
CA LYS A 25 -17.30 -8.44 18.28
C LYS A 25 -17.54 -6.96 17.95
N ARG A 26 -16.60 -6.09 18.30
CA ARG A 26 -16.60 -4.64 18.02
C ARG A 26 -16.48 -4.29 16.54
N ALA A 27 -16.02 -5.20 15.69
CA ALA A 27 -16.07 -5.07 14.23
C ALA A 27 -17.45 -5.40 13.62
N GLY A 28 -18.40 -5.90 14.40
CA GLY A 28 -19.65 -6.47 13.87
C GLY A 28 -19.53 -7.97 13.54
N GLY A 29 -18.41 -8.62 13.82
CA GLY A 29 -18.36 -10.08 13.77
C GLY A 29 -19.36 -10.65 14.78
N ASN A 30 -20.15 -11.63 14.36
CA ASN A 30 -21.15 -12.27 15.22
C ASN A 30 -20.88 -13.77 15.41
N CYS A 31 -19.72 -14.22 14.95
CA CYS A 31 -19.27 -15.59 14.99
C CYS A 31 -17.73 -15.62 14.94
N VAL A 32 -17.08 -16.59 15.59
CA VAL A 32 -15.64 -16.86 15.49
C VAL A 32 -15.43 -18.14 14.72
N SER A 33 -14.59 -18.15 13.69
CA SER A 33 -14.03 -19.42 13.23
C SER A 33 -12.80 -19.75 14.03
N THR A 34 -12.53 -21.03 14.24
CA THR A 34 -11.20 -21.48 14.64
C THR A 34 -10.98 -22.90 14.17
N TYR A 35 -9.75 -23.27 13.82
CA TYR A 35 -9.36 -24.67 13.88
C TYR A 35 -9.27 -25.18 15.30
N ILE A 36 -9.26 -26.49 15.46
CA ILE A 36 -8.88 -27.16 16.70
C ILE A 36 -7.81 -28.17 16.30
N PRO A 37 -6.51 -27.82 16.30
CA PRO A 37 -5.50 -28.67 15.68
C PRO A 37 -5.25 -29.93 16.51
N TRP A 38 -5.30 -31.09 15.89
CA TRP A 38 -5.08 -32.37 16.55
C TRP A 38 -3.71 -32.45 17.23
N ASN A 39 -2.63 -32.06 16.57
CA ASN A 39 -1.29 -32.02 17.16
C ASN A 39 -1.06 -30.96 18.22
N TRP A 40 -1.88 -29.93 18.31
CA TRP A 40 -1.85 -29.03 19.46
C TRP A 40 -2.33 -29.75 20.71
N HIS A 41 -3.37 -30.59 20.61
CA HIS A 41 -4.01 -31.27 21.73
C HIS A 41 -3.46 -32.66 22.05
N ASP A 42 -3.03 -33.45 21.08
CA ASP A 42 -2.30 -34.70 21.30
C ASP A 42 -0.95 -34.71 20.57
N PRO A 43 0.08 -34.05 21.11
CA PRO A 43 1.37 -33.92 20.45
C PRO A 43 2.17 -35.22 20.32
N ARG A 44 1.93 -36.20 21.21
CA ARG A 44 2.90 -37.24 21.56
C ARG A 44 2.33 -38.63 21.85
N GLU A 45 1.16 -38.95 21.32
CA GLU A 45 0.53 -40.27 21.37
C GLU A 45 0.25 -40.73 22.81
N LYS A 46 -0.29 -39.81 23.62
CA LYS A 46 -0.43 -39.95 25.08
C LYS A 46 -1.87 -39.67 25.50
N VAL A 47 -2.16 -38.46 25.97
CA VAL A 47 -3.50 -38.02 26.41
C VAL A 47 -3.82 -36.67 25.77
N VAL A 48 -5.06 -36.48 25.32
CA VAL A 48 -5.51 -35.17 24.80
C VAL A 48 -5.53 -34.13 25.92
N ASN A 49 -4.83 -33.02 25.70
CA ASN A 49 -4.55 -32.05 26.76
C ASN A 49 -5.82 -31.27 27.20
N PHE A 50 -6.39 -30.42 26.33
CA PHE A 50 -7.56 -29.59 26.62
C PHE A 50 -7.48 -28.70 27.88
N THR A 51 -6.28 -28.25 28.30
CA THR A 51 -6.04 -27.39 29.47
C THR A 51 -4.96 -26.32 29.23
N ASP A 52 -4.71 -25.46 30.22
CA ASP A 52 -3.58 -24.52 30.21
C ASP A 52 -2.19 -25.15 30.36
N GLY A 53 -2.11 -26.45 30.67
CA GLY A 53 -0.84 -27.16 30.80
C GLY A 53 -0.07 -27.25 29.49
N THR A 54 1.26 -27.24 29.56
CA THR A 54 2.15 -27.44 28.42
C THR A 54 3.40 -28.21 28.85
N SER A 55 3.97 -29.00 27.95
CA SER A 55 5.12 -29.87 28.23
C SER A 55 6.12 -29.90 27.06
N GLN A 56 6.29 -28.74 26.42
CA GLN A 56 7.29 -28.48 25.38
C GLN A 56 8.08 -27.22 25.73
N TRP A 57 9.41 -27.23 25.60
CA TRP A 57 10.24 -26.05 25.85
C TRP A 57 9.94 -24.91 24.87
N HIS A 58 9.41 -25.22 23.68
CA HIS A 58 9.14 -24.25 22.63
C HIS A 58 7.72 -23.67 22.67
N VAL A 59 6.83 -24.11 23.57
CA VAL A 59 5.49 -23.53 23.72
C VAL A 59 5.43 -22.78 25.05
N ALA A 60 5.34 -21.45 24.97
CA ALA A 60 5.26 -20.59 26.14
C ALA A 60 4.06 -20.92 27.03
N SER A 61 4.20 -20.72 28.36
CA SER A 61 3.16 -21.02 29.35
C SER A 61 1.81 -20.34 29.06
N TYR A 62 1.82 -19.18 28.41
CA TYR A 62 0.62 -18.42 28.10
C TYR A 62 -0.15 -18.90 26.85
N TYR A 63 0.38 -19.80 26.02
CA TYR A 63 -0.45 -20.48 25.02
C TYR A 63 -1.18 -21.65 25.66
N SER A 64 -2.45 -21.83 25.31
CA SER A 64 -3.31 -22.80 25.98
C SER A 64 -3.99 -23.79 25.02
N ARG A 65 -4.19 -25.02 25.51
CA ARG A 65 -5.06 -26.03 24.88
C ARG A 65 -6.49 -25.95 25.40
N ASP A 66 -6.83 -25.02 26.28
CA ASP A 66 -8.13 -24.91 26.94
C ASP A 66 -9.22 -24.35 26.02
N LEU A 67 -9.55 -25.12 24.98
CA LEU A 67 -10.63 -24.82 24.04
C LEU A 67 -11.95 -24.60 24.76
N ALA A 68 -12.28 -25.37 25.80
CA ALA A 68 -13.49 -25.16 26.57
C ALA A 68 -13.58 -23.73 27.13
N SER A 69 -12.49 -23.16 27.66
CA SER A 69 -12.49 -21.74 28.05
C SER A 69 -12.59 -20.78 26.89
N PHE A 70 -12.05 -21.08 25.71
CA PHE A 70 -12.24 -20.23 24.54
C PHE A 70 -13.69 -20.23 24.07
N LEU A 71 -14.34 -21.40 24.04
CA LEU A 71 -15.75 -21.53 23.71
C LEU A 71 -16.65 -20.83 24.73
N GLU A 72 -16.40 -20.98 26.03
CA GLU A 72 -17.12 -20.21 27.04
C GLU A 72 -16.90 -18.70 26.90
N LEU A 73 -15.67 -18.25 26.62
CA LEU A 73 -15.39 -16.84 26.40
C LEU A 73 -16.05 -16.28 25.14
N ALA A 74 -16.08 -17.02 24.04
CA ALA A 74 -16.85 -16.65 22.87
C ALA A 74 -18.35 -16.56 23.21
N GLY A 75 -18.86 -17.46 24.04
CA GLY A 75 -20.19 -17.38 24.65
C GLY A 75 -20.41 -16.14 25.53
N GLU A 76 -19.48 -15.78 26.41
CA GLU A 76 -19.55 -14.55 27.23
C GLU A 76 -19.69 -13.30 26.37
N LEU A 77 -18.89 -13.23 25.30
CA LEU A 77 -18.87 -12.15 24.33
C LEU A 77 -20.07 -12.19 23.35
N GLY A 78 -20.92 -13.21 23.40
CA GLY A 78 -22.07 -13.39 22.53
C GLY A 78 -21.72 -13.79 21.09
N LEU A 79 -20.48 -14.17 20.81
CA LEU A 79 -20.05 -14.72 19.53
C LEU A 79 -20.50 -16.17 19.42
N ARG A 80 -21.04 -16.57 18.26
CA ARG A 80 -21.17 -17.98 17.87
C ARG A 80 -19.81 -18.53 17.47
N VAL A 81 -19.69 -19.83 17.25
CA VAL A 81 -18.44 -20.48 16.87
C VAL A 81 -18.64 -21.42 15.70
N ILE A 82 -17.76 -21.32 14.69
CA ILE A 82 -17.50 -22.38 13.73
C ILE A 82 -16.25 -23.10 14.21
N ALA A 83 -16.41 -24.37 14.58
CA ALA A 83 -15.31 -25.25 14.94
C ALA A 83 -14.81 -25.91 13.65
N ARG A 84 -13.51 -25.84 13.37
CA ARG A 84 -12.86 -26.56 12.28
C ARG A 84 -11.96 -27.65 12.89
N PRO A 85 -12.53 -28.74 13.44
CA PRO A 85 -11.82 -29.74 14.23
C PRO A 85 -11.06 -30.79 13.41
N GLY A 86 -10.85 -30.57 12.12
CA GLY A 86 -10.40 -31.64 11.22
C GLY A 86 -9.14 -32.33 11.72
N PRO A 87 -8.94 -33.61 11.38
CA PRO A 87 -7.64 -34.22 11.60
C PRO A 87 -6.59 -33.44 10.82
N TYR A 88 -7.00 -32.92 9.66
CA TYR A 88 -6.29 -31.95 8.87
C TYR A 88 -6.96 -30.57 8.95
N ILE A 89 -6.14 -29.55 9.14
CA ILE A 89 -6.50 -28.14 9.24
C ILE A 89 -5.77 -27.24 8.22
N CYS A 90 -4.72 -27.68 7.54
CA CYS A 90 -3.86 -26.82 6.71
C CYS A 90 -3.23 -25.69 7.52
N SER A 91 -3.66 -24.44 7.28
CA SER A 91 -3.47 -23.29 8.15
C SER A 91 -2.03 -22.88 8.40
N GLU A 92 -1.09 -23.35 7.57
CA GLU A 92 0.32 -23.10 7.74
C GLU A 92 0.82 -23.54 9.12
N TRP A 93 0.19 -24.58 9.65
CA TRP A 93 0.49 -25.20 10.92
C TRP A 93 1.40 -26.42 10.73
N ASP A 94 2.02 -26.90 11.80
CA ASP A 94 2.88 -28.10 11.73
C ASP A 94 2.08 -29.29 11.26
N SER A 95 2.56 -30.02 10.26
CA SER A 95 1.88 -31.16 9.63
C SER A 95 0.46 -30.85 9.15
N GLY A 96 0.13 -29.58 9.00
CA GLY A 96 -1.22 -29.13 8.70
C GLY A 96 -2.26 -29.59 9.70
N GLY A 97 -1.89 -29.91 10.94
CA GLY A 97 -2.79 -30.41 11.98
C GLY A 97 -2.49 -31.81 12.47
N HIS A 98 -1.89 -32.69 11.67
CA HIS A 98 -1.64 -34.07 12.08
C HIS A 98 -0.57 -34.18 13.15
N PRO A 99 -0.74 -34.98 14.20
CA PRO A 99 0.31 -35.17 15.17
C PRO A 99 1.36 -36.15 14.66
N ASN A 100 2.63 -35.81 14.85
CA ASN A 100 3.70 -36.39 14.05
C ASN A 100 3.98 -37.86 14.38
N TRP A 101 3.31 -38.42 15.37
CA TRP A 101 3.23 -39.86 15.59
C TRP A 101 2.37 -40.62 14.57
N ILE A 102 1.40 -40.02 13.87
CA ILE A 102 0.59 -40.76 12.87
C ILE A 102 1.40 -41.23 11.68
N TYR A 103 2.52 -40.59 11.34
CA TYR A 103 3.40 -41.05 10.28
C TYR A 103 4.00 -42.44 10.54
N THR A 104 4.09 -42.84 11.82
CA THR A 104 4.45 -44.22 12.21
C THR A 104 3.29 -45.21 12.02
N LYS A 105 2.03 -44.74 12.06
CA LYS A 105 0.79 -45.52 12.02
C LYS A 105 0.19 -45.73 10.62
N ALA A 106 0.39 -44.77 9.72
CA ALA A 106 -0.33 -44.70 8.45
C ALA A 106 0.53 -44.12 7.32
N MET A 107 0.71 -44.89 6.25
CA MET A 107 1.40 -44.47 5.01
C MET A 107 0.52 -43.65 4.06
N ARG A 108 -0.79 -43.57 4.32
CA ARG A 108 -1.81 -42.98 3.44
C ARG A 108 -2.81 -42.13 4.22
N LEU A 109 -2.39 -40.93 4.59
CA LEU A 109 -3.15 -39.95 5.36
C LEU A 109 -4.33 -39.35 4.57
N ARG A 110 -5.32 -38.76 5.26
CA ARG A 110 -6.52 -38.12 4.66
C ARG A 110 -7.25 -39.09 3.75
N SER A 111 -7.64 -40.23 4.31
CA SER A 111 -8.22 -41.36 3.63
C SER A 111 -9.03 -42.22 4.62
N LEU A 112 -9.80 -43.19 4.11
CA LEU A 112 -10.40 -44.25 4.93
C LEU A 112 -9.45 -45.44 5.21
N ASP A 113 -8.14 -45.25 5.14
CA ASP A 113 -7.17 -46.22 5.63
C ASP A 113 -7.45 -46.59 7.11
N PRO A 114 -7.62 -47.86 7.49
CA PRO A 114 -7.82 -48.23 8.90
C PRO A 114 -6.66 -47.80 9.81
N GLY A 115 -5.43 -47.59 9.31
CA GLY A 115 -4.35 -47.00 10.09
C GLY A 115 -4.62 -45.55 10.48
N TYR A 116 -4.84 -44.68 9.49
CA TYR A 116 -5.19 -43.27 9.71
C TYR A 116 -6.54 -43.10 10.41
N PHE A 117 -7.60 -43.69 9.86
CA PHE A 117 -8.96 -43.34 10.24
C PHE A 117 -9.35 -43.81 11.64
N LYS A 118 -8.78 -44.91 12.14
CA LYS A 118 -8.91 -45.32 13.55
C LYS A 118 -8.45 -44.21 14.50
N HIS A 119 -7.31 -43.60 14.22
CA HIS A 119 -6.80 -42.48 15.01
C HIS A 119 -7.60 -41.19 14.80
N VAL A 120 -8.17 -40.94 13.62
CA VAL A 120 -9.12 -39.84 13.41
C VAL A 120 -10.40 -40.02 14.21
N VAL A 121 -10.94 -41.24 14.32
CA VAL A 121 -12.11 -41.52 15.17
C VAL A 121 -11.80 -41.24 16.64
N GLU A 122 -10.62 -41.60 17.14
CA GLU A 122 -10.20 -41.24 18.51
C GLU A 122 -10.11 -39.73 18.70
N TRP A 123 -9.55 -39.00 17.73
CA TRP A 123 -9.54 -37.54 17.74
C TRP A 123 -10.94 -36.93 17.72
N TYR A 124 -11.81 -37.35 16.82
CA TYR A 124 -13.19 -36.86 16.77
C TYR A 124 -13.96 -37.22 18.03
N ASN A 125 -13.79 -38.38 18.64
CA ASN A 125 -14.41 -38.66 19.94
C ASN A 125 -13.91 -37.68 21.02
N SER A 126 -12.61 -37.38 21.03
CA SER A 126 -12.01 -36.43 21.96
C SER A 126 -12.56 -35.02 21.79
N VAL A 127 -12.46 -34.44 20.60
CA VAL A 127 -12.87 -33.05 20.35
C VAL A 127 -14.38 -32.87 20.35
N LEU A 128 -15.17 -33.82 19.84
CA LEU A 128 -16.63 -33.69 19.85
C LEU A 128 -17.22 -33.87 21.25
N ASN A 129 -16.57 -34.60 22.15
CA ASN A 129 -16.96 -34.61 23.58
C ASN A 129 -16.68 -33.26 24.26
N ILE A 130 -15.59 -32.57 23.91
CA ILE A 130 -15.32 -31.21 24.38
C ILE A 130 -16.34 -30.21 23.80
N LEU A 131 -16.67 -30.33 22.51
CA LEU A 131 -17.61 -29.42 21.84
C LEU A 131 -19.06 -29.61 22.27
N LYS A 132 -19.53 -30.82 22.57
CA LYS A 132 -20.95 -31.13 22.83
C LYS A 132 -21.68 -30.14 23.75
N PRO A 133 -21.24 -29.80 24.97
CA PRO A 133 -21.93 -28.82 25.80
C PRO A 133 -22.08 -27.44 25.13
N TYR A 134 -21.07 -26.96 24.42
CA TYR A 134 -21.10 -25.67 23.72
C TYR A 134 -21.93 -25.70 22.43
N VAL A 135 -22.07 -26.87 21.82
CA VAL A 135 -23.02 -27.13 20.73
C VAL A 135 -24.45 -27.14 21.25
N GLU A 136 -24.73 -27.79 22.38
CA GLU A 136 -26.06 -27.81 23.01
C GLU A 136 -26.48 -26.43 23.54
N ARG A 137 -25.51 -25.62 23.98
CA ARG A 137 -25.69 -24.19 24.33
C ARG A 137 -25.87 -23.27 23.12
N GLU A 138 -25.84 -23.80 21.91
CA GLU A 138 -25.90 -23.04 20.65
C GLU A 138 -24.77 -22.00 20.49
N ILE A 139 -23.64 -22.18 21.21
CA ILE A 139 -22.42 -21.38 20.99
C ILE A 139 -21.74 -21.89 19.72
N VAL A 140 -21.44 -23.18 19.64
CA VAL A 140 -20.88 -23.81 18.44
C VAL A 140 -22.00 -24.14 17.46
N ILE A 141 -22.05 -23.44 16.32
CA ILE A 141 -23.12 -23.52 15.34
C ILE A 141 -22.80 -24.36 14.10
N GLY A 142 -21.53 -24.66 13.83
CA GLY A 142 -21.13 -25.38 12.63
C GLY A 142 -19.77 -26.04 12.77
N ILE A 143 -19.65 -27.26 12.25
CA ILE A 143 -18.48 -28.12 12.34
C ILE A 143 -17.90 -28.34 10.94
N GLN A 144 -16.64 -27.99 10.72
CA GLN A 144 -16.02 -28.05 9.40
C GLN A 144 -15.03 -29.21 9.35
N VAL A 145 -15.31 -30.26 8.57
CA VAL A 145 -14.69 -31.57 8.82
C VAL A 145 -13.22 -31.71 8.41
N GLU A 146 -12.77 -31.12 7.32
CA GLU A 146 -11.34 -30.83 7.14
C GLU A 146 -11.06 -29.75 6.08
N ASN A 147 -9.88 -29.16 6.11
CA ASN A 147 -9.54 -28.19 5.09
C ASN A 147 -9.39 -28.90 3.74
N GLU A 148 -9.95 -28.28 2.71
CA GLU A 148 -9.46 -28.38 1.34
C GLU A 148 -9.05 -29.78 0.88
N TYR A 149 -9.98 -30.74 0.92
CA TYR A 149 -9.82 -31.98 0.19
C TYR A 149 -10.29 -31.77 -1.26
N PHE A 150 -9.47 -31.14 -2.10
CA PHE A 150 -9.89 -30.72 -3.43
C PHE A 150 -10.27 -31.88 -4.38
N TRP A 151 -9.83 -33.09 -4.08
CA TRP A 151 -9.71 -34.20 -5.04
C TRP A 151 -10.92 -35.14 -5.08
N GLY A 152 -11.73 -35.14 -4.03
CA GLY A 152 -13.14 -35.44 -4.16
C GLY A 152 -13.76 -36.62 -3.42
N ASN A 153 -13.05 -37.61 -2.85
CA ASN A 153 -13.74 -38.82 -2.37
C ASN A 153 -14.83 -38.55 -1.33
N GLU A 154 -16.09 -38.70 -1.73
CA GLU A 154 -17.25 -38.50 -0.87
C GLU A 154 -17.23 -39.43 0.33
N LYS A 155 -16.76 -40.68 0.18
CA LYS A 155 -16.76 -41.69 1.23
C LYS A 155 -16.04 -41.20 2.49
N TYR A 156 -14.84 -40.64 2.35
CA TYR A 156 -14.03 -40.16 3.45
C TYR A 156 -14.70 -38.99 4.18
N ILE A 157 -15.08 -37.94 3.45
CA ILE A 157 -15.74 -36.78 4.05
C ILE A 157 -17.12 -37.11 4.62
N GLU A 158 -17.87 -38.03 4.02
CA GLU A 158 -19.11 -38.51 4.62
C GLU A 158 -18.88 -39.32 5.88
N LYS A 159 -17.81 -40.11 6.02
CA LYS A 159 -17.50 -40.76 7.30
C LYS A 159 -17.07 -39.76 8.36
N LEU A 160 -16.27 -38.74 8.01
CA LEU A 160 -16.02 -37.63 8.93
C LEU A 160 -17.32 -36.98 9.38
N ALA A 161 -18.21 -36.65 8.43
CA ALA A 161 -19.46 -36.00 8.72
C ALA A 161 -20.43 -36.89 9.50
N GLU A 162 -20.44 -38.20 9.26
CA GLU A 162 -21.29 -39.15 9.96
C GLU A 162 -20.90 -39.29 11.44
N ILE A 163 -19.60 -39.25 11.78
CA ILE A 163 -19.17 -39.20 13.18
C ILE A 163 -19.72 -37.95 13.87
N VAL A 164 -19.65 -36.80 13.19
CA VAL A 164 -20.19 -35.55 13.73
C VAL A 164 -21.72 -35.63 13.86
N GLU A 165 -22.44 -36.05 12.82
CA GLU A 165 -23.89 -36.20 12.86
C GLU A 165 -24.37 -37.26 13.89
N GLU A 166 -23.54 -38.24 14.24
CA GLU A 166 -23.81 -39.15 15.35
C GLU A 166 -23.59 -38.49 16.72
N LYS A 167 -22.43 -37.88 16.98
CA LYS A 167 -22.12 -37.32 18.31
C LYS A 167 -22.77 -35.97 18.60
N LEU A 168 -23.04 -35.18 17.56
CA LEU A 168 -23.63 -33.83 17.61
C LEU A 168 -24.87 -33.76 16.68
N PRO A 169 -26.03 -34.26 17.10
CA PRO A 169 -27.23 -34.27 16.25
C PRO A 169 -27.65 -32.88 15.78
N GLY A 170 -27.98 -32.74 14.49
CA GLY A 170 -28.63 -31.56 13.91
C GLY A 170 -27.75 -30.33 13.63
N VAL A 171 -26.44 -30.37 13.89
CA VAL A 171 -25.53 -29.25 13.57
C VAL A 171 -25.26 -29.12 12.07
N LEU A 172 -24.77 -27.95 11.64
CA LEU A 172 -24.15 -27.78 10.33
C LEU A 172 -22.85 -28.57 10.28
N VAL A 173 -22.66 -29.38 9.25
CA VAL A 173 -21.42 -30.12 9.01
C VAL A 173 -21.01 -29.86 7.57
N PHE A 174 -19.76 -29.50 7.29
CA PHE A 174 -19.37 -29.09 5.94
C PHE A 174 -17.86 -29.15 5.67
N THR A 175 -17.45 -29.11 4.41
CA THR A 175 -16.05 -29.16 3.97
C THR A 175 -15.60 -27.83 3.42
N ASN A 176 -14.31 -27.50 3.52
CA ASN A 176 -13.76 -26.23 3.04
C ASN A 176 -13.95 -26.02 1.55
N GLU A 177 -13.40 -26.92 0.71
CA GLU A 177 -13.34 -26.79 -0.74
C GLU A 177 -13.20 -28.16 -1.39
N ASP A 178 -14.27 -28.94 -1.34
CA ASP A 178 -14.40 -30.16 -2.13
C ASP A 178 -15.55 -29.98 -3.15
N PRO A 179 -15.26 -29.82 -4.45
CA PRO A 179 -16.28 -29.59 -5.47
C PRO A 179 -17.24 -30.76 -5.72
N TYR A 180 -16.96 -31.96 -5.20
CA TYR A 180 -17.59 -33.21 -5.62
C TYR A 180 -18.64 -33.77 -4.65
N LEU A 181 -18.92 -33.08 -3.54
CA LEU A 181 -19.84 -33.54 -2.51
C LEU A 181 -21.32 -33.40 -2.92
N THR A 182 -22.13 -34.44 -2.71
CA THR A 182 -23.59 -34.39 -2.97
C THR A 182 -24.39 -33.94 -1.73
N ARG A 183 -24.35 -34.67 -0.60
CA ARG A 183 -25.17 -34.36 0.59
C ARG A 183 -24.52 -33.41 1.60
N ILE A 184 -23.18 -33.40 1.68
CA ILE A 184 -22.44 -32.58 2.65
C ILE A 184 -22.19 -31.19 2.03
N PRO A 185 -22.59 -30.09 2.68
CA PRO A 185 -22.29 -28.75 2.18
C PRO A 185 -20.79 -28.52 1.96
N ASN A 186 -20.48 -27.73 0.94
CA ASN A 186 -19.14 -27.30 0.60
C ASN A 186 -19.04 -25.78 0.69
N THR A 187 -17.87 -25.24 1.06
CA THR A 187 -17.61 -23.80 1.12
C THR A 187 -16.57 -23.37 0.10
N ILE A 188 -16.11 -22.13 0.20
CA ILE A 188 -15.07 -21.60 -0.67
C ILE A 188 -14.05 -20.77 0.11
N ASP A 189 -12.84 -20.81 -0.40
CA ASP A 189 -11.64 -20.20 0.14
C ASP A 189 -11.07 -19.25 -0.90
N LEU A 190 -11.68 -18.07 -1.03
CA LEU A 190 -11.35 -17.14 -2.10
C LEU A 190 -10.16 -16.25 -1.74
N TYR A 191 -9.00 -16.56 -2.31
CA TYR A 191 -7.73 -15.85 -2.14
C TYR A 191 -7.19 -15.22 -3.46
N PRO A 192 -7.96 -14.35 -4.15
CA PRO A 192 -7.57 -13.80 -5.46
C PRO A 192 -6.44 -12.76 -5.35
N SER A 193 -5.56 -12.68 -6.34
CA SER A 193 -4.58 -11.58 -6.43
C SER A 193 -5.26 -10.23 -6.61
N PRO A 194 -4.75 -9.12 -6.05
CA PRO A 194 -5.41 -7.83 -6.11
C PRO A 194 -5.82 -7.36 -7.51
N TRP A 195 -7.05 -6.89 -7.61
CA TRP A 195 -7.73 -6.37 -8.81
C TRP A 195 -8.10 -7.43 -9.87
N ASP A 196 -7.84 -8.72 -9.61
CA ASP A 196 -8.40 -9.84 -10.37
C ASP A 196 -9.84 -10.17 -9.92
N MET A 197 -10.79 -9.27 -10.20
CA MET A 197 -12.21 -9.54 -9.96
C MET A 197 -12.77 -10.62 -10.88
N ARG A 198 -12.16 -10.87 -12.05
CA ARG A 198 -12.58 -11.90 -12.99
C ARG A 198 -12.61 -13.28 -12.34
N GLN A 199 -11.53 -13.69 -11.69
CA GLN A 199 -11.49 -14.96 -10.95
C GLN A 199 -12.43 -14.95 -9.74
N PHE A 200 -12.46 -13.87 -8.96
CA PHE A 200 -13.32 -13.80 -7.78
C PHE A 200 -14.80 -13.91 -8.12
N ASP A 201 -15.30 -13.13 -9.08
CA ASP A 201 -16.66 -13.18 -9.59
C ASP A 201 -16.99 -14.54 -10.20
N ASP A 202 -16.12 -15.13 -11.03
CA ASP A 202 -16.39 -16.43 -11.62
C ASP A 202 -16.39 -17.57 -10.61
N ARG A 203 -15.48 -17.58 -9.63
CA ARG A 203 -15.52 -18.56 -8.54
C ARG A 203 -16.75 -18.38 -7.66
N LEU A 204 -17.17 -17.16 -7.35
CA LEU A 204 -18.44 -16.93 -6.66
C LEU A 204 -19.64 -17.42 -7.46
N ARG A 205 -19.78 -17.00 -8.72
CA ARG A 205 -20.89 -17.40 -9.60
C ARG A 205 -20.95 -18.91 -9.82
N SER A 206 -19.81 -19.57 -9.96
CA SER A 206 -19.73 -21.04 -10.04
C SER A 206 -20.27 -21.66 -8.76
N TYR A 207 -19.71 -21.25 -7.62
CA TYR A 207 -20.05 -21.77 -6.31
C TYR A 207 -21.52 -21.58 -5.92
N LEU A 208 -22.09 -20.40 -6.15
CA LEU A 208 -23.46 -20.08 -5.80
C LEU A 208 -24.49 -20.94 -6.56
N SER A 209 -24.14 -21.40 -7.77
CA SER A 209 -24.96 -22.33 -8.56
C SER A 209 -24.83 -23.80 -8.13
N SER A 210 -23.76 -24.16 -7.41
CA SER A 210 -23.49 -25.54 -6.97
C SER A 210 -24.40 -25.98 -5.82
N GLN A 211 -24.60 -27.29 -5.65
CA GLN A 211 -25.33 -27.90 -4.53
C GLN A 211 -26.69 -27.21 -4.20
N PRO A 212 -27.74 -27.40 -5.01
CA PRO A 212 -29.03 -26.76 -4.79
C PRO A 212 -29.62 -27.04 -3.41
N GLY A 213 -30.02 -25.97 -2.71
CA GLY A 213 -30.64 -26.02 -1.37
C GLY A 213 -29.69 -26.18 -0.19
N LEU A 214 -28.41 -26.52 -0.39
CA LEU A 214 -27.42 -26.65 0.69
C LEU A 214 -26.73 -25.33 1.03
N PHE A 215 -26.37 -25.16 2.30
CA PHE A 215 -25.67 -24.02 2.91
C PHE A 215 -24.49 -23.48 2.09
N LYS A 216 -24.48 -22.17 1.82
CA LYS A 216 -23.37 -21.47 1.17
C LYS A 216 -22.58 -20.64 2.18
N MET A 217 -21.26 -20.71 2.14
CA MET A 217 -20.38 -19.83 2.89
C MET A 217 -19.02 -19.63 2.21
N ILE A 218 -18.46 -18.43 2.29
CA ILE A 218 -17.02 -18.24 2.08
C ILE A 218 -16.33 -18.56 3.38
N MET A 219 -15.88 -19.81 3.54
CA MET A 219 -15.24 -20.22 4.78
C MET A 219 -13.85 -19.61 4.91
N GLU A 220 -13.22 -19.12 3.85
CA GLU A 220 -11.96 -18.38 3.94
C GLU A 220 -11.87 -17.31 2.87
N LEU A 221 -12.36 -16.11 3.14
CA LEU A 221 -12.07 -14.93 2.32
C LEU A 221 -10.67 -14.39 2.62
N GLU A 222 -10.01 -13.74 1.66
CA GLU A 222 -8.68 -13.13 1.87
C GLU A 222 -8.69 -11.92 2.83
N GLY A 223 -8.45 -12.18 4.11
CA GLY A 223 -8.16 -11.16 5.12
C GLY A 223 -6.68 -10.76 5.21
N GLY A 224 -5.83 -11.18 4.27
CA GLY A 224 -4.39 -11.00 4.30
C GLY A 224 -3.66 -12.18 3.65
N TRP A 225 -2.38 -12.38 3.96
CA TRP A 225 -1.64 -13.59 3.58
C TRP A 225 -0.45 -13.83 4.53
N PHE A 226 0.08 -15.04 4.63
CA PHE A 226 1.16 -15.37 5.55
C PHE A 226 2.55 -14.95 5.03
N LYS A 227 3.56 -15.00 5.89
CA LYS A 227 4.98 -14.75 5.57
C LYS A 227 5.84 -15.96 5.91
N SER A 228 6.86 -16.21 5.11
CA SER A 228 7.73 -17.38 5.21
C SER A 228 9.19 -16.97 5.27
N SER A 229 10.05 -17.79 5.85
CA SER A 229 11.47 -17.76 5.51
C SER A 229 11.71 -18.38 4.14
N ARG A 230 12.94 -18.29 3.64
CA ARG A 230 13.48 -18.89 2.41
C ARG A 230 12.95 -18.35 1.08
N TYR A 231 11.67 -18.01 0.99
CA TYR A 231 11.01 -17.48 -0.21
C TYR A 231 9.92 -16.43 0.10
N GLY A 232 9.86 -15.94 1.34
CA GLY A 232 8.84 -15.00 1.78
C GLY A 232 9.31 -13.57 1.95
N TYR A 233 8.36 -12.67 2.16
CA TYR A 233 8.51 -11.22 2.07
C TYR A 233 7.78 -10.53 3.23
N TYR A 234 8.14 -9.28 3.56
CA TYR A 234 7.84 -8.71 4.89
C TYR A 234 6.36 -8.74 5.29
N PRO A 235 5.42 -8.13 4.55
CA PRO A 235 4.05 -8.05 5.05
C PRO A 235 3.44 -9.45 5.00
N THR A 236 3.58 -10.06 3.84
CA THR A 236 3.14 -11.37 3.41
C THR A 236 4.04 -11.81 2.27
N ASN A 237 3.98 -13.05 1.81
CA ASN A 237 4.69 -13.49 0.61
C ASN A 237 4.21 -12.85 -0.72
N ARG A 238 3.10 -12.10 -0.74
CA ARG A 238 2.35 -11.72 -1.95
C ARG A 238 2.50 -10.32 -2.58
N LEU A 239 3.19 -9.28 -2.10
CA LEU A 239 3.90 -9.02 -0.85
C LEU A 239 3.00 -8.34 0.18
N SER A 240 2.17 -7.38 -0.24
CA SER A 240 1.14 -6.75 0.60
C SER A 240 -0.21 -6.93 -0.04
N ILE A 241 -1.26 -7.10 0.77
CA ILE A 241 -2.63 -7.21 0.26
C ILE A 241 -3.28 -5.85 0.54
N PRO A 242 -3.83 -5.12 -0.44
CA PRO A 242 -4.41 -3.82 -0.17
C PRO A 242 -5.61 -3.93 0.79
N PRO A 243 -5.76 -3.10 1.82
CA PRO A 243 -6.97 -3.06 2.63
C PRO A 243 -8.21 -2.70 1.79
N GLU A 244 -8.06 -1.94 0.72
CA GLU A 244 -9.11 -1.66 -0.26
C GLU A 244 -9.63 -2.93 -0.94
N TRP A 245 -8.75 -3.91 -1.16
CA TRP A 245 -9.06 -5.14 -1.85
C TRP A 245 -10.00 -6.01 -1.03
N THR A 246 -9.66 -6.30 0.23
CA THR A 246 -10.51 -7.08 1.13
C THR A 246 -11.92 -6.50 1.25
N GLU A 247 -12.07 -5.19 1.26
CA GLU A 247 -13.38 -4.55 1.33
C GLU A 247 -14.18 -4.67 0.03
N ILE A 248 -13.52 -4.60 -1.13
CA ILE A 248 -14.16 -4.82 -2.42
C ILE A 248 -14.63 -6.26 -2.58
N LEU A 249 -13.89 -7.23 -2.05
CA LEU A 249 -14.27 -8.64 -2.07
C LEU A 249 -15.43 -8.93 -1.14
N LEU A 250 -15.44 -8.34 0.06
CA LEU A 250 -16.57 -8.38 0.97
C LEU A 250 -17.83 -7.81 0.34
N LYS A 251 -17.79 -6.57 -0.13
CA LYS A 251 -18.95 -5.91 -0.74
C LYS A 251 -19.37 -6.59 -2.05
N THR A 252 -18.43 -7.16 -2.81
CA THR A 252 -18.77 -8.02 -3.95
C THR A 252 -19.49 -9.28 -3.52
N ALA A 253 -19.01 -10.01 -2.51
CA ALA A 253 -19.66 -11.22 -2.02
C ALA A 253 -21.10 -10.95 -1.55
N VAL A 254 -21.31 -9.85 -0.83
CA VAL A 254 -22.62 -9.31 -0.45
C VAL A 254 -23.48 -9.02 -1.67
N GLY A 255 -22.96 -8.30 -2.68
CA GLY A 255 -23.67 -7.98 -3.92
C GLY A 255 -23.98 -9.19 -4.80
N MET A 256 -23.16 -10.23 -4.77
CA MET A 256 -23.40 -11.53 -5.42
C MET A 256 -24.31 -12.45 -4.60
N GLY A 257 -24.67 -12.09 -3.38
CA GLY A 257 -25.68 -12.78 -2.58
C GLY A 257 -25.17 -13.85 -1.63
N LEU A 258 -23.86 -13.91 -1.40
CA LEU A 258 -23.29 -14.80 -0.41
C LEU A 258 -23.33 -14.11 0.96
N ASN A 259 -24.26 -14.51 1.83
CA ASN A 259 -24.46 -13.88 3.13
C ASN A 259 -23.36 -14.25 4.14
N ASN A 260 -23.00 -15.54 4.21
CA ASN A 260 -22.11 -16.10 5.21
C ASN A 260 -20.64 -15.94 4.79
N ILE A 261 -19.85 -15.17 5.53
CA ILE A 261 -18.47 -14.84 5.17
C ILE A 261 -17.56 -14.97 6.39
N ASN A 262 -16.44 -15.69 6.25
CA ASN A 262 -15.35 -15.72 7.22
C ASN A 262 -14.11 -15.12 6.60
N ILE A 263 -13.51 -14.12 7.24
CA ILE A 263 -12.39 -13.33 6.68
C ILE A 263 -11.04 -14.07 6.70
N TYR A 264 -11.09 -15.39 6.91
CA TYR A 264 -9.97 -16.15 7.42
C TYR A 264 -9.29 -15.34 8.52
N MET A 265 -7.98 -15.07 8.47
CA MET A 265 -7.32 -14.44 9.61
C MET A 265 -7.81 -13.03 9.84
N PHE A 266 -8.63 -12.92 10.87
CA PHE A 266 -9.03 -11.65 11.44
C PHE A 266 -7.96 -11.15 12.40
N HIS A 267 -7.26 -12.05 13.11
CA HIS A 267 -6.10 -11.69 13.93
C HIS A 267 -4.80 -12.34 13.47
N GLY A 268 -4.80 -13.62 13.08
CA GLY A 268 -3.54 -14.29 12.77
C GLY A 268 -2.78 -14.68 14.04
N GLY A 269 -2.17 -13.71 14.72
CA GLY A 269 -1.40 -13.97 15.94
C GLY A 269 -0.04 -14.59 15.65
N SER A 270 0.33 -15.63 16.39
CA SER A 270 1.70 -16.11 16.46
C SER A 270 1.75 -17.62 16.47
N ASN A 271 2.68 -18.25 15.74
CA ASN A 271 2.91 -19.69 15.85
C ASN A 271 3.68 -20.03 17.13
N PRO A 272 3.19 -20.92 18.02
CA PRO A 272 3.90 -21.35 19.23
C PRO A 272 5.16 -22.19 18.95
N GLY A 273 6.28 -21.52 18.75
CA GLY A 273 7.55 -22.15 18.49
C GLY A 273 7.54 -23.01 17.24
N TYR A 274 7.73 -24.32 17.42
CA TYR A 274 7.82 -25.27 16.32
C TYR A 274 6.49 -25.90 15.89
N TYR A 275 5.38 -25.45 16.46
CA TYR A 275 4.07 -25.59 15.84
C TYR A 275 3.89 -24.59 14.72
N THR A 276 4.50 -24.88 13.59
CA THR A 276 4.38 -24.07 12.39
C THR A 276 4.73 -24.93 11.19
N ALA A 277 4.31 -24.55 9.99
CA ALA A 277 4.67 -25.32 8.83
C ALA A 277 6.16 -25.23 8.55
N LYS A 278 6.66 -26.12 7.70
CA LYS A 278 8.01 -25.98 7.15
C LYS A 278 8.19 -24.59 6.50
N TYR A 279 9.31 -23.92 6.77
CA TYR A 279 9.65 -22.56 6.30
C TYR A 279 8.74 -21.41 6.77
N LEU A 280 7.80 -21.59 7.70
CA LEU A 280 7.02 -20.43 8.16
C LEU A 280 7.76 -19.57 9.18
N ALA A 281 7.41 -18.28 9.24
CA ALA A 281 7.87 -17.40 10.29
C ALA A 281 7.13 -17.68 11.61
N SER A 282 7.69 -17.28 12.76
CA SER A 282 6.96 -17.36 14.03
C SER A 282 5.81 -16.35 14.13
N SER A 283 5.90 -15.24 13.42
CA SER A 283 4.77 -14.38 13.16
C SER A 283 3.75 -15.07 12.26
N TYR A 284 2.51 -15.17 12.72
CA TYR A 284 1.35 -15.43 11.86
C TYR A 284 0.46 -14.20 11.80
N ASP A 285 1.05 -13.01 11.83
CA ASP A 285 0.36 -11.72 11.69
C ASP A 285 -0.59 -11.68 10.51
N PHE A 286 -0.26 -12.42 9.45
CA PHE A 286 -1.06 -12.59 8.25
C PHE A 286 -1.38 -11.28 7.53
N GLU A 287 -0.80 -10.14 7.93
CA GLU A 287 -1.29 -8.79 7.58
C GLU A 287 -2.80 -8.64 7.88
N ALA A 288 -3.31 -9.27 8.94
CA ALA A 288 -4.73 -9.39 9.25
C ALA A 288 -5.39 -8.07 9.66
N CYS A 289 -6.71 -8.07 9.87
CA CYS A 289 -7.44 -6.95 10.46
C CYS A 289 -6.79 -6.46 11.75
N ILE A 290 -6.70 -7.33 12.75
CA ILE A 290 -5.95 -7.11 13.98
C ILE A 290 -4.54 -7.64 13.69
N ARG A 291 -3.51 -6.81 13.71
CA ARG A 291 -2.13 -7.28 13.51
C ARG A 291 -1.70 -8.15 14.68
N GLU A 292 -0.66 -8.97 14.55
CA GLU A 292 -0.26 -9.94 15.58
C GLU A 292 -0.09 -9.34 16.99
N TRP A 293 0.42 -8.11 17.05
CA TRP A 293 0.60 -7.32 18.26
C TRP A 293 -0.66 -6.61 18.77
N GLY A 294 -1.82 -6.79 18.14
CA GLY A 294 -3.12 -6.25 18.57
C GLY A 294 -3.57 -4.96 17.87
N GLU A 295 -2.84 -4.48 16.88
CA GLU A 295 -3.14 -3.22 16.19
C GLU A 295 -4.34 -3.33 15.24
N LEU A 296 -5.32 -2.43 15.34
CA LEU A 296 -6.40 -2.32 14.37
C LEU A 296 -5.85 -1.64 13.10
N SER A 297 -5.58 -2.44 12.08
CA SER A 297 -5.07 -1.97 10.79
C SER A 297 -6.14 -1.24 9.98
N GLU A 298 -5.80 -0.70 8.81
CA GLU A 298 -6.81 -0.12 7.90
C GLU A 298 -7.85 -1.16 7.49
N ARG A 299 -7.41 -2.40 7.28
CA ARG A 299 -8.26 -3.54 6.96
C ARG A 299 -9.32 -3.78 8.03
N TYR A 300 -9.00 -3.62 9.31
CA TYR A 300 -9.97 -3.75 10.39
C TYR A 300 -11.15 -2.80 10.21
N TYR A 301 -10.87 -1.52 10.02
CA TYR A 301 -11.88 -0.47 9.93
C TYR A 301 -12.73 -0.56 8.69
N ARG A 302 -12.14 -0.92 7.56
CA ARG A 302 -12.84 -1.25 6.31
C ARG A 302 -13.78 -2.42 6.48
N VAL A 303 -13.28 -3.55 6.98
CA VAL A 303 -14.05 -4.76 7.28
C VAL A 303 -15.18 -4.46 8.25
N LYS A 304 -14.88 -3.73 9.31
CA LYS A 304 -15.81 -3.27 10.34
C LYS A 304 -16.99 -2.50 9.75
N ARG A 305 -16.80 -1.65 8.74
CA ARG A 305 -17.94 -1.00 8.07
C ARG A 305 -18.85 -1.97 7.35
N VAL A 306 -18.30 -2.96 6.64
CA VAL A 306 -19.13 -3.99 5.97
C VAL A 306 -19.86 -4.86 6.99
N PHE A 307 -19.16 -5.40 7.99
CA PHE A 307 -19.77 -6.21 9.04
C PHE A 307 -20.78 -5.42 9.88
N THR A 308 -20.59 -4.12 10.09
CA THR A 308 -21.61 -3.27 10.73
C THR A 308 -22.86 -3.12 9.87
N PHE A 309 -22.72 -2.86 8.56
CA PHE A 309 -23.86 -2.83 7.64
C PHE A 309 -24.62 -4.14 7.63
N LEU A 310 -23.92 -5.27 7.58
CA LEU A 310 -24.54 -6.59 7.51
C LEU A 310 -25.23 -7.03 8.80
N ASN A 311 -24.89 -6.46 9.97
CA ASN A 311 -25.71 -6.57 11.17
C ASN A 311 -26.88 -5.58 11.15
N GLY A 312 -26.61 -4.31 10.85
CA GLY A 312 -27.60 -3.23 10.90
C GLY A 312 -28.77 -3.44 9.95
N PHE A 313 -28.52 -4.05 8.81
CA PHE A 313 -29.48 -4.38 7.77
C PHE A 313 -29.62 -5.89 7.56
N GLN A 314 -29.50 -6.68 8.63
CA GLN A 314 -29.58 -8.15 8.53
C GLN A 314 -30.95 -8.64 8.01
N GLU A 315 -32.04 -7.99 8.43
CA GLU A 315 -33.41 -8.26 7.96
C GLU A 315 -33.56 -8.03 6.46
N LEU A 316 -32.99 -6.93 5.96
CA LEU A 316 -32.93 -6.66 4.53
C LEU A 316 -32.11 -7.75 3.84
N VAL A 317 -30.87 -7.94 4.25
CA VAL A 317 -29.86 -8.76 3.58
C VAL A 317 -30.23 -10.24 3.53
N THR A 318 -30.95 -10.76 4.52
CA THR A 318 -31.46 -12.14 4.48
C THR A 318 -32.71 -12.32 3.60
N SER A 319 -33.43 -11.26 3.26
CA SER A 319 -34.62 -11.32 2.39
C SER A 319 -34.29 -11.25 0.89
N LEU A 320 -33.03 -11.00 0.53
CA LEU A 320 -32.59 -10.72 -0.84
C LEU A 320 -32.59 -11.93 -1.80
N LYS A 321 -32.65 -11.66 -3.10
CA LYS A 321 -32.54 -12.56 -4.28
C LYS A 321 -31.98 -11.77 -5.49
N PRO A 322 -31.63 -12.36 -6.65
CA PRO A 322 -30.89 -11.65 -7.71
C PRO A 322 -31.59 -10.44 -8.37
N GLY A 323 -32.80 -10.61 -8.91
CA GLY A 323 -33.62 -9.52 -9.47
C GLY A 323 -33.15 -8.87 -10.79
N GLU A 324 -31.92 -8.34 -10.83
CA GLU A 324 -31.25 -7.74 -12.00
C GLU A 324 -32.17 -6.81 -12.84
N THR A 325 -32.76 -5.81 -12.19
CA THR A 325 -33.76 -4.88 -12.74
C THR A 325 -33.34 -3.39 -12.67
N VAL A 326 -32.43 -3.01 -11.78
CA VAL A 326 -31.78 -1.68 -11.79
C VAL A 326 -30.70 -1.62 -12.87
N LYS A 327 -30.54 -0.47 -13.55
CA LYS A 327 -29.48 -0.22 -14.54
C LYS A 327 -28.60 0.95 -14.11
N THR A 328 -27.31 0.95 -14.44
CA THR A 328 -26.44 2.14 -14.38
C THR A 328 -26.65 3.04 -15.60
N ALA A 329 -26.46 4.35 -15.43
CA ALA A 329 -26.44 5.31 -16.53
C ALA A 329 -25.08 5.39 -17.25
N SER A 330 -23.98 5.05 -16.57
CA SER A 330 -22.62 5.11 -17.11
C SER A 330 -21.83 3.83 -16.81
N THR A 331 -20.98 3.36 -17.73
CA THR A 331 -20.20 2.11 -17.57
C THR A 331 -18.98 2.23 -16.64
N CYS A 332 -18.83 3.36 -15.94
CA CYS A 332 -17.69 3.65 -15.07
C CYS A 332 -17.64 2.82 -13.77
N SER A 333 -18.78 2.31 -13.28
CA SER A 333 -18.86 1.31 -12.21
C SER A 333 -19.64 0.08 -12.68
N GLU A 334 -19.20 -1.07 -12.21
CA GLU A 334 -19.84 -2.36 -12.41
C GLU A 334 -20.98 -2.48 -11.39
N LEU A 335 -22.19 -2.87 -11.77
CA LEU A 335 -23.33 -2.98 -10.87
C LEU A 335 -23.62 -4.45 -10.53
N LEU A 336 -23.56 -4.79 -9.25
CA LEU A 336 -24.03 -6.07 -8.71
C LEU A 336 -25.28 -5.79 -7.88
N GLN A 337 -26.41 -6.40 -8.22
CA GLN A 337 -27.70 -6.01 -7.67
C GLN A 337 -28.39 -7.18 -6.97
N ARG A 338 -29.17 -6.87 -5.94
CA ARG A 338 -30.09 -7.79 -5.27
C ARG A 338 -31.42 -7.09 -5.01
N VAL A 339 -32.52 -7.82 -4.98
CA VAL A 339 -33.89 -7.34 -4.68
C VAL A 339 -34.46 -8.15 -3.54
N GLY A 340 -35.33 -7.59 -2.70
CA GLY A 340 -35.83 -8.28 -1.50
C GLY A 340 -37.27 -7.94 -1.14
N ASP A 341 -37.76 -8.59 -0.09
CA ASP A 341 -39.15 -8.51 0.36
C ASP A 341 -39.57 -7.10 0.80
N HIS A 342 -38.63 -6.36 1.41
CA HIS A 342 -38.86 -5.02 1.98
C HIS A 342 -37.72 -4.02 1.72
N GLY A 343 -36.89 -4.27 0.71
CA GLY A 343 -35.85 -3.35 0.25
C GLY A 343 -34.99 -3.96 -0.85
N LYS A 344 -33.94 -3.25 -1.27
CA LYS A 344 -33.13 -3.60 -2.45
C LYS A 344 -31.70 -3.07 -2.27
N ILE A 345 -30.68 -3.70 -2.83
CA ILE A 345 -29.30 -3.18 -2.76
C ILE A 345 -28.63 -3.18 -4.13
N ALA A 346 -27.92 -2.10 -4.41
CA ALA A 346 -27.09 -1.94 -5.59
C ALA A 346 -25.64 -1.79 -5.10
N VAL A 347 -24.79 -2.76 -5.35
CA VAL A 347 -23.36 -2.64 -5.11
C VAL A 347 -22.73 -2.09 -6.38
N LEU A 348 -22.22 -0.87 -6.32
CA LEU A 348 -21.53 -0.21 -7.42
C LEU A 348 -20.04 -0.32 -7.23
N ARG A 349 -19.38 -1.14 -8.03
CA ARG A 349 -17.97 -1.46 -7.89
C ARG A 349 -17.15 -0.70 -8.90
N ASN A 350 -16.20 0.08 -8.41
CA ASN A 350 -15.20 0.80 -9.16
C ASN A 350 -13.83 0.17 -8.86
N THR A 351 -13.40 -0.75 -9.69
CA THR A 351 -12.06 -1.35 -9.62
C THR A 351 -10.94 -0.42 -10.13
N GLY A 352 -11.29 0.71 -10.76
CA GLY A 352 -10.33 1.69 -11.28
C GLY A 352 -9.80 2.65 -10.22
N ASP A 353 -8.67 3.29 -10.49
CA ASP A 353 -8.07 4.31 -9.64
C ASP A 353 -8.55 5.75 -9.95
N ASN A 354 -9.47 5.92 -10.90
CA ASN A 354 -10.23 7.15 -11.08
C ASN A 354 -11.47 7.19 -10.17
N LEU A 355 -11.88 8.39 -9.77
CA LEU A 355 -13.20 8.59 -9.18
C LEU A 355 -14.30 8.46 -10.24
N CYS A 356 -15.37 7.76 -9.88
CA CYS A 356 -16.54 7.51 -10.71
C CYS A 356 -17.74 8.33 -10.20
N TYR A 357 -18.48 8.96 -11.10
CA TYR A 357 -19.79 9.55 -10.81
C TYR A 357 -20.87 8.78 -11.58
N GLN A 358 -21.87 8.29 -10.86
CA GLN A 358 -22.83 7.30 -11.35
C GLN A 358 -24.28 7.73 -11.13
N ARG A 359 -25.20 7.29 -11.98
CA ARG A 359 -26.66 7.39 -11.76
C ARG A 359 -27.26 5.99 -11.92
N LEU A 360 -28.35 5.72 -11.24
CA LEU A 360 -29.08 4.46 -11.36
C LEU A 360 -30.47 4.73 -11.93
N ILE A 361 -30.97 3.84 -12.78
CA ILE A 361 -32.33 3.85 -13.29
C ILE A 361 -33.08 2.70 -12.62
N ASN A 362 -34.14 2.98 -11.87
CA ASN A 362 -34.87 1.98 -11.07
C ASN A 362 -36.22 1.59 -11.70
N ARG A 363 -37.09 2.58 -11.97
CA ARG A 363 -38.43 2.40 -12.56
C ARG A 363 -38.65 3.27 -13.81
N GLY A 364 -37.68 3.25 -14.72
CA GLY A 364 -37.66 4.13 -15.90
C GLY A 364 -37.32 5.60 -15.58
N GLU A 365 -36.84 5.88 -14.37
CA GLU A 365 -36.40 7.21 -13.91
C GLU A 365 -35.04 7.13 -13.23
N ILE A 366 -34.19 8.13 -13.46
CA ILE A 366 -32.91 8.27 -12.75
C ILE A 366 -33.23 8.64 -11.31
N ILE A 367 -32.77 7.84 -10.34
CA ILE A 367 -33.21 8.00 -8.95
C ILE A 367 -32.58 9.22 -8.27
N PRO A 368 -31.26 9.30 -8.04
CA PRO A 368 -30.67 10.46 -7.37
C PRO A 368 -30.74 11.65 -8.31
N MET A 369 -31.52 12.67 -7.94
CA MET A 369 -31.92 13.75 -8.84
C MET A 369 -30.89 14.87 -8.89
N TRP A 370 -30.49 15.40 -7.74
CA TRP A 370 -29.64 16.59 -7.65
C TRP A 370 -28.16 16.28 -7.45
N THR A 371 -27.82 15.04 -7.12
CA THR A 371 -26.43 14.57 -7.00
C THR A 371 -26.20 13.32 -7.85
N PRO A 372 -25.01 13.13 -8.42
CA PRO A 372 -24.55 11.79 -8.80
C PRO A 372 -24.21 10.96 -7.56
N ILE A 373 -24.25 9.63 -7.67
CA ILE A 373 -23.58 8.75 -6.73
C ILE A 373 -22.08 8.84 -6.97
N ARG A 374 -21.32 9.43 -6.05
CA ARG A 374 -19.85 9.30 -6.04
C ARG A 374 -19.47 7.86 -5.73
N VAL A 375 -18.68 7.20 -6.57
CA VAL A 375 -18.05 5.91 -6.25
C VAL A 375 -16.53 6.12 -6.21
N PRO A 376 -15.91 6.14 -5.01
CA PRO A 376 -14.46 6.33 -4.85
C PRO A 376 -13.60 5.40 -5.71
N PRO A 377 -12.34 5.75 -6.00
CA PRO A 377 -11.40 4.84 -6.64
C PRO A 377 -11.10 3.62 -5.77
N ARG A 378 -10.87 2.45 -6.38
CA ARG A 378 -10.60 1.17 -5.68
C ARG A 378 -11.65 0.88 -4.61
N TYR A 379 -12.92 0.88 -4.98
CA TYR A 379 -14.03 0.88 -4.02
C TYR A 379 -15.26 0.15 -4.54
N ALA A 380 -16.11 -0.33 -3.66
CA ALA A 380 -17.47 -0.71 -4.00
C ALA A 380 -18.43 -0.02 -3.06
N LYS A 381 -19.42 0.71 -3.55
CA LYS A 381 -20.40 1.39 -2.71
C LYS A 381 -21.66 0.56 -2.66
N ILE A 382 -22.15 0.20 -1.48
CA ILE A 382 -23.51 -0.32 -1.32
C ILE A 382 -24.48 0.88 -1.33
N VAL A 383 -25.11 1.15 -2.47
CA VAL A 383 -26.29 2.01 -2.54
C VAL A 383 -27.50 1.21 -2.07
N LEU A 384 -28.27 1.78 -1.17
CA LEU A 384 -29.44 1.14 -0.56
C LEU A 384 -30.69 1.75 -1.18
N LEU A 385 -31.61 0.93 -1.70
CA LEU A 385 -32.77 1.35 -2.49
C LEU A 385 -34.08 0.82 -1.91
N ASP A 386 -35.16 1.58 -2.06
CA ASP A 386 -36.55 1.15 -1.81
C ASP A 386 -36.83 0.59 -0.41
N LEU A 387 -35.96 0.82 0.57
CA LEU A 387 -36.00 0.17 1.88
C LEU A 387 -37.19 0.65 2.70
N VAL A 388 -38.15 -0.22 2.97
CA VAL A 388 -39.23 0.04 3.93
C VAL A 388 -38.72 -0.25 5.32
N VAL A 389 -38.57 0.80 6.15
CA VAL A 389 -38.07 0.70 7.52
C VAL A 389 -39.15 0.06 8.41
N GLU A 390 -38.91 -1.16 8.88
CA GLU A 390 -39.97 -2.07 9.35
C GLU A 390 -40.72 -1.54 10.59
N GLY A 391 -42.05 -1.61 10.56
CA GLY A 391 -42.91 -1.12 11.65
C GLY A 391 -43.04 0.41 11.71
N THR A 392 -42.68 1.12 10.65
CA THR A 392 -42.66 2.59 10.58
C THR A 392 -43.25 3.11 9.27
N PRO A 393 -43.69 4.38 9.18
CA PRO A 393 -44.16 4.96 7.92
C PRO A 393 -43.04 5.31 6.93
N PHE A 394 -41.76 5.07 7.25
CA PHE A 394 -40.63 5.57 6.46
C PHE A 394 -40.13 4.57 5.44
N LYS A 395 -40.03 4.99 4.18
CA LYS A 395 -39.31 4.30 3.12
C LYS A 395 -38.10 5.12 2.71
N LEU A 396 -36.91 4.58 2.87
CA LEU A 396 -35.66 5.16 2.39
C LEU A 396 -35.49 4.81 0.92
N VAL A 397 -36.12 5.60 0.05
CA VAL A 397 -36.27 5.37 -1.39
C VAL A 397 -34.93 5.17 -2.08
N TYR A 398 -33.94 5.98 -1.75
CA TYR A 398 -32.55 5.68 -1.99
C TYR A 398 -31.69 6.44 -1.01
N THR A 399 -30.45 5.99 -0.82
CA THR A 399 -29.38 6.83 -0.31
C THR A 399 -28.15 6.70 -1.21
N SER A 400 -27.63 7.83 -1.66
CA SER A 400 -26.39 7.93 -2.41
C SER A 400 -25.15 7.73 -1.53
N GLY A 401 -25.27 7.93 -0.21
CA GLY A 401 -24.26 7.55 0.77
C GLY A 401 -24.46 6.12 1.24
N GLU A 402 -23.40 5.47 1.72
CA GLU A 402 -23.55 4.15 2.34
C GLU A 402 -24.23 4.27 3.69
N ALA A 403 -25.33 3.56 3.92
CA ALA A 403 -25.79 3.40 5.30
C ALA A 403 -24.84 2.45 6.05
N LEU A 404 -24.33 2.87 7.20
CA LEU A 404 -23.54 2.03 8.11
C LEU A 404 -24.44 1.14 8.95
N LEU A 405 -25.50 1.73 9.50
CA LEU A 405 -26.27 1.17 10.60
C LEU A 405 -27.71 1.65 10.51
N MET A 406 -28.62 0.84 11.02
CA MET A 406 -29.99 1.23 11.36
C MET A 406 -30.32 0.65 12.74
N LYS A 407 -31.02 1.40 13.59
CA LYS A 407 -31.39 1.02 14.97
C LYS A 407 -32.72 1.62 15.36
N ARG A 408 -33.46 1.03 16.30
CA ARG A 408 -34.74 1.55 16.79
C ARG A 408 -34.62 1.99 18.26
N LEU A 409 -34.97 3.25 18.54
CA LEU A 409 -34.97 3.89 19.85
C LEU A 409 -36.36 4.48 20.12
N GLY A 410 -37.29 3.69 20.66
CA GLY A 410 -38.65 4.14 20.97
C GLY A 410 -39.43 4.61 19.72
N ASP A 411 -39.82 5.89 19.68
CA ASP A 411 -40.44 6.52 18.52
C ASP A 411 -39.53 6.63 17.29
N THR A 412 -38.21 6.60 17.49
CA THR A 412 -37.22 6.99 16.50
C THR A 412 -36.54 5.77 15.88
N VAL A 413 -36.45 5.71 14.56
CA VAL A 413 -35.37 4.94 13.92
C VAL A 413 -34.18 5.86 13.73
N VAL A 414 -33.00 5.37 14.05
CA VAL A 414 -31.72 6.01 13.80
C VAL A 414 -31.10 5.32 12.62
N MET A 415 -30.63 6.07 11.63
CA MET A 415 -29.81 5.51 10.56
C MET A 415 -28.55 6.35 10.39
N ILE A 416 -27.40 5.70 10.32
CA ILE A 416 -26.11 6.37 10.12
C ILE A 416 -25.74 6.18 8.66
N ILE A 417 -25.43 7.25 7.94
CA ILE A 417 -25.07 7.26 6.53
C ILE A 417 -23.72 7.96 6.37
N TYR A 418 -22.86 7.50 5.47
CA TYR A 418 -21.56 8.11 5.27
C TYR A 418 -21.16 8.33 3.82
N GLY A 419 -20.19 9.22 3.67
CA GLY A 419 -19.49 9.56 2.45
C GLY A 419 -18.11 10.09 2.79
N ASP A 420 -17.29 10.41 1.82
CA ASP A 420 -15.99 11.04 2.05
C ASP A 420 -16.12 12.56 2.28
N HIS A 421 -15.06 13.23 2.73
CA HIS A 421 -15.11 14.69 2.94
C HIS A 421 -15.37 15.43 1.63
N GLY A 422 -16.33 16.34 1.64
CA GLY A 422 -16.77 17.06 0.46
C GLY A 422 -17.60 16.24 -0.53
N GLU A 423 -17.99 15.02 -0.17
CA GLU A 423 -18.99 14.26 -0.92
C GLU A 423 -20.37 14.86 -0.73
N TYR A 424 -21.14 15.00 -1.81
CA TYR A 424 -22.57 15.26 -1.71
C TYR A 424 -23.31 13.93 -1.80
N THR A 425 -24.05 13.57 -0.77
CA THR A 425 -24.99 12.45 -0.83
C THR A 425 -26.40 12.97 -0.77
N GLU A 426 -27.26 12.42 -1.60
CA GLU A 426 -28.69 12.63 -1.53
C GLU A 426 -29.38 11.40 -0.98
N THR A 427 -30.25 11.60 -0.02
CA THR A 427 -31.09 10.57 0.59
C THR A 427 -32.55 10.94 0.40
N ALA A 428 -33.34 10.09 -0.23
CA ALA A 428 -34.76 10.31 -0.39
C ALA A 428 -35.53 9.51 0.67
N VAL A 429 -36.40 10.19 1.43
CA VAL A 429 -37.27 9.59 2.45
C VAL A 429 -38.72 9.83 2.04
N GLU A 430 -39.49 8.76 1.86
CA GLU A 430 -40.91 8.79 1.53
C GLU A 430 -41.71 8.35 2.75
N VAL A 431 -42.68 9.16 3.19
CA VAL A 431 -43.42 8.91 4.44
C VAL A 431 -44.88 8.59 4.14
N GLU A 432 -45.33 7.38 4.50
CA GLU A 432 -46.65 6.85 4.09
C GLU A 432 -47.84 7.55 4.77
N GLY A 433 -47.60 8.24 5.89
CA GLY A 433 -48.53 9.19 6.53
C GLY A 433 -48.24 10.67 6.22
N GLY A 434 -47.41 10.96 5.22
CA GLY A 434 -46.89 12.29 4.92
C GLY A 434 -45.78 12.77 5.86
N VAL A 435 -44.87 13.61 5.35
CA VAL A 435 -43.87 14.31 6.17
C VAL A 435 -44.59 15.39 6.98
N LEU A 436 -44.46 15.37 8.31
CA LEU A 436 -44.97 16.42 9.19
C LEU A 436 -44.03 17.63 9.19
N ASP A 437 -42.75 17.39 9.43
CA ASP A 437 -41.69 18.39 9.33
C ASP A 437 -40.30 17.73 9.24
N VAL A 438 -39.26 18.49 8.88
CA VAL A 438 -37.86 18.05 9.02
C VAL A 438 -37.05 19.07 9.85
N ASP A 439 -36.48 18.65 10.98
CA ASP A 439 -35.45 19.42 11.69
C ASP A 439 -34.05 19.08 11.18
N ILE A 440 -33.08 19.98 11.27
CA ILE A 440 -31.69 19.71 10.89
C ILE A 440 -30.63 20.31 11.83
N GLN A 441 -29.43 19.73 11.81
CA GLN A 441 -28.18 20.37 12.23
C GLN A 441 -27.09 20.11 11.20
N GLY A 442 -26.28 21.13 10.92
CA GLY A 442 -25.21 21.06 9.93
C GLY A 442 -25.67 21.26 8.48
N ASP A 443 -24.77 21.03 7.53
CA ASP A 443 -24.93 21.28 6.10
C ASP A 443 -25.84 20.26 5.39
N VAL A 444 -27.10 20.22 5.81
CA VAL A 444 -28.21 19.47 5.20
C VAL A 444 -29.11 20.45 4.45
N LEU A 445 -29.40 20.16 3.19
CA LEU A 445 -30.36 20.88 2.34
C LEU A 445 -31.62 20.02 2.14
N ILE A 446 -32.78 20.61 2.44
CA ILE A 446 -34.08 19.93 2.39
C ILE A 446 -34.84 20.36 1.13
N ARG A 447 -35.31 19.41 0.33
CA ARG A 447 -36.27 19.62 -0.76
C ARG A 447 -37.50 18.75 -0.50
N ARG A 448 -38.69 19.35 -0.34
CA ARG A 448 -39.92 18.62 0.00
C ARG A 448 -40.89 18.63 -1.17
N GLU A 449 -41.37 17.46 -1.55
CA GLU A 449 -42.24 17.24 -2.71
C GLU A 449 -43.24 16.14 -2.39
N GLY A 450 -44.48 16.53 -2.05
CA GLY A 450 -45.51 15.58 -1.61
C GLY A 450 -45.07 14.81 -0.36
N GLU A 451 -45.25 13.48 -0.38
CA GLU A 451 -44.87 12.58 0.72
C GLU A 451 -43.35 12.38 0.87
N ARG A 452 -42.51 13.02 0.04
CA ARG A 452 -41.05 12.88 0.08
C ARG A 452 -40.32 14.09 0.65
N ALA A 453 -39.37 13.83 1.54
CA ALA A 453 -38.26 14.72 1.81
C ALA A 453 -37.00 14.19 1.10
N TYR A 454 -36.38 15.00 0.27
CA TYR A 454 -35.07 14.73 -0.31
C TYR A 454 -34.03 15.53 0.47
N LEU A 455 -33.01 14.84 0.96
CA LEU A 455 -32.04 15.37 1.90
C LEU A 455 -30.69 15.36 1.20
N VAL A 456 -30.16 16.52 0.83
CA VAL A 456 -28.85 16.62 0.16
C VAL A 456 -27.85 17.11 1.18
N VAL A 457 -26.81 16.32 1.41
CA VAL A 457 -25.88 16.53 2.52
C VAL A 457 -24.48 16.62 1.99
N ASN A 458 -23.78 17.67 2.38
CA ASN A 458 -22.37 17.87 2.10
C ASN A 458 -21.56 17.29 3.27
N HIS A 459 -20.94 16.13 3.09
CA HIS A 459 -20.22 15.46 4.16
C HIS A 459 -18.95 16.20 4.60
N THR A 460 -18.73 16.27 5.91
CA THR A 460 -17.58 16.93 6.55
C THR A 460 -17.13 16.15 7.78
N HIS A 461 -16.07 16.56 8.47
CA HIS A 461 -15.53 15.89 9.66
C HIS A 461 -16.37 16.11 10.93
N GLY A 462 -17.60 15.63 10.89
CA GLY A 462 -18.58 15.73 11.97
C GLY A 462 -19.86 15.02 11.58
N GLU A 463 -20.91 15.18 12.37
CA GLU A 463 -22.24 14.66 12.08
C GLU A 463 -23.16 15.78 11.64
N HIS A 464 -23.85 15.57 10.53
CA HIS A 464 -25.03 16.34 10.17
C HIS A 464 -26.24 15.52 10.55
N LEU A 465 -27.24 16.12 11.20
CA LEU A 465 -28.45 15.45 11.63
C LEU A 465 -29.61 15.93 10.77
N ALA A 466 -30.46 15.02 10.32
CA ALA A 466 -31.81 15.35 9.88
C ALA A 466 -32.80 14.52 10.68
N ILE A 467 -33.88 15.12 11.15
CA ILE A 467 -34.96 14.41 11.85
C ILE A 467 -36.23 14.60 11.05
N VAL A 468 -36.56 13.64 10.19
CA VAL A 468 -37.84 13.60 9.47
C VAL A 468 -38.91 13.12 10.43
N LYS A 469 -39.96 13.92 10.63
CA LYS A 469 -41.11 13.57 11.48
C LYS A 469 -42.23 13.04 10.61
N SER A 470 -42.85 11.93 10.98
CA SER A 470 -44.11 11.50 10.37
C SER A 470 -45.32 12.09 11.11
N THR A 471 -46.47 12.23 10.43
CA THR A 471 -47.72 12.70 11.06
C THR A 471 -48.16 11.80 12.23
N ARG A 472 -47.77 10.52 12.19
CA ARG A 472 -48.08 9.48 13.20
C ARG A 472 -47.20 9.57 14.46
N GLY A 473 -46.22 10.46 14.50
CA GLY A 473 -45.31 10.66 15.64
C GLY A 473 -44.12 9.70 15.70
N GLN A 474 -44.03 8.72 14.80
CA GLN A 474 -42.77 8.01 14.53
C GLN A 474 -41.78 8.99 13.88
N ASN A 475 -40.49 8.87 14.17
CA ASN A 475 -39.45 9.73 13.62
C ASN A 475 -38.35 8.92 12.94
N LEU A 476 -37.72 9.50 11.92
CA LEU A 476 -36.50 8.97 11.35
C LEU A 476 -35.39 10.01 11.55
N LEU A 477 -34.42 9.65 12.38
CA LEU A 477 -33.20 10.41 12.59
C LEU A 477 -32.14 9.85 11.64
N LEU A 478 -31.75 10.63 10.65
CA LEU A 478 -30.61 10.33 9.81
C LEU A 478 -29.40 11.10 10.32
N ILE A 479 -28.30 10.39 10.52
CA ILE A 479 -27.03 10.94 10.97
C ILE A 479 -26.03 10.74 9.85
N PHE A 480 -25.46 11.81 9.34
CA PHE A 480 -24.55 11.78 8.21
C PHE A 480 -23.13 12.05 8.68
N THR A 481 -22.21 11.11 8.49
CA THR A 481 -20.83 11.17 9.01
C THR A 481 -19.83 11.02 7.87
N CYS A 482 -18.60 11.52 8.00
CA CYS A 482 -17.55 11.10 7.09
C CYS A 482 -17.21 9.61 7.26
N ARG A 483 -16.54 9.00 6.27
CA ARG A 483 -16.19 7.58 6.27
C ARG A 483 -15.35 7.16 7.48
N CYS A 484 -14.36 7.94 7.88
CA CYS A 484 -13.47 7.65 9.01
C CYS A 484 -14.19 7.65 10.37
N ARG A 485 -15.26 8.42 10.55
CA ARG A 485 -16.10 8.38 11.76
C ARG A 485 -17.15 7.28 11.74
N ALA A 486 -17.56 6.79 10.57
CA ALA A 486 -18.31 5.54 10.46
C ALA A 486 -17.41 4.32 10.78
N GLU A 487 -16.16 4.33 10.33
CA GLU A 487 -15.14 3.36 10.71
C GLU A 487 -14.88 3.30 12.21
N LYS A 488 -14.98 4.45 12.89
CA LYS A 488 -14.75 4.60 14.33
C LYS A 488 -16.06 4.91 15.06
N THR A 489 -17.11 4.20 14.66
CA THR A 489 -18.39 4.11 15.36
C THR A 489 -18.49 2.79 16.12
N TRP A 490 -18.87 2.79 17.40
CA TRP A 490 -19.09 1.58 18.18
C TRP A 490 -20.47 1.47 18.80
N ILE A 491 -21.16 0.37 18.51
CA ILE A 491 -22.37 -0.07 19.18
C ILE A 491 -21.96 -0.78 20.48
N VAL A 492 -21.56 -0.02 21.49
CA VAL A 492 -21.05 -0.55 22.76
C VAL A 492 -22.17 -1.16 23.63
N ASP A 493 -23.41 -0.81 23.36
CA ASP A 493 -24.62 -1.52 23.76
C ASP A 493 -25.68 -1.34 22.66
N GLU A 494 -26.70 -2.19 22.62
CA GLU A 494 -27.83 -2.03 21.69
C GLU A 494 -28.58 -0.71 21.88
N ASP A 495 -28.45 -0.08 23.05
CA ASP A 495 -28.94 1.26 23.36
C ASP A 495 -27.80 2.25 23.65
N LEU A 496 -26.63 2.12 23.02
CA LEU A 496 -25.52 3.07 23.13
C LEU A 496 -24.58 2.99 21.92
N VAL A 497 -24.67 3.96 21.00
CA VAL A 497 -23.80 4.04 19.81
C VAL A 497 -22.90 5.26 19.90
N LEU A 498 -21.59 5.07 19.84
CA LEU A 498 -20.60 6.14 19.89
C LEU A 498 -20.01 6.35 18.52
N ILE A 499 -20.26 7.48 17.88
CA ILE A 499 -19.65 7.91 16.63
C ILE A 499 -18.48 8.81 17.00
N SER A 500 -17.27 8.48 16.58
CA SER A 500 -16.08 9.05 17.20
C SER A 500 -14.88 9.04 16.28
N ASN A 501 -13.82 9.71 16.70
CA ASN A 501 -12.48 9.51 16.13
C ASN A 501 -11.69 8.43 16.89
N ILE A 502 -12.25 7.86 17.98
CA ILE A 502 -11.52 7.03 18.95
C ILE A 502 -10.99 5.79 18.25
N TYR A 503 -9.75 5.36 18.55
CA TYR A 503 -9.13 4.21 17.90
C TYR A 503 -9.89 2.91 18.18
N TYR A 504 -10.23 2.61 19.44
CA TYR A 504 -10.98 1.42 19.84
C TYR A 504 -11.82 1.69 21.10
N ILE A 505 -12.98 1.04 21.26
CA ILE A 505 -13.88 1.28 22.41
C ILE A 505 -13.91 0.18 23.47
N GLY A 506 -13.40 -1.03 23.19
CA GLY A 506 -13.07 -1.98 24.26
C GLY A 506 -14.25 -2.47 25.11
N ASP A 507 -13.93 -2.95 26.30
CA ASP A 507 -14.88 -3.54 27.25
C ASP A 507 -15.85 -2.51 27.83
N SER A 508 -16.93 -2.99 28.44
CA SER A 508 -17.98 -2.12 28.99
C SER A 508 -18.59 -2.71 30.27
N ARG A 509 -19.04 -1.81 31.13
CA ARG A 509 -19.80 -2.06 32.36
C ARG A 509 -21.08 -1.24 32.27
N ILE A 510 -22.09 -1.82 31.64
CA ILE A 510 -23.43 -1.23 31.45
C ILE A 510 -24.21 -1.33 32.78
N ASP A 511 -23.79 -0.55 33.76
CA ASP A 511 -24.40 -0.51 35.09
C ASP A 511 -25.76 0.21 35.09
N GLU A 512 -26.61 -0.11 36.07
CA GLU A 512 -27.89 0.56 36.35
C GLU A 512 -27.69 1.96 36.99
N GLY A 513 -27.00 2.84 36.26
CA GLY A 513 -26.43 4.10 36.74
C GLY A 513 -24.90 4.04 36.73
N LYS A 514 -24.24 5.05 36.16
CA LYS A 514 -22.79 5.12 35.89
C LYS A 514 -22.29 4.00 34.96
N VAL A 515 -22.67 4.07 33.69
CA VAL A 515 -22.11 3.24 32.61
C VAL A 515 -20.62 3.57 32.39
N VAL A 516 -19.78 2.58 32.14
CA VAL A 516 -18.33 2.77 31.92
C VAL A 516 -17.85 1.99 30.71
N ILE A 517 -16.96 2.55 29.89
CA ILE A 517 -16.37 1.90 28.71
C ILE A 517 -14.84 2.10 28.64
N ASN A 518 -14.11 1.08 28.19
CA ASN A 518 -12.65 1.05 28.18
C ASN A 518 -12.07 1.57 26.84
N ALA A 519 -12.18 2.87 26.58
CA ALA A 519 -11.68 3.47 25.35
C ALA A 519 -10.15 3.42 25.24
N GLU A 520 -9.63 3.18 24.04
CA GLU A 520 -8.21 3.27 23.74
C GLU A 520 -7.96 4.34 22.70
N LEU A 521 -7.15 5.33 23.04
CA LEU A 521 -6.94 6.54 22.25
C LEU A 521 -5.54 6.54 21.65
N ASP A 522 -5.46 6.69 20.34
CA ASP A 522 -4.25 7.06 19.61
C ASP A 522 -4.20 8.58 19.38
N GLU A 523 -3.16 9.08 18.70
CA GLU A 523 -3.00 10.52 18.46
C GLU A 523 -4.02 11.12 17.47
N ASP A 524 -4.92 10.32 16.88
CA ASP A 524 -6.04 10.79 16.07
C ASP A 524 -7.36 10.82 16.86
N SER A 525 -7.40 10.22 18.06
CA SER A 525 -8.62 9.84 18.75
C SER A 525 -9.41 10.96 19.43
N CYS A 526 -8.83 12.14 19.59
CA CYS A 526 -9.49 13.30 20.16
C CYS A 526 -10.37 14.04 19.14
N GLY A 527 -11.11 15.05 19.59
CA GLY A 527 -12.16 15.71 18.81
C GLY A 527 -13.54 15.29 19.28
N ARG A 528 -14.57 15.49 18.46
CA ARG A 528 -15.94 15.22 18.92
C ARG A 528 -16.28 13.75 19.03
N LEU A 529 -16.95 13.41 20.11
CA LEU A 529 -17.62 12.15 20.38
C LEU A 529 -19.12 12.42 20.32
N LEU A 530 -19.84 11.70 19.48
CA LEU A 530 -21.28 11.82 19.32
C LEU A 530 -21.93 10.53 19.79
N VAL A 531 -22.82 10.63 20.77
CA VAL A 531 -23.41 9.49 21.48
C VAL A 531 -24.90 9.41 21.14
N VAL A 532 -25.35 8.29 20.60
CA VAL A 532 -26.75 8.05 20.25
C VAL A 532 -27.33 6.98 21.19
N THR A 533 -28.39 7.29 21.93
CA THR A 533 -28.90 6.43 23.01
C THR A 533 -30.26 6.90 23.53
N SER A 534 -31.10 5.98 24.02
CA SER A 534 -32.33 6.29 24.77
C SER A 534 -32.07 6.62 26.23
N ARG A 535 -30.87 6.33 26.76
CA ARG A 535 -30.48 6.65 28.14
C ARG A 535 -30.35 8.16 28.31
N GLU A 536 -30.83 8.69 29.43
CA GLU A 536 -30.67 10.11 29.73
C GLU A 536 -29.27 10.38 30.28
N ILE A 537 -28.29 10.61 29.40
CA ILE A 537 -26.92 10.91 29.80
C ILE A 537 -26.86 12.28 30.51
N GLU A 538 -26.55 12.27 31.79
CA GLU A 538 -26.49 13.44 32.67
C GLU A 538 -25.11 14.11 32.64
N ALA A 539 -24.05 13.31 32.48
CA ALA A 539 -22.67 13.76 32.31
C ALA A 539 -21.85 12.72 31.55
N ILE A 540 -20.77 13.15 30.89
CA ILE A 540 -19.74 12.26 30.37
C ILE A 540 -18.41 12.70 30.96
N SER A 541 -17.61 11.76 31.43
CA SER A 541 -16.27 11.98 31.91
C SER A 541 -15.30 11.06 31.19
N LEU A 542 -14.05 11.48 31.05
CA LEU A 542 -12.96 10.65 30.57
C LEU A 542 -11.88 10.67 31.65
N GLU A 543 -11.57 9.52 32.24
CA GLU A 543 -10.53 9.37 33.26
C GLU A 543 -10.63 10.44 34.38
N ASP A 544 -11.85 10.65 34.89
CA ASP A 544 -12.23 11.67 35.87
C ASP A 544 -12.11 13.16 35.42
N LEU A 545 -11.67 13.45 34.20
CA LEU A 545 -11.91 14.75 33.58
C LEU A 545 -13.40 14.84 33.18
N ASP A 546 -14.09 15.89 33.54
CA ASP A 546 -15.46 16.14 33.08
C ASP A 546 -15.47 16.66 31.63
N LEU A 547 -16.28 16.08 30.75
CA LEU A 547 -16.46 16.55 29.37
C LEU A 547 -17.77 17.35 29.23
N ASP A 548 -17.74 18.43 28.43
CA ASP A 548 -18.92 19.25 28.13
C ASP A 548 -19.92 18.53 27.22
N LEU A 549 -21.21 18.62 27.53
CA LEU A 549 -22.32 18.02 26.77
C LEU A 549 -23.14 19.07 26.02
N THR A 550 -23.51 18.75 24.77
CA THR A 550 -24.69 19.36 24.12
C THR A 550 -25.67 18.24 23.75
N ARG A 551 -26.90 18.26 24.26
CA ARG A 551 -27.97 17.36 23.81
C ARG A 551 -28.57 17.88 22.50
N LEU A 552 -28.09 17.40 21.35
CA LEU A 552 -28.49 17.87 20.02
C LEU A 552 -29.98 17.63 19.73
N SER A 553 -30.50 16.50 20.19
CA SER A 553 -31.87 16.02 20.01
C SER A 553 -32.15 14.95 21.06
N LYS A 554 -33.41 14.52 21.22
CA LYS A 554 -33.85 13.58 22.28
C LYS A 554 -32.93 12.36 22.49
N TYR A 555 -32.39 11.80 21.42
CA TYR A 555 -31.55 10.61 21.44
C TYR A 555 -30.05 10.88 21.24
N VAL A 556 -29.59 12.13 21.12
CA VAL A 556 -28.21 12.44 20.69
C VAL A 556 -27.51 13.44 21.61
N TYR A 557 -26.29 13.11 22.03
CA TYR A 557 -25.40 13.96 22.80
C TYR A 557 -24.06 14.15 22.08
N ALA A 558 -23.65 15.39 21.81
CA ALA A 558 -22.28 15.70 21.43
C ALA A 558 -21.43 16.00 22.66
N THR A 559 -20.16 15.67 22.61
CA THR A 559 -19.12 16.02 23.58
C THR A 559 -17.77 16.03 22.90
N HIS A 560 -16.74 16.63 23.50
CA HIS A 560 -15.41 16.75 22.90
C HIS A 560 -14.38 16.13 23.82
N ILE A 561 -13.60 15.18 23.30
CA ILE A 561 -12.37 14.71 23.94
C ILE A 561 -11.26 15.71 23.57
N PRO A 562 -10.65 16.45 24.53
CA PRO A 562 -9.69 17.50 24.19
C PRO A 562 -8.48 16.96 23.44
N LEU A 563 -7.92 17.71 22.48
CA LEU A 563 -6.71 17.31 21.75
C LEU A 563 -5.47 17.18 22.66
N SER A 564 -5.51 17.74 23.88
CA SER A 564 -4.51 17.54 24.91
C SER A 564 -4.54 16.14 25.58
N MET A 565 -5.61 15.35 25.42
CA MET A 565 -5.72 14.02 26.04
C MET A 565 -4.82 12.98 25.38
N CYS A 566 -4.85 12.86 24.05
CA CYS A 566 -4.05 11.86 23.34
C CYS A 566 -2.56 12.22 23.32
N ARG A 567 -1.69 11.21 23.20
CA ARG A 567 -0.23 11.31 23.12
C ARG A 567 0.29 10.49 21.94
N SER A 568 1.36 10.95 21.31
CA SER A 568 2.15 10.19 20.34
C SER A 568 3.47 9.77 20.97
N GLY A 569 3.79 8.48 20.94
CA GLY A 569 4.96 7.91 21.58
C GLY A 569 5.27 6.50 21.07
N LYS A 570 6.55 6.14 21.03
CA LYS A 570 7.08 4.94 20.35
C LYS A 570 8.48 4.60 20.89
N ASN A 571 8.59 4.43 22.21
CA ASN A 571 9.86 4.26 22.93
C ASN A 571 10.63 2.97 22.53
N THR A 572 11.95 2.98 22.69
CA THR A 572 12.80 1.78 22.55
C THR A 572 13.67 1.56 23.78
N TYR A 573 13.93 0.30 24.08
CA TYR A 573 14.63 -0.16 25.28
C TYR A 573 15.76 -1.08 24.85
N HIS A 574 16.94 -0.88 25.42
CA HIS A 574 18.19 -1.55 25.01
C HIS A 574 18.78 -2.35 26.17
N PRO A 575 19.56 -3.41 25.93
CA PRO A 575 20.24 -4.15 26.97
C PRO A 575 21.10 -3.29 27.89
N LEU A 576 21.14 -3.65 29.18
CA LEU A 576 22.21 -3.20 30.07
C LEU A 576 23.53 -3.87 29.71
N GLU A 577 23.49 -5.16 29.44
CA GLU A 577 24.66 -6.00 29.20
C GLU A 577 24.31 -7.17 28.27
N TYR A 578 25.30 -7.67 27.53
CA TYR A 578 25.23 -8.91 26.75
C TYR A 578 26.22 -9.91 27.34
N ARG A 579 25.78 -11.11 27.71
CA ARG A 579 26.57 -12.19 28.30
C ARG A 579 26.58 -13.40 27.38
N LEU A 580 27.76 -13.91 27.01
CA LEU A 580 27.91 -15.05 26.11
C LEU A 580 28.19 -16.34 26.88
N LEU A 581 27.53 -17.43 26.51
CA LEU A 581 27.85 -18.78 26.94
C LEU A 581 27.90 -19.70 25.72
N GLU A 582 28.98 -20.45 25.54
CA GLU A 582 28.97 -21.57 24.59
C GLU A 582 28.28 -22.78 25.23
N ASP A 583 27.21 -23.26 24.59
CA ASP A 583 26.58 -24.54 24.90
C ASP A 583 27.54 -25.69 24.58
N PRO A 584 27.78 -26.66 25.48
CA PRO A 584 28.55 -27.85 25.13
C PRO A 584 27.84 -28.76 24.10
N VAL A 585 26.62 -28.43 23.68
CA VAL A 585 25.75 -29.07 22.68
C VAL A 585 25.23 -30.44 23.10
N PHE A 586 26.09 -31.33 23.58
CA PHE A 586 25.74 -32.72 23.86
C PHE A 586 25.33 -32.95 25.33
N HIS A 587 24.09 -33.40 25.54
CA HIS A 587 23.60 -33.87 26.84
C HIS A 587 23.84 -35.38 27.02
N THR A 588 23.07 -36.21 26.32
CA THR A 588 23.25 -37.67 26.19
C THR A 588 22.84 -38.10 24.79
N LEU A 589 23.51 -39.12 24.24
CA LEU A 589 23.29 -39.64 22.89
C LEU A 589 22.67 -41.04 22.94
N THR A 590 21.70 -41.33 22.08
CA THR A 590 21.21 -42.70 21.85
C THR A 590 21.39 -43.10 20.39
N SER A 591 21.64 -44.39 20.14
CA SER A 591 21.92 -44.89 18.79
C SER A 591 20.67 -44.86 17.90
N ILE A 592 20.84 -44.48 16.64
CA ILE A 592 19.82 -44.46 15.59
C ILE A 592 20.35 -45.19 14.35
N ASN A 593 19.50 -45.87 13.60
CA ASN A 593 19.94 -46.51 12.36
C ASN A 593 20.19 -45.47 11.25
N PRO A 594 21.23 -45.63 10.42
CA PRO A 594 21.47 -44.73 9.30
C PRO A 594 20.27 -44.56 8.38
N SER A 595 20.03 -43.33 7.95
CA SER A 595 18.88 -42.89 7.14
C SER A 595 17.50 -43.00 7.81
N SER A 596 17.36 -43.50 9.04
CA SER A 596 16.05 -43.62 9.68
C SER A 596 15.53 -42.28 10.17
N PRO A 597 14.29 -41.88 9.84
CA PRO A 597 13.69 -40.69 10.40
C PRO A 597 13.59 -40.74 11.93
N LEU A 598 13.78 -39.60 12.58
CA LEU A 598 13.70 -39.51 14.04
C LEU A 598 12.28 -39.76 14.59
N LEU A 599 11.23 -39.63 13.78
CA LEU A 599 9.86 -40.03 14.17
C LEU A 599 9.64 -41.54 14.24
N LYS A 600 10.30 -42.31 13.39
CA LYS A 600 10.36 -43.79 13.50
C LYS A 600 11.13 -44.24 14.76
N ASN A 601 11.88 -43.32 15.37
CA ASN A 601 12.60 -43.48 16.62
C ASN A 601 11.92 -42.74 17.81
N GLY A 602 10.64 -42.36 17.66
CA GLY A 602 9.81 -41.82 18.74
C GLY A 602 9.99 -40.32 19.03
N PHE A 603 10.78 -39.60 18.24
CA PHE A 603 10.96 -38.15 18.38
C PHE A 603 9.89 -37.38 17.60
N TYR A 604 8.69 -37.24 18.16
CA TYR A 604 7.54 -36.60 17.50
C TYR A 604 7.57 -35.07 17.48
N GLU A 605 8.52 -34.44 18.18
CA GLU A 605 8.67 -32.98 18.18
C GLU A 605 9.46 -32.47 16.96
N ASN A 606 9.10 -31.30 16.46
CA ASN A 606 9.98 -30.50 15.61
C ASN A 606 11.05 -29.82 16.49
N GLY A 607 11.88 -28.96 15.91
CA GLY A 607 12.90 -28.22 16.63
C GLY A 607 14.30 -28.77 16.41
N ILE A 608 15.19 -28.48 17.36
CA ILE A 608 16.60 -28.83 17.28
C ILE A 608 16.82 -30.29 17.69
N TYR A 609 17.64 -30.99 16.94
CA TYR A 609 18.26 -32.27 17.23
C TYR A 609 19.73 -32.15 16.93
N VAL A 610 20.59 -32.80 17.69
CA VAL A 610 21.97 -33.00 17.24
C VAL A 610 22.19 -34.47 16.95
N TYR A 611 22.64 -34.77 15.73
CA TYR A 611 23.20 -36.06 15.39
C TYR A 611 24.70 -36.04 15.64
N ARG A 612 25.24 -37.14 16.16
CA ARG A 612 26.66 -37.51 15.99
C ARG A 612 26.72 -38.71 15.07
N LEU A 613 27.49 -38.62 13.99
CA LEU A 613 27.77 -39.71 13.07
C LEU A 613 29.24 -40.11 13.28
N ARG A 614 29.54 -41.38 13.54
CA ARG A 614 30.92 -41.87 13.64
C ARG A 614 31.28 -42.59 12.36
N LEU A 615 31.64 -41.82 11.35
CA LEU A 615 31.90 -42.28 9.99
C LEU A 615 33.26 -42.97 9.89
N HIS A 616 33.35 -44.09 9.18
CA HIS A 616 34.60 -44.82 9.01
C HIS A 616 35.16 -44.59 7.61
N LEU A 617 36.41 -44.17 7.53
CA LEU A 617 37.16 -43.97 6.28
C LEU A 617 38.54 -44.63 6.36
N ASP A 618 39.14 -44.91 5.22
CA ASP A 618 40.35 -45.75 5.09
C ASP A 618 41.12 -45.38 3.79
N LYS A 619 41.97 -46.27 3.28
CA LYS A 619 42.69 -46.12 2.01
C LYS A 619 41.79 -45.81 0.80
N LYS A 620 40.47 -46.09 0.85
CA LYS A 620 39.52 -45.64 -0.19
C LYS A 620 39.47 -44.11 -0.40
N GLN A 621 39.97 -43.30 0.55
CA GLN A 621 40.19 -41.87 0.32
C GLN A 621 41.18 -41.56 -0.81
N LEU A 622 42.14 -42.47 -1.09
CA LEU A 622 43.05 -42.40 -2.24
C LEU A 622 42.32 -42.72 -3.57
N GLY A 623 41.18 -43.40 -3.51
CA GLY A 623 40.25 -43.66 -4.62
C GLY A 623 39.19 -42.57 -4.80
N ASP A 624 39.16 -41.54 -3.95
CA ASP A 624 38.24 -40.41 -4.07
C ASP A 624 38.70 -39.42 -5.16
N LEU A 625 37.75 -38.73 -5.79
CA LEU A 625 37.99 -37.81 -6.91
C LEU A 625 38.52 -36.46 -6.43
N LEU A 626 39.16 -35.72 -7.35
CA LEU A 626 39.83 -34.44 -7.09
C LEU A 626 38.94 -33.36 -6.44
N ASP A 627 37.62 -33.40 -6.69
CA ASP A 627 36.65 -32.49 -6.08
C ASP A 627 36.60 -32.62 -4.55
N LYS A 628 36.75 -33.84 -4.00
CA LYS A 628 36.94 -34.11 -2.55
C LYS A 628 35.92 -33.42 -1.63
N HIS A 629 34.63 -33.47 -1.98
CA HIS A 629 33.54 -33.04 -1.10
C HIS A 629 33.00 -34.16 -0.24
N LEU A 630 32.43 -33.82 0.90
CA LEU A 630 31.52 -34.66 1.67
C LEU A 630 30.14 -34.01 1.57
N ALA A 631 29.10 -34.75 1.24
CA ALA A 631 27.76 -34.22 1.10
C ALA A 631 26.80 -34.87 2.08
N LEU A 632 26.10 -34.06 2.87
CA LEU A 632 25.00 -34.50 3.71
C LEU A 632 23.71 -34.20 2.95
N ILE A 633 22.93 -35.23 2.62
CA ILE A 633 21.85 -35.11 1.64
C ILE A 633 20.59 -35.74 2.20
N GLY A 634 19.44 -35.09 2.02
CA GLY A 634 18.17 -35.63 2.47
C GLY A 634 18.02 -35.49 3.97
N PHE A 635 17.92 -34.26 4.44
CA PHE A 635 17.63 -33.99 5.84
C PHE A 635 16.62 -32.87 5.97
N SER A 636 15.98 -32.79 7.13
CA SER A 636 14.84 -31.92 7.32
C SER A 636 15.19 -30.49 7.72
N ASP A 637 15.33 -29.68 6.68
CA ASP A 637 15.10 -28.25 6.61
C ASP A 637 15.99 -27.26 7.37
N TYR A 638 16.99 -27.69 8.12
CA TYR A 638 18.21 -26.89 8.34
C TYR A 638 19.23 -27.72 9.10
N ALA A 639 20.49 -27.65 8.72
CA ALA A 639 21.56 -28.24 9.48
C ALA A 639 22.82 -27.38 9.41
N VAL A 640 23.56 -27.39 10.51
CA VAL A 640 24.94 -26.91 10.62
C VAL A 640 25.81 -28.12 10.90
N VAL A 641 26.82 -28.36 10.07
CA VAL A 641 27.68 -29.55 10.12
C VAL A 641 29.08 -29.18 10.57
N SER A 642 29.66 -30.01 11.44
CA SER A 642 31.04 -29.94 11.89
C SER A 642 31.71 -31.29 11.70
N ILE A 643 32.91 -31.35 11.10
CA ILE A 643 33.65 -32.58 10.79
C ILE A 643 34.95 -32.58 11.59
N ASN A 644 35.14 -33.58 12.45
CA ASN A 644 36.25 -33.67 13.40
C ASN A 644 36.44 -32.37 14.21
N ASN A 645 35.33 -31.81 14.69
CA ASN A 645 35.22 -30.54 15.44
C ASN A 645 35.58 -29.27 14.65
N GLU A 646 35.72 -29.33 13.33
CA GLU A 646 35.86 -28.15 12.45
C GLU A 646 34.53 -27.89 11.73
N TYR A 647 33.97 -26.68 11.81
CA TYR A 647 32.79 -26.30 11.03
C TYR A 647 33.02 -26.50 9.53
N ALA A 648 32.07 -27.17 8.88
CA ALA A 648 32.23 -27.69 7.53
C ALA A 648 31.18 -27.17 6.52
N GLY A 649 30.01 -26.75 6.99
CA GLY A 649 28.97 -26.18 6.14
C GLY A 649 27.61 -26.12 6.81
N SER A 650 26.69 -25.33 6.28
CA SER A 650 25.29 -25.34 6.70
C SER A 650 24.36 -25.16 5.49
N GLY A 651 23.09 -25.52 5.66
CA GLY A 651 22.10 -25.40 4.59
C GLY A 651 20.81 -26.14 4.91
N TYR A 652 19.91 -26.20 3.93
CA TYR A 652 18.52 -26.58 4.15
C TYR A 652 18.19 -28.08 4.01
N HIS A 653 18.52 -28.75 2.91
CA HIS A 653 18.21 -30.19 2.72
C HIS A 653 19.36 -30.99 2.13
N TYR A 654 20.41 -30.29 1.77
CA TYR A 654 21.56 -30.73 1.02
C TYR A 654 22.69 -29.77 1.38
N ILE A 655 23.81 -30.29 1.87
CA ILE A 655 25.01 -29.50 2.18
C ILE A 655 26.16 -30.23 1.51
N GLU A 656 27.01 -29.53 0.77
CA GLU A 656 28.19 -30.12 0.16
C GLU A 656 29.46 -29.48 0.71
N MET A 657 29.86 -29.95 1.89
CA MET A 657 31.07 -29.56 2.60
C MET A 657 32.34 -29.90 1.81
N SER A 658 33.35 -29.04 1.83
CA SER A 658 34.71 -29.48 1.44
C SER A 658 35.26 -30.42 2.51
N ALA A 659 35.74 -31.61 2.14
CA ALA A 659 36.13 -32.66 3.09
C ALA A 659 37.53 -32.45 3.71
N ASP A 660 37.89 -31.21 4.03
CA ASP A 660 39.24 -30.80 4.44
C ASP A 660 39.74 -31.57 5.69
N SER A 661 38.86 -31.77 6.67
CA SER A 661 39.19 -32.30 7.98
C SER A 661 38.92 -33.81 8.13
N LEU A 662 38.56 -34.54 7.07
CA LEU A 662 38.49 -36.00 7.12
C LEU A 662 39.88 -36.66 7.23
N ARG A 663 39.91 -37.85 7.83
CA ARG A 663 41.11 -38.65 8.16
C ARG A 663 40.85 -40.15 7.98
N GLU A 664 41.89 -40.96 7.88
CA GLU A 664 41.76 -42.42 8.06
C GLU A 664 41.28 -42.78 9.48
N GLY A 665 40.48 -43.84 9.59
CA GLY A 665 39.88 -44.29 10.84
C GLY A 665 38.51 -43.67 11.10
N VAL A 666 38.15 -43.52 12.38
CA VAL A 666 36.86 -42.96 12.80
C VAL A 666 36.87 -41.44 12.68
N ASN A 667 35.86 -40.90 12.04
CA ASN A 667 35.61 -39.48 11.88
C ASN A 667 34.31 -39.12 12.61
N GLU A 668 34.36 -38.22 13.58
CA GLU A 668 33.15 -37.66 14.16
C GLU A 668 32.60 -36.56 13.26
N VAL A 669 31.35 -36.70 12.84
CA VAL A 669 30.59 -35.61 12.20
C VAL A 669 29.45 -35.24 13.14
N THR A 670 29.34 -33.97 13.51
CA THR A 670 28.21 -33.46 14.30
C THR A 670 27.29 -32.65 13.40
N VAL A 671 26.01 -32.91 13.47
CA VAL A 671 24.98 -32.24 12.67
C VAL A 671 23.98 -31.66 13.63
N ILE A 672 24.09 -30.37 13.93
CA ILE A 672 23.03 -29.64 14.63
C ILE A 672 21.95 -29.34 13.60
N LEU A 673 20.86 -30.09 13.67
CA LEU A 673 19.74 -30.06 12.74
C LEU A 673 18.56 -29.36 13.39
N GLU A 674 17.97 -28.39 12.72
CA GLU A 674 16.72 -27.76 13.14
C GLU A 674 15.62 -28.09 12.15
N SER A 675 14.57 -28.76 12.61
CA SER A 675 13.37 -29.02 11.84
C SER A 675 12.31 -27.97 12.13
N THR A 676 12.03 -27.12 11.15
CA THR A 676 11.21 -25.91 11.28
C THR A 676 9.72 -26.21 11.48
N GLY A 677 9.30 -27.44 11.23
CA GLY A 677 7.91 -27.82 11.08
C GLY A 677 7.81 -28.88 9.99
N HIS A 678 6.85 -29.78 10.04
CA HIS A 678 6.48 -30.52 8.85
C HIS A 678 5.72 -29.61 7.89
N PRO A 679 5.59 -29.96 6.60
CA PRO A 679 4.77 -29.20 5.68
C PRO A 679 3.29 -29.25 6.08
N ASN A 680 2.52 -28.28 5.60
CA ASN A 680 1.11 -28.16 5.97
C ASN A 680 0.13 -28.67 4.91
N ASP A 681 0.60 -29.36 3.87
CA ASP A 681 -0.28 -30.36 3.26
C ASP A 681 -0.42 -31.50 4.30
N GLY A 682 -1.33 -32.43 4.07
CA GLY A 682 -1.53 -33.57 4.95
C GLY A 682 -1.47 -34.90 4.22
N LEU A 683 -0.68 -34.99 3.16
CA LEU A 683 -0.67 -36.15 2.26
C LEU A 683 0.69 -36.83 2.23
N LEU A 684 1.77 -36.05 2.27
CA LEU A 684 3.13 -36.57 2.15
C LEU A 684 3.77 -36.65 3.53
N TYR A 685 4.39 -37.79 3.83
CA TYR A 685 5.31 -37.92 4.95
C TYR A 685 6.65 -37.29 4.55
N VAL A 686 6.90 -36.05 4.96
CA VAL A 686 8.21 -35.42 4.80
C VAL A 686 8.94 -35.56 6.13
N PRO A 687 9.91 -36.48 6.25
CA PRO A 687 10.38 -36.87 7.57
C PRO A 687 11.30 -35.81 8.20
N ASN A 688 11.25 -35.65 9.51
CA ASN A 688 12.29 -34.92 10.24
C ASN A 688 13.53 -35.79 10.43
N GLY A 689 14.67 -35.12 10.65
CA GLY A 689 15.97 -35.77 10.75
C GLY A 689 16.65 -35.96 9.40
N ILE A 690 17.70 -36.77 9.37
CA ILE A 690 18.40 -37.18 8.16
C ILE A 690 17.74 -38.46 7.63
N TYR A 691 16.80 -38.32 6.68
CA TYR A 691 16.15 -39.45 5.99
C TYR A 691 16.95 -39.97 4.80
N GLY A 692 17.91 -39.19 4.29
CA GLY A 692 18.90 -39.56 3.29
C GLY A 692 20.20 -40.04 3.95
N GLY A 693 21.35 -39.48 3.59
CA GLY A 693 22.64 -39.99 4.03
C GLY A 693 23.84 -39.08 3.76
N VAL A 694 25.03 -39.60 4.01
CA VAL A 694 26.32 -38.92 3.79
C VAL A 694 27.06 -39.58 2.63
N TYR A 695 27.58 -38.77 1.69
CA TYR A 695 28.19 -39.21 0.44
C TYR A 695 29.53 -38.52 0.15
N LEU A 696 30.43 -39.16 -0.60
CA LEU A 696 31.78 -38.67 -0.90
C LEU A 696 31.99 -38.34 -2.39
N GLY A 697 32.77 -37.29 -2.63
CA GLY A 697 33.19 -36.82 -3.93
C GLY A 697 32.10 -36.05 -4.67
N ARG A 698 32.38 -35.74 -5.93
CA ARG A 698 31.38 -35.40 -6.94
C ARG A 698 31.92 -35.84 -8.29
N VAL A 699 31.58 -37.07 -8.67
CA VAL A 699 31.97 -37.66 -9.95
C VAL A 699 31.35 -36.88 -11.12
N GLY A 700 30.14 -36.37 -10.92
CA GLY A 700 29.43 -35.61 -11.93
C GLY A 700 28.13 -35.01 -11.44
N GLU A 701 27.46 -34.32 -12.35
CA GLU A 701 26.19 -33.66 -12.13
C GLU A 701 25.37 -33.74 -13.42
N ILE A 702 24.38 -34.62 -13.45
CA ILE A 702 23.50 -34.85 -14.58
C ILE A 702 22.30 -33.92 -14.43
N ARG A 703 22.25 -32.83 -15.19
CA ARG A 703 21.11 -31.91 -15.20
C ARG A 703 19.99 -32.46 -16.07
N LEU A 704 18.75 -32.36 -15.60
CA LEU A 704 17.56 -32.96 -16.22
C LEU A 704 16.64 -31.85 -16.73
N TYR A 705 16.80 -31.44 -17.98
CA TYR A 705 16.04 -30.34 -18.60
C TYR A 705 15.45 -30.64 -19.99
N LYS A 706 15.66 -31.82 -20.57
CA LYS A 706 15.05 -32.25 -21.84
C LYS A 706 13.78 -33.07 -21.59
N TRP A 707 12.72 -32.45 -21.07
CA TRP A 707 11.48 -33.16 -20.75
C TRP A 707 10.54 -33.28 -21.95
N ARG A 708 9.86 -34.41 -22.07
CA ARG A 708 8.68 -34.64 -22.89
C ARG A 708 7.47 -34.52 -21.97
N LYS A 709 6.46 -33.72 -22.26
CA LYS A 709 5.27 -33.57 -21.40
C LYS A 709 4.09 -34.27 -22.08
N THR A 710 3.53 -35.28 -21.40
CA THR A 710 2.63 -36.29 -22.02
C THR A 710 1.14 -36.11 -21.71
N GLY A 711 0.76 -35.05 -21.00
CA GLY A 711 -0.64 -34.59 -20.89
C GLY A 711 -1.58 -35.45 -20.01
N PHE A 712 -1.03 -36.28 -19.12
CA PHE A 712 -1.79 -37.17 -18.24
C PHE A 712 -2.85 -36.45 -17.38
N GLU A 713 -4.04 -37.05 -17.25
CA GLU A 713 -5.15 -36.52 -16.45
C GLU A 713 -5.37 -37.36 -15.17
N ILE A 714 -5.21 -36.73 -14.00
CA ILE A 714 -5.50 -37.36 -12.71
C ILE A 714 -7.04 -37.40 -12.53
N PRO A 715 -7.65 -38.56 -12.26
CA PRO A 715 -9.11 -38.74 -12.33
C PRO A 715 -9.89 -38.23 -11.10
N TYR A 716 -9.67 -36.98 -10.69
CA TYR A 716 -10.34 -36.35 -9.54
C TYR A 716 -11.88 -36.43 -9.65
N GLY A 717 -12.58 -36.67 -8.54
CA GLY A 717 -14.02 -36.87 -8.55
C GLY A 717 -14.57 -37.45 -7.25
N PRO A 718 -15.90 -37.69 -7.15
CA PRO A 718 -16.54 -38.22 -5.95
C PRO A 718 -16.03 -39.60 -5.52
N GLY A 719 -15.38 -40.37 -6.39
CA GLY A 719 -14.77 -41.66 -6.06
C GLY A 719 -13.24 -41.66 -5.91
N PHE A 720 -12.57 -40.50 -5.98
CA PHE A 720 -11.11 -40.44 -6.06
C PHE A 720 -10.44 -40.14 -4.72
N ASP A 721 -9.64 -41.09 -4.24
CA ASP A 721 -8.83 -40.94 -3.03
C ASP A 721 -7.38 -40.63 -3.43
N LEU A 722 -6.93 -39.43 -3.10
CA LEU A 722 -5.59 -38.97 -3.44
C LEU A 722 -4.50 -39.78 -2.73
N ALA A 723 -4.75 -40.29 -1.52
CA ALA A 723 -3.78 -41.06 -0.77
C ALA A 723 -3.60 -42.47 -1.36
N GLU A 724 -4.67 -43.09 -1.84
CA GLU A 724 -4.59 -44.31 -2.63
C GLU A 724 -3.80 -44.05 -3.92
N PHE A 725 -4.03 -42.94 -4.61
CA PHE A 725 -3.31 -42.63 -5.84
C PHE A 725 -1.81 -42.37 -5.62
N ILE A 726 -1.42 -41.60 -4.60
CA ILE A 726 -0.02 -41.38 -4.23
C ILE A 726 0.66 -42.71 -3.84
N ALA A 727 -0.03 -43.65 -3.21
CA ALA A 727 0.51 -44.96 -2.88
C ALA A 727 0.54 -45.94 -4.08
N ASN A 728 -0.50 -45.96 -4.92
CA ASN A 728 -0.69 -46.85 -6.07
C ASN A 728 -0.98 -46.07 -7.37
N PRO A 729 -0.01 -45.31 -7.90
CA PRO A 729 -0.21 -44.44 -9.05
C PRO A 729 -0.44 -45.22 -10.36
N GLU A 730 -1.51 -44.91 -11.08
CA GLU A 730 -1.80 -45.43 -12.42
C GLU A 730 -0.98 -44.89 -13.62
N PRO A 731 -0.21 -43.76 -13.58
CA PRO A 731 0.68 -43.40 -14.70
C PRO A 731 1.73 -44.45 -15.04
N VAL A 732 1.95 -45.48 -14.22
CA VAL A 732 2.77 -46.65 -14.62
C VAL A 732 2.23 -47.30 -15.90
N ILE A 733 0.90 -47.37 -16.07
CA ILE A 733 0.28 -47.84 -17.31
C ILE A 733 0.64 -46.93 -18.49
N LYS A 734 0.56 -45.60 -18.31
CA LYS A 734 0.88 -44.63 -19.39
C LYS A 734 2.38 -44.46 -19.65
N ALA A 735 3.24 -44.80 -18.71
CA ALA A 735 4.67 -44.93 -18.93
C ALA A 735 5.00 -46.17 -19.78
N LEU A 736 4.32 -47.30 -19.54
CA LEU A 736 4.41 -48.50 -20.39
C LEU A 736 3.83 -48.24 -21.80
N GLN A 737 2.66 -47.60 -21.87
CA GLN A 737 1.97 -47.21 -23.12
C GLN A 737 2.49 -45.87 -23.68
N GLU A 738 3.82 -45.71 -23.76
CA GLU A 738 4.51 -44.46 -24.14
C GLU A 738 4.02 -43.24 -23.33
N GLU B 1 11.33 -31.56 -25.50
CA GLU B 1 10.48 -30.38 -25.79
C GLU B 1 10.57 -29.25 -24.75
N THR B 2 10.33 -29.47 -23.46
CA THR B 2 10.16 -28.41 -22.45
C THR B 2 11.25 -28.42 -21.38
N TYR B 3 11.69 -27.24 -20.97
CA TYR B 3 12.76 -27.05 -19.98
C TYR B 3 12.27 -26.98 -18.53
N SER B 4 11.00 -26.63 -18.30
CA SER B 4 10.54 -26.11 -17.00
C SER B 4 10.09 -27.17 -15.98
N VAL B 5 9.34 -28.19 -16.40
CA VAL B 5 8.73 -29.22 -15.53
C VAL B 5 8.00 -28.63 -14.30
N ASP B 6 7.21 -27.56 -14.53
CA ASP B 6 6.73 -26.62 -13.50
C ASP B 6 5.20 -26.49 -13.38
N SER B 7 4.45 -27.34 -14.07
CA SER B 7 3.00 -27.22 -14.25
C SER B 7 2.38 -28.61 -14.30
N PRO B 8 1.09 -28.81 -14.00
CA PRO B 8 0.51 -30.15 -13.91
C PRO B 8 0.66 -30.99 -15.18
N GLY B 9 1.09 -32.24 -15.04
CA GLY B 9 1.25 -33.20 -16.13
C GLY B 9 2.23 -34.31 -15.80
N LEU B 10 2.39 -35.28 -16.71
CA LEU B 10 3.39 -36.34 -16.60
C LEU B 10 4.54 -36.02 -17.56
N TYR B 11 5.71 -35.74 -17.01
CA TYR B 11 6.91 -35.37 -17.75
C TYR B 11 7.86 -36.55 -17.75
N ILE B 12 8.52 -36.82 -18.87
CA ILE B 12 9.50 -37.90 -19.00
C ILE B 12 10.81 -37.33 -19.55
N THR B 13 11.94 -37.71 -18.99
CA THR B 13 13.26 -37.40 -19.54
C THR B 13 14.18 -38.62 -19.46
N GLU B 14 15.29 -38.57 -20.19
CA GLU B 14 16.15 -39.72 -20.42
C GLU B 14 17.62 -39.34 -20.19
N PHE B 15 18.40 -40.20 -19.55
CA PHE B 15 19.79 -39.96 -19.15
C PHE B 15 20.60 -41.25 -19.19
N LYS B 16 21.93 -41.17 -19.17
CA LYS B 16 22.82 -42.33 -19.34
C LYS B 16 23.83 -42.46 -18.20
N VAL B 17 24.07 -43.68 -17.74
CA VAL B 17 25.02 -44.04 -16.67
C VAL B 17 26.04 -45.07 -17.16
N ASP B 18 27.28 -44.98 -16.69
CA ASP B 18 28.39 -45.78 -17.26
C ASP B 18 28.53 -47.20 -16.69
N ASP B 19 28.40 -47.38 -15.37
CA ASP B 19 28.95 -48.57 -14.68
C ASP B 19 28.14 -49.08 -13.46
N LEU B 20 27.20 -48.29 -12.93
CA LEU B 20 26.43 -48.60 -11.71
C LEU B 20 27.26 -48.76 -10.41
N SER B 21 28.54 -48.38 -10.40
CA SER B 21 29.40 -48.34 -9.20
C SER B 21 29.26 -47.05 -8.36
N ARG B 22 28.77 -45.95 -8.95
CA ARG B 22 28.52 -44.67 -8.25
C ARG B 22 27.16 -44.66 -7.53
N HIS B 23 26.93 -43.64 -6.71
CA HIS B 23 25.62 -43.29 -6.15
C HIS B 23 25.01 -42.10 -6.87
N TYR B 24 23.78 -42.25 -7.35
CA TYR B 24 23.06 -41.27 -8.14
C TYR B 24 21.96 -40.66 -7.28
N VAL B 25 22.20 -39.47 -6.76
CA VAL B 25 21.30 -38.83 -5.80
C VAL B 25 20.58 -37.68 -6.48
N LEU B 26 19.28 -37.84 -6.68
CA LEU B 26 18.40 -36.86 -7.29
C LEU B 26 18.06 -35.76 -6.29
N ASP B 27 18.36 -34.52 -6.65
CA ASP B 27 17.99 -33.31 -5.94
C ASP B 27 16.79 -32.68 -6.68
N PRO B 28 15.67 -32.34 -6.01
CA PRO B 28 14.52 -31.73 -6.68
C PRO B 28 14.66 -30.22 -6.96
N GLY B 29 15.74 -29.59 -6.49
CA GLY B 29 16.03 -28.15 -6.68
C GLY B 29 15.34 -27.25 -5.66
N LEU B 30 15.86 -26.04 -5.41
CA LEU B 30 15.27 -25.13 -4.41
C LEU B 30 13.87 -24.60 -4.79
N GLU B 31 13.50 -24.69 -6.07
CA GLU B 31 12.16 -24.39 -6.57
C GLU B 31 11.08 -25.26 -5.92
N PHE B 32 11.41 -26.50 -5.57
CA PHE B 32 10.48 -27.53 -5.11
C PHE B 32 9.96 -27.31 -3.70
N TYR B 33 10.76 -26.74 -2.82
CA TYR B 33 10.40 -26.66 -1.41
C TYR B 33 9.40 -25.54 -1.15
N TYR B 34 8.25 -25.90 -0.58
CA TYR B 34 7.19 -24.97 -0.22
C TYR B 34 6.57 -25.40 1.11
N ASN B 35 5.94 -24.49 1.86
CA ASN B 35 5.38 -24.82 3.17
C ASN B 35 4.23 -25.82 3.06
N HIS B 36 3.54 -25.86 1.92
CA HIS B 36 2.52 -26.82 1.57
C HIS B 36 3.12 -27.69 0.47
N TYR B 37 3.53 -28.92 0.75
CA TYR B 37 4.48 -29.59 -0.13
C TYR B 37 3.85 -29.94 -1.48
N TYR B 38 4.68 -29.99 -2.52
CA TYR B 38 4.21 -30.24 -3.88
C TYR B 38 3.95 -31.72 -4.14
N ARG B 39 2.75 -32.03 -4.64
CA ARG B 39 2.31 -33.37 -5.06
C ARG B 39 2.99 -33.75 -6.37
N ILE B 40 4.21 -34.26 -6.28
CA ILE B 40 5.02 -34.68 -7.43
C ILE B 40 5.50 -36.09 -7.22
N LEU B 41 5.14 -37.01 -8.12
CA LEU B 41 5.42 -38.43 -8.00
C LEU B 41 6.57 -38.81 -8.93
N LEU B 42 7.63 -39.39 -8.38
CA LEU B 42 8.83 -39.81 -9.09
C LEU B 42 8.76 -41.29 -9.47
N PHE B 43 9.05 -41.57 -10.74
CA PHE B 43 9.32 -42.91 -11.27
C PHE B 43 10.73 -42.89 -11.87
N VAL B 44 11.52 -43.93 -11.63
CA VAL B 44 12.83 -44.09 -12.25
C VAL B 44 12.81 -45.40 -13.01
N ASN B 45 13.12 -45.32 -14.30
CA ASN B 45 12.60 -46.21 -15.33
C ASN B 45 11.07 -46.31 -15.20
N LYS B 46 10.46 -47.46 -15.48
CA LYS B 46 9.01 -47.64 -15.33
C LYS B 46 8.57 -47.93 -13.88
N VAL B 47 9.48 -47.85 -12.91
CA VAL B 47 9.26 -48.24 -11.51
C VAL B 47 9.00 -47.00 -10.65
N TYR B 48 7.93 -47.02 -9.85
CA TYR B 48 7.59 -45.93 -8.95
C TYR B 48 8.52 -45.85 -7.75
N VAL B 49 9.23 -44.73 -7.58
CA VAL B 49 10.12 -44.48 -6.43
C VAL B 49 9.32 -43.97 -5.24
N GLY B 50 8.43 -43.00 -5.45
CA GLY B 50 7.62 -42.39 -4.40
C GLY B 50 7.25 -40.95 -4.71
N PRO B 51 6.47 -40.29 -3.86
CA PRO B 51 6.37 -38.84 -3.91
C PRO B 51 7.75 -38.23 -3.60
N LEU B 52 8.06 -37.04 -4.14
CA LEU B 52 9.30 -36.35 -3.81
C LEU B 52 9.26 -35.87 -2.35
N ILE B 53 10.04 -36.50 -1.48
CA ILE B 53 10.26 -36.06 -0.10
C ILE B 53 11.22 -34.84 -0.06
N GLY B 54 12.12 -34.77 -1.02
CA GLY B 54 13.36 -34.00 -0.98
C GLY B 54 14.41 -34.73 -1.80
N PRO B 55 15.69 -34.66 -1.47
CA PRO B 55 16.73 -35.41 -2.18
C PRO B 55 16.63 -36.93 -1.97
N ILE B 56 16.80 -37.73 -3.01
CA ILE B 56 16.64 -39.20 -2.98
C ILE B 56 17.81 -39.90 -3.68
N ASP B 57 18.43 -40.91 -3.08
CA ASP B 57 19.32 -41.82 -3.82
C ASP B 57 18.50 -42.77 -4.71
N ILE B 58 18.54 -42.55 -6.02
CA ILE B 58 17.80 -43.34 -7.02
C ILE B 58 18.58 -44.53 -7.57
N THR B 59 19.78 -44.83 -7.08
CA THR B 59 20.67 -45.88 -7.63
C THR B 59 20.04 -47.27 -7.72
N ARG B 60 19.16 -47.64 -6.78
CA ARG B 60 18.42 -48.91 -6.80
C ARG B 60 17.58 -49.12 -8.06
N TYR B 61 17.04 -48.03 -8.61
CA TYR B 61 16.01 -48.05 -9.64
C TYR B 61 16.58 -47.97 -11.07
N LEU B 62 17.89 -47.80 -11.21
CA LEU B 62 18.56 -47.56 -12.49
C LEU B 62 19.55 -48.67 -12.87
N LYS B 63 19.76 -48.78 -14.19
CA LYS B 63 20.42 -49.88 -14.90
C LYS B 63 21.55 -49.34 -15.77
N PRO B 64 22.62 -50.11 -16.05
CA PRO B 64 23.74 -49.61 -16.87
C PRO B 64 23.27 -49.21 -18.28
N GLY B 65 23.86 -48.15 -18.85
CA GLY B 65 23.39 -47.55 -20.09
C GLY B 65 22.28 -46.53 -19.87
N VAL B 66 21.28 -46.52 -20.74
CA VAL B 66 20.22 -45.50 -20.76
C VAL B 66 19.10 -45.80 -19.75
N ASN B 67 18.60 -44.74 -19.12
CA ASN B 67 17.57 -44.72 -18.08
C ASN B 67 16.56 -43.60 -18.35
N GLU B 68 15.36 -43.73 -17.78
CA GLU B 68 14.34 -42.69 -17.80
C GLU B 68 13.99 -42.21 -16.39
N VAL B 69 13.61 -40.94 -16.27
CA VAL B 69 12.93 -40.37 -15.12
C VAL B 69 11.55 -39.95 -15.59
N ALA B 70 10.50 -40.30 -14.87
CA ALA B 70 9.19 -39.70 -15.07
C ALA B 70 8.73 -38.98 -13.81
N LEU B 71 7.99 -37.89 -13.99
CA LEU B 71 7.46 -37.06 -12.93
C LEU B 71 6.00 -36.76 -13.23
N LEU B 72 5.07 -37.40 -12.52
CA LEU B 72 3.70 -36.92 -12.48
C LEU B 72 3.65 -35.80 -11.45
N VAL B 73 3.88 -34.57 -11.90
CA VAL B 73 3.61 -33.38 -11.11
C VAL B 73 2.12 -33.10 -11.21
N GLU B 74 1.39 -33.27 -10.11
CA GLU B 74 -0.01 -32.85 -10.04
C GLU B 74 -0.13 -31.38 -9.71
N TRP B 75 0.76 -30.89 -8.86
CA TRP B 75 0.82 -29.50 -8.43
C TRP B 75 2.24 -29.13 -8.05
N GLY B 76 2.62 -27.87 -8.25
CA GLY B 76 3.94 -27.36 -7.91
C GLY B 76 4.99 -27.50 -9.00
N VAL B 77 6.24 -27.29 -8.61
CA VAL B 77 7.40 -27.07 -9.47
C VAL B 77 8.55 -27.97 -9.04
N VAL B 78 9.39 -28.43 -9.96
CA VAL B 78 10.73 -28.97 -9.65
C VAL B 78 11.74 -28.41 -10.63
N ASN B 79 13.02 -28.53 -10.28
CA ASN B 79 14.10 -28.42 -11.24
C ASN B 79 15.12 -29.52 -10.93
N PRO B 80 14.84 -30.76 -11.33
CA PRO B 80 15.63 -31.91 -10.92
C PRO B 80 17.06 -31.89 -11.46
N VAL B 81 17.98 -32.35 -10.63
CA VAL B 81 19.38 -32.62 -10.97
C VAL B 81 19.77 -33.92 -10.30
N ILE B 82 20.63 -34.74 -10.91
CA ILE B 82 21.25 -35.86 -10.21
C ILE B 82 22.70 -35.49 -9.91
N GLY B 83 23.07 -35.48 -8.63
CA GLY B 83 24.46 -35.47 -8.20
C GLY B 83 25.00 -36.89 -8.16
N VAL B 84 26.22 -37.10 -8.65
CA VAL B 84 26.84 -38.43 -8.75
C VAL B 84 28.02 -38.53 -7.81
N TYR B 85 28.01 -39.51 -6.91
CA TYR B 85 28.94 -39.63 -5.78
C TYR B 85 29.71 -40.95 -5.83
N GLN B 86 30.97 -40.92 -5.40
CA GLN B 86 31.86 -42.08 -5.46
C GLN B 86 31.50 -43.13 -4.40
N TYR B 87 31.13 -42.70 -3.20
CA TYR B 87 30.75 -43.56 -2.08
C TYR B 87 29.57 -42.98 -1.29
N LYS B 88 28.79 -43.84 -0.63
CA LYS B 88 27.91 -43.51 0.51
C LYS B 88 28.64 -44.00 1.77
N VAL B 89 28.70 -43.17 2.81
CA VAL B 89 29.68 -43.35 3.90
C VAL B 89 29.08 -44.14 5.06
N ASP B 90 29.75 -45.22 5.46
CA ASP B 90 29.34 -46.08 6.58
C ASP B 90 29.75 -45.51 7.94
N GLY B 91 28.90 -45.68 8.94
CA GLY B 91 29.13 -45.23 10.30
C GLY B 91 27.92 -45.42 11.19
N GLU B 92 28.12 -45.71 12.46
CA GLU B 92 27.04 -45.66 13.44
C GLU B 92 26.60 -44.21 13.68
N TRP B 93 25.30 -44.01 13.88
CA TRP B 93 24.69 -42.71 14.10
C TRP B 93 24.07 -42.66 15.48
N PHE B 94 24.08 -41.49 16.10
CA PHE B 94 23.45 -41.21 17.38
C PHE B 94 22.67 -39.90 17.31
N ILE B 95 21.60 -39.75 18.10
CA ILE B 95 20.86 -38.48 18.24
C ILE B 95 20.74 -38.06 19.71
N GLN B 96 20.59 -36.75 19.89
CA GLN B 96 19.99 -36.12 21.05
C GLN B 96 18.82 -35.25 20.55
N GLU B 97 17.69 -35.25 21.26
CA GLU B 97 16.67 -34.20 21.13
C GLU B 97 17.13 -32.93 21.84
N GLY B 98 17.16 -31.81 21.12
CA GLY B 98 17.63 -30.53 21.65
C GLY B 98 19.14 -30.50 21.86
N LEU B 99 19.54 -29.70 22.85
CA LEU B 99 20.92 -29.36 23.17
C LEU B 99 21.08 -29.39 24.69
N HIS B 100 22.30 -29.51 25.20
CA HIS B 100 22.56 -29.48 26.64
C HIS B 100 22.01 -28.23 27.32
N GLY B 101 22.40 -27.03 26.87
CA GLY B 101 21.89 -25.80 27.46
C GLY B 101 20.37 -25.65 27.32
N LEU B 102 19.78 -26.25 26.28
CA LEU B 102 18.34 -26.22 26.09
C LEU B 102 17.60 -27.16 27.05
N ILE B 103 18.04 -28.41 27.20
CA ILE B 103 17.41 -29.42 28.07
C ILE B 103 17.74 -29.23 29.56
N GLU B 104 18.77 -28.44 29.89
CA GLU B 104 19.02 -27.87 31.22
C GLU B 104 18.29 -26.53 31.47
N GLU B 105 17.49 -26.06 30.51
CA GLU B 105 16.72 -24.81 30.56
C GLU B 105 17.56 -23.54 30.85
N TRP B 106 18.66 -23.35 30.14
CA TRP B 106 19.43 -22.11 30.20
C TRP B 106 18.63 -20.87 29.78
N PHE B 107 17.50 -21.03 29.08
CA PHE B 107 16.55 -19.94 28.86
C PHE B 107 15.79 -19.51 30.13
N ARG B 108 15.64 -20.38 31.14
CA ARG B 108 15.12 -20.02 32.47
C ARG B 108 16.22 -19.46 33.36
N ARG B 109 17.32 -20.22 33.52
CA ARG B 109 18.55 -19.80 34.21
C ARG B 109 19.77 -20.49 33.59
N SER B 110 20.55 -19.76 32.80
CA SER B 110 21.89 -20.20 32.39
C SER B 110 22.87 -20.06 33.56
N PRO B 111 24.05 -20.70 33.50
CA PRO B 111 25.20 -20.23 34.28
C PRO B 111 25.54 -18.78 33.93
N ARG B 112 26.44 -18.16 34.70
CA ARG B 112 27.04 -16.88 34.30
C ARG B 112 27.88 -17.04 33.03
N GLY B 113 27.93 -15.99 32.21
CA GLY B 113 28.76 -15.91 31.00
C GLY B 113 29.73 -14.73 31.03
N GLU B 114 30.68 -14.71 30.11
CA GLU B 114 31.54 -13.54 29.90
C GLU B 114 30.77 -12.39 29.21
N THR B 115 30.99 -11.15 29.62
CA THR B 115 30.38 -9.97 29.01
C THR B 115 30.97 -9.69 27.63
N ALA B 116 30.13 -9.31 26.67
CA ALA B 116 30.52 -8.86 25.34
C ALA B 116 29.98 -7.46 25.02
N GLU B 117 30.71 -6.71 24.21
CA GLU B 117 30.27 -5.45 23.63
C GLU B 117 29.14 -5.68 22.60
N PRO B 118 28.29 -4.68 22.30
CA PRO B 118 27.09 -4.89 21.48
C PRO B 118 27.27 -5.53 20.09
N PRO B 119 28.34 -5.26 19.31
CA PRO B 119 28.65 -6.03 18.11
C PRO B 119 29.35 -7.35 18.48
N ILE B 120 28.56 -8.38 18.76
CA ILE B 120 29.01 -9.72 19.12
C ILE B 120 29.40 -10.48 17.87
N LEU B 121 30.71 -10.65 17.62
CA LEU B 121 31.21 -11.47 16.52
C LEU B 121 31.15 -12.96 16.90
N LEU B 122 30.57 -13.77 16.02
CA LEU B 122 30.33 -15.20 16.23
C LEU B 122 30.95 -16.07 15.12
N GLY B 123 31.43 -15.51 14.01
CA GLY B 123 31.92 -16.30 12.88
C GLY B 123 33.12 -17.19 13.19
N ASP B 124 33.93 -16.86 14.19
CA ASP B 124 34.95 -17.73 14.76
C ASP B 124 34.32 -18.97 15.41
N LYS B 125 33.24 -18.76 16.16
CA LYS B 125 32.41 -19.74 16.89
C LYS B 125 31.39 -20.46 15.99
N ALA B 126 31.54 -20.43 14.66
CA ALA B 126 30.67 -21.13 13.72
C ALA B 126 30.64 -22.65 13.97
N GLY B 127 29.49 -23.29 13.72
CA GLY B 127 29.30 -24.71 13.97
C GLY B 127 28.82 -25.05 15.39
N ARG B 128 28.48 -24.05 16.20
CA ARG B 128 28.25 -24.16 17.65
C ARG B 128 26.99 -23.42 18.06
N VAL B 129 26.54 -23.66 19.27
CA VAL B 129 25.44 -22.89 19.88
C VAL B 129 26.02 -21.96 20.93
N ILE B 130 25.81 -20.66 20.75
CA ILE B 130 26.11 -19.64 21.75
C ILE B 130 24.78 -19.11 22.27
N TRP B 131 24.67 -19.04 23.59
CA TRP B 131 23.62 -18.37 24.32
C TRP B 131 24.03 -16.92 24.56
N VAL B 132 23.32 -15.97 23.96
CA VAL B 132 23.48 -14.54 24.24
C VAL B 132 22.37 -14.14 25.21
N ASN B 133 22.74 -13.83 26.44
CA ASN B 133 21.81 -13.44 27.49
C ASN B 133 21.88 -11.93 27.65
N THR B 134 20.75 -11.26 27.75
CA THR B 134 20.68 -9.82 27.98
C THR B 134 19.62 -9.52 29.04
N VAL B 135 19.77 -8.41 29.77
CA VAL B 135 18.67 -7.86 30.57
C VAL B 135 18.24 -6.53 29.96
N ILE B 136 16.94 -6.36 29.72
CA ILE B 136 16.37 -5.10 29.23
C ILE B 136 15.45 -4.53 30.31
N PRO B 137 15.67 -3.30 30.82
CA PRO B 137 14.72 -2.64 31.69
C PRO B 137 13.47 -2.21 30.90
N TYR B 138 12.29 -2.43 31.47
CA TYR B 138 11.02 -1.98 30.92
C TYR B 138 10.20 -1.44 32.09
N GLU B 139 10.33 -0.14 32.35
CA GLU B 139 10.04 0.45 33.68
C GLU B 139 8.55 0.79 33.90
N LYS B 140 7.67 0.24 33.08
CA LYS B 140 6.24 0.55 32.95
C LYS B 140 5.40 -0.72 32.91
N GLU B 141 4.12 -0.65 33.27
CA GLU B 141 3.25 -1.82 33.20
C GLU B 141 3.04 -2.27 31.74
N PRO B 142 3.40 -3.51 31.35
CA PRO B 142 3.20 -4.00 30.00
C PRO B 142 1.71 -4.16 29.68
N THR B 143 1.29 -3.70 28.50
CA THR B 143 -0.12 -3.74 28.08
C THR B 143 -0.24 -3.86 26.56
N SER B 144 -1.36 -4.38 26.08
CA SER B 144 -1.75 -4.35 24.67
C SER B 144 -1.98 -2.93 24.13
N SER B 145 -2.07 -1.91 25.00
CA SER B 145 -2.04 -0.48 24.63
C SER B 145 -0.70 -0.04 24.04
N SER B 146 0.40 -0.70 24.42
CA SER B 146 1.73 -0.42 23.92
C SER B 146 2.49 -1.73 23.70
N PRO B 147 2.16 -2.48 22.64
CA PRO B 147 2.75 -3.76 22.35
C PRO B 147 4.23 -3.66 22.09
N VAL B 148 4.96 -4.72 22.39
CA VAL B 148 6.42 -4.76 22.26
C VAL B 148 6.82 -5.69 21.11
N LYS B 149 7.69 -5.22 20.22
CA LYS B 149 8.41 -6.07 19.28
C LYS B 149 9.88 -6.10 19.68
N LEU B 150 10.47 -7.27 19.83
CA LEU B 150 11.92 -7.42 19.92
C LEU B 150 12.49 -7.43 18.50
N GLU B 151 13.34 -6.48 18.16
CA GLU B 151 14.14 -6.54 16.95
C GLU B 151 15.55 -7.01 17.27
N VAL B 152 16.02 -8.02 16.56
CA VAL B 152 17.39 -8.52 16.63
C VAL B 152 18.12 -8.10 15.36
N ASP B 153 19.23 -7.41 15.47
CA ASP B 153 20.12 -7.17 14.33
C ASP B 153 21.25 -8.19 14.39
N PHE B 154 21.36 -9.02 13.36
CA PHE B 154 22.29 -10.14 13.30
C PHE B 154 22.49 -10.57 11.86
N TRP B 155 23.51 -11.40 11.64
CA TRP B 155 23.66 -12.19 10.42
C TRP B 155 24.39 -13.50 10.70
N GLY B 156 24.26 -14.48 9.82
CA GLY B 156 24.96 -15.75 9.89
C GLY B 156 24.44 -16.71 10.96
N CYS B 157 23.27 -16.47 11.54
CA CYS B 157 22.76 -17.24 12.68
C CYS B 157 21.35 -17.75 12.42
N ARG B 158 20.98 -18.85 13.09
CA ARG B 158 19.59 -19.15 13.40
C ARG B 158 19.42 -18.91 14.89
N ILE B 159 18.57 -17.96 15.26
CA ILE B 159 18.44 -17.48 16.62
C ILE B 159 17.05 -17.81 17.13
N LEU B 160 16.97 -18.47 18.28
CA LEU B 160 15.73 -18.67 19.01
C LEU B 160 15.66 -17.66 20.14
N VAL B 161 14.54 -16.97 20.29
CA VAL B 161 14.36 -15.90 21.27
C VAL B 161 13.50 -16.41 22.41
N PHE B 162 13.94 -16.17 23.64
CA PHE B 162 13.21 -16.41 24.87
C PHE B 162 13.11 -15.10 25.65
N VAL B 163 11.95 -14.73 26.17
CA VAL B 163 11.81 -13.56 27.05
C VAL B 163 11.25 -14.02 28.38
N ASN B 164 12.01 -13.82 29.45
CA ASN B 164 11.69 -14.28 30.80
C ASN B 164 11.43 -15.80 30.89
N GLY B 165 12.07 -16.57 30.02
CA GLY B 165 11.92 -18.02 29.91
C GLY B 165 10.78 -18.49 29.01
N GLU B 166 9.90 -17.61 28.55
CA GLU B 166 8.87 -17.94 27.58
C GLU B 166 9.43 -17.89 26.15
N PHE B 167 9.29 -18.96 25.37
CA PHE B 167 9.77 -19.05 23.99
C PHE B 167 8.97 -18.13 23.07
N ILE B 168 9.61 -17.14 22.46
CA ILE B 168 8.94 -16.13 21.64
C ILE B 168 8.93 -16.51 20.15
N GLY B 169 10.02 -17.03 19.61
CA GLY B 169 10.10 -17.32 18.19
C GLY B 169 11.49 -17.56 17.65
N ARG B 170 11.60 -17.70 16.33
CA ARG B 170 12.86 -17.90 15.60
C ARG B 170 13.08 -16.80 14.59
N ILE B 171 14.33 -16.45 14.36
CA ILE B 171 14.75 -15.57 13.28
C ILE B 171 15.96 -16.20 12.59
N SER B 172 16.03 -16.10 11.28
CA SER B 172 17.11 -16.64 10.44
C SER B 172 17.51 -15.61 9.37
N ASP B 173 18.67 -15.76 8.73
CA ASP B 173 19.12 -14.82 7.70
C ASP B 173 18.10 -14.59 6.60
N ASP B 174 17.40 -15.64 6.22
CA ASP B 174 16.39 -15.68 5.17
C ASP B 174 14.94 -15.51 5.69
N SER B 175 14.75 -15.11 6.94
CA SER B 175 13.42 -14.77 7.47
C SER B 175 12.98 -13.39 6.99
N PRO B 176 11.67 -13.14 6.80
CA PRO B 176 11.19 -11.99 6.05
C PRO B 176 11.23 -10.67 6.82
N GLU B 177 11.38 -10.72 8.15
CA GLU B 177 11.50 -9.56 9.03
C GLU B 177 12.36 -9.93 10.26
N ARG B 178 13.07 -8.96 10.86
CA ARG B 178 13.96 -9.14 12.02
C ARG B 178 13.28 -8.91 13.38
N GLU B 179 11.97 -8.74 13.39
CA GLU B 179 11.17 -8.40 14.56
C GLU B 179 10.28 -9.57 14.99
N LEU B 180 10.26 -9.88 16.28
CA LEU B 180 9.26 -10.75 16.90
C LEU B 180 8.34 -9.96 17.81
N TYR B 181 7.03 -10.12 17.71
CA TYR B 181 6.12 -9.69 18.75
C TYR B 181 6.36 -10.49 20.01
N VAL B 182 6.59 -9.81 21.13
CA VAL B 182 6.66 -10.41 22.45
C VAL B 182 5.43 -9.95 23.25
N PRO B 183 4.54 -10.86 23.67
CA PRO B 183 3.28 -10.50 24.32
C PRO B 183 3.42 -9.83 25.68
N GLU B 184 2.39 -9.12 26.15
CA GLU B 184 2.36 -8.54 27.51
C GLU B 184 2.44 -9.59 28.62
N THR B 185 2.15 -10.85 28.31
CA THR B 185 2.29 -12.02 29.21
C THR B 185 3.73 -12.52 29.32
N ALA B 186 4.60 -12.21 28.35
CA ALA B 186 6.03 -12.49 28.39
C ALA B 186 6.82 -11.37 29.07
N VAL B 187 6.58 -10.11 28.69
CA VAL B 187 7.26 -8.92 29.23
C VAL B 187 6.93 -8.74 30.72
N ARG B 188 7.92 -8.32 31.52
CA ARG B 188 7.79 -7.95 32.92
C ARG B 188 8.01 -6.44 33.09
N ARG B 189 7.30 -5.82 34.03
CA ARG B 189 7.66 -4.52 34.57
C ARG B 189 8.94 -4.66 35.41
N GLY B 190 9.97 -3.88 35.13
CA GLY B 190 11.31 -4.07 35.69
C GLY B 190 12.25 -4.73 34.68
N LEU B 191 13.21 -5.54 35.13
CA LEU B 191 14.17 -6.20 34.25
C LEU B 191 13.58 -7.41 33.53
N ASN B 192 13.84 -7.51 32.23
CA ASN B 192 13.47 -8.63 31.38
C ASN B 192 14.71 -9.43 31.00
N ASN B 193 14.82 -10.69 31.40
CA ASN B 193 15.87 -11.58 30.92
C ASN B 193 15.49 -12.02 29.52
N ILE B 194 16.02 -11.37 28.49
CA ILE B 194 15.80 -11.77 27.11
C ILE B 194 17.07 -12.46 26.61
N THR B 195 16.89 -13.69 26.14
CA THR B 195 17.94 -14.65 25.86
C THR B 195 17.79 -15.18 24.46
N LEU B 196 18.90 -15.27 23.74
CA LEU B 196 19.01 -15.79 22.39
C LEU B 196 19.81 -17.07 22.43
N LEU B 197 19.24 -18.18 21.94
CA LEU B 197 20.01 -19.34 21.51
C LEU B 197 20.39 -19.13 20.04
N ALA B 198 21.63 -18.75 19.77
CA ALA B 198 22.16 -18.63 18.42
C ALA B 198 22.93 -19.90 18.04
N ILE B 199 22.34 -20.73 17.19
CA ILE B 199 23.11 -21.70 16.42
C ILE B 199 23.84 -20.94 15.31
N VAL B 200 25.16 -20.92 15.40
CA VAL B 200 26.06 -20.10 14.58
C VAL B 200 26.35 -20.83 13.28
N THR B 201 25.84 -20.31 12.17
CA THR B 201 25.75 -21.06 10.90
C THR B 201 26.85 -20.76 9.88
N SER B 202 27.66 -19.71 10.05
CA SER B 202 28.62 -19.28 9.02
C SER B 202 29.89 -18.63 9.59
N ARG B 203 31.00 -18.66 8.86
CA ARG B 203 32.26 -17.99 9.26
C ARG B 203 32.17 -16.45 9.32
N SER B 204 31.05 -15.88 8.89
CA SER B 204 30.72 -14.45 8.94
C SER B 204 29.83 -14.03 10.13
N SER B 205 29.30 -14.95 10.93
CA SER B 205 28.20 -14.66 11.88
C SER B 205 28.46 -13.54 12.88
N GLY B 206 27.38 -12.91 13.35
CA GLY B 206 27.38 -12.06 14.53
C GLY B 206 25.99 -11.56 14.88
N ILE B 207 25.82 -11.08 16.12
CA ILE B 207 24.66 -10.29 16.55
C ILE B 207 25.15 -8.87 16.78
N ARG B 208 24.53 -7.89 16.14
CA ARG B 208 24.88 -6.47 16.20
C ARG B 208 24.12 -5.72 17.30
N GLY B 209 22.95 -6.20 17.70
CA GLY B 209 22.22 -5.66 18.84
C GLY B 209 20.81 -6.21 19.02
N LEU B 210 20.23 -5.92 20.18
CA LEU B 210 18.83 -6.13 20.53
C LEU B 210 18.18 -4.78 20.83
N ARG B 211 16.90 -4.62 20.49
CA ARG B 211 16.04 -3.60 21.09
C ARG B 211 14.63 -4.14 21.29
N LEU B 212 13.99 -3.81 22.40
CA LEU B 212 12.53 -3.85 22.48
C LEU B 212 12.03 -2.51 21.95
N LYS B 213 11.20 -2.50 20.92
CA LYS B 213 10.50 -1.31 20.45
C LYS B 213 9.03 -1.41 20.81
N GLU B 214 8.46 -0.39 21.46
CA GLU B 214 7.00 -0.28 21.54
C GLU B 214 6.48 0.17 20.19
N THR B 215 5.57 -0.59 19.58
CA THR B 215 5.11 -0.30 18.21
C THR B 215 4.39 1.06 18.13
N TYR B 216 3.71 1.41 19.22
CA TYR B 216 2.98 2.63 19.51
C TYR B 216 2.68 2.64 21.01
N VAL B 217 2.17 3.76 21.54
CA VAL B 217 1.74 3.86 22.93
C VAL B 217 0.40 4.59 22.98
N HIS B 218 -0.70 3.83 23.03
CA HIS B 218 -2.04 4.36 23.19
C HIS B 218 -2.39 4.61 24.66
N GLU B 219 -3.25 5.59 24.90
CA GLU B 219 -3.84 5.83 26.21
C GLU B 219 -5.11 5.00 26.35
N ARG B 220 -5.16 3.99 27.22
CA ARG B 220 -6.45 3.45 27.65
C ARG B 220 -7.05 4.34 28.73
N LYS B 221 -8.13 5.03 28.37
CA LYS B 221 -8.88 5.95 29.23
C LYS B 221 -10.23 5.34 29.54
N GLU B 222 -10.61 5.32 30.81
CA GLU B 222 -11.93 4.89 31.22
C GLU B 222 -12.94 6.02 30.98
N ILE B 223 -13.85 5.86 30.02
CA ILE B 223 -14.89 6.85 29.71
C ILE B 223 -16.17 6.45 30.46
N VAL B 224 -16.81 7.41 31.11
CA VAL B 224 -17.86 7.18 32.10
C VAL B 224 -19.06 8.05 31.78
N PHE B 225 -20.27 7.50 31.82
CA PHE B 225 -21.53 8.21 31.57
C PHE B 225 -22.41 8.14 32.80
N LYS B 226 -22.72 9.27 33.44
CA LYS B 226 -23.76 9.35 34.48
C LYS B 226 -25.13 9.35 33.80
N LEU B 227 -26.13 8.68 34.33
CA LEU B 227 -27.44 8.53 33.68
C LEU B 227 -28.51 9.46 34.27
N THR C 1 22.72 9.52 -21.40
CA THR C 1 21.39 9.24 -20.79
C THR C 1 20.97 10.33 -19.81
N LEU C 2 19.69 10.69 -19.77
CA LEU C 2 19.12 11.63 -18.80
C LEU C 2 18.28 10.87 -17.78
N LEU C 3 18.68 10.91 -16.51
CA LEU C 3 17.94 10.31 -15.40
C LEU C 3 17.49 11.44 -14.50
N CYS C 4 16.22 11.78 -14.58
CA CYS C 4 15.70 12.98 -13.96
C CYS C 4 14.68 12.68 -12.89
N GLY C 5 14.70 13.54 -11.90
CA GLY C 5 13.53 13.85 -11.10
C GLY C 5 13.08 15.24 -11.46
N GLU C 6 11.79 15.51 -11.34
CA GLU C 6 11.27 16.85 -11.45
C GLU C 6 11.08 17.44 -10.07
N ILE C 7 11.67 18.61 -9.87
CA ILE C 7 11.74 19.32 -8.60
C ILE C 7 11.55 20.79 -8.93
N HIS C 8 10.39 21.34 -8.58
CA HIS C 8 9.95 22.67 -8.94
C HIS C 8 10.45 23.73 -7.96
N TYR C 9 11.42 24.56 -8.33
CA TYR C 9 11.94 25.63 -7.47
C TYR C 9 10.86 26.61 -6.97
N PHE C 10 9.77 26.76 -7.69
CA PHE C 10 8.58 27.55 -7.32
C PHE C 10 7.65 26.85 -6.31
N ARG C 11 7.88 25.57 -5.97
CA ARG C 11 7.11 24.78 -4.98
C ARG C 11 7.92 24.36 -3.76
N VAL C 12 9.22 24.61 -3.78
CA VAL C 12 10.18 24.31 -2.71
C VAL C 12 10.73 25.62 -2.15
N PRO C 13 10.75 25.85 -0.83
CA PRO C 13 11.40 27.00 -0.23
C PRO C 13 12.87 27.12 -0.65
N LYS C 14 13.39 28.31 -0.91
CA LYS C 14 14.76 28.50 -1.42
C LYS C 14 15.85 27.90 -0.54
N HIS C 15 15.65 27.92 0.77
CA HIS C 15 16.56 27.28 1.73
C HIS C 15 16.65 25.76 1.53
N LEU C 16 15.56 25.14 1.12
CA LEU C 16 15.44 23.70 0.94
C LEU C 16 15.81 23.24 -0.47
N TRP C 17 16.12 24.12 -1.42
CA TRP C 17 16.56 23.70 -2.76
C TRP C 17 17.75 22.77 -2.70
N ARG C 18 18.80 23.04 -1.92
CA ARG C 18 19.97 22.17 -1.82
C ARG C 18 19.62 20.83 -1.15
N ASP C 19 18.81 20.88 -0.09
CA ASP C 19 18.30 19.72 0.60
C ASP C 19 17.53 18.76 -0.34
N ARG C 20 16.72 19.29 -1.25
CA ARG C 20 15.93 18.50 -2.20
C ARG C 20 16.69 18.08 -3.45
N LEU C 21 17.52 18.94 -4.01
CA LEU C 21 18.33 18.61 -5.18
C LEU C 21 19.44 17.62 -4.83
N LEU C 22 20.03 17.70 -3.64
CA LEU C 22 21.03 16.74 -3.22
C LEU C 22 20.41 15.37 -2.92
N LYS C 23 19.16 15.30 -2.44
CA LYS C 23 18.41 14.04 -2.37
C LYS C 23 18.19 13.41 -3.73
N LEU C 24 17.95 14.18 -4.79
CA LEU C 24 17.93 13.70 -6.17
C LEU C 24 19.31 13.24 -6.67
N LYS C 25 20.38 14.00 -6.48
CA LYS C 25 21.74 13.58 -6.86
C LYS C 25 22.13 12.26 -6.16
N ARG C 26 21.83 12.14 -4.87
CA ARG C 26 22.04 10.93 -4.05
C ARG C 26 21.18 9.73 -4.45
N ALA C 27 20.10 9.92 -5.20
CA ALA C 27 19.34 8.84 -5.83
C ALA C 27 19.97 8.31 -7.13
N GLY C 28 21.03 8.93 -7.65
CA GLY C 28 21.54 8.67 -9.00
C GLY C 28 20.88 9.52 -10.07
N GLY C 29 20.00 10.47 -9.73
CA GLY C 29 19.56 11.46 -10.71
C GLY C 29 20.75 12.27 -11.18
N ASN C 30 20.88 12.48 -12.49
CA ASN C 30 21.98 13.24 -13.08
C ASN C 30 21.50 14.49 -13.83
N CYS C 31 20.21 14.80 -13.68
CA CYS C 31 19.53 15.89 -14.31
C CYS C 31 18.30 16.28 -13.46
N VAL C 32 17.92 17.56 -13.42
CA VAL C 32 16.67 18.05 -12.82
C VAL C 32 15.73 18.49 -13.94
N SER C 33 14.50 18.04 -13.94
CA SER C 33 13.47 18.75 -14.68
C SER C 33 12.88 19.85 -13.81
N THR C 34 12.47 20.96 -14.41
CA THR C 34 11.54 21.87 -13.75
C THR C 34 10.74 22.61 -14.80
N TYR C 35 9.49 22.96 -14.51
CA TYR C 35 8.85 24.08 -15.18
C TYR C 35 9.47 25.41 -14.79
N ILE C 36 9.21 26.44 -15.58
CA ILE C 36 9.45 27.82 -15.22
C ILE C 36 8.14 28.55 -15.46
N PRO C 37 7.22 28.64 -14.49
CA PRO C 37 5.86 29.09 -14.76
C PRO C 37 5.82 30.57 -15.06
N TRP C 38 5.19 30.97 -16.15
CA TRP C 38 5.08 32.37 -16.56
C TRP C 38 4.38 33.22 -15.51
N ASN C 39 3.26 32.78 -14.94
CA ASN C 39 2.58 33.51 -13.87
C ASN C 39 3.27 33.52 -12.52
N TRP C 40 4.24 32.66 -12.27
CA TRP C 40 5.11 32.78 -11.12
C TRP C 40 6.02 34.01 -11.26
N HIS C 41 6.54 34.25 -12.46
CA HIS C 41 7.50 35.31 -12.75
C HIS C 41 6.91 36.64 -13.21
N ASP C 42 5.80 36.66 -13.95
CA ASP C 42 5.04 37.88 -14.26
C ASP C 42 3.58 37.75 -13.84
N PRO C 43 3.26 37.91 -12.55
CA PRO C 43 1.91 37.71 -12.03
C PRO C 43 0.88 38.74 -12.50
N ARG C 44 1.33 39.95 -12.86
CA ARG C 44 0.50 41.17 -12.84
C ARG C 44 0.76 42.20 -13.94
N GLU C 45 1.28 41.75 -15.09
CA GLU C 45 1.45 42.55 -16.31
C GLU C 45 2.38 43.77 -16.08
N LYS C 46 3.50 43.51 -15.39
CA LYS C 46 4.41 44.55 -14.88
C LYS C 46 5.85 44.25 -15.32
N VAL C 47 6.65 43.64 -14.46
CA VAL C 47 8.04 43.29 -14.72
C VAL C 47 8.27 41.83 -14.31
N VAL C 48 9.04 41.07 -15.10
CA VAL C 48 9.42 39.71 -14.74
C VAL C 48 10.35 39.70 -13.53
N ASN C 49 9.98 38.97 -12.48
CA ASN C 49 10.62 39.06 -11.18
C ASN C 49 12.05 38.49 -11.17
N PHE C 50 12.21 37.17 -11.36
CA PHE C 50 13.51 36.47 -11.34
C PHE C 50 14.40 36.70 -10.09
N THR C 51 13.82 36.98 -8.91
CA THR C 51 14.54 37.22 -7.64
C THR C 51 13.83 36.59 -6.43
N ASP C 52 14.43 36.71 -5.24
CA ASP C 52 13.80 36.33 -3.97
C ASP C 52 12.64 37.23 -3.52
N GLY C 53 12.42 38.38 -4.19
CA GLY C 53 11.32 39.28 -3.87
C GLY C 53 9.95 38.68 -4.11
N THR C 54 8.96 39.06 -3.31
CA THR C 54 7.56 38.67 -3.47
C THR C 54 6.64 39.83 -3.06
N SER C 55 5.47 39.93 -3.69
CA SER C 55 4.52 41.02 -3.47
C SER C 55 3.06 40.51 -3.48
N GLN C 56 2.85 39.33 -2.91
CA GLN C 56 1.55 38.70 -2.66
C GLN C 56 1.46 38.28 -1.20
N TRP C 57 0.35 38.54 -0.51
CA TRP C 57 0.16 38.08 0.88
C TRP C 57 0.13 36.56 0.99
N HIS C 58 -0.23 35.85 -0.08
CA HIS C 58 -0.37 34.39 -0.10
C HIS C 58 0.91 33.65 -0.50
N VAL C 59 2.00 34.32 -0.88
CA VAL C 59 3.27 33.68 -1.19
C VAL C 59 4.28 34.01 -0.09
N ALA C 60 4.65 33.01 0.70
CA ALA C 60 5.61 33.16 1.79
C ALA C 60 6.97 33.68 1.30
N SER C 61 7.66 34.45 2.14
CA SER C 61 8.97 35.05 1.82
C SER C 61 10.03 34.03 1.35
N TYR C 62 9.95 32.79 1.82
CA TYR C 62 10.89 31.74 1.49
C TYR C 62 10.65 31.05 0.14
N TYR C 63 9.53 31.26 -0.55
CA TYR C 63 9.42 30.86 -1.96
C TYR C 63 10.05 31.91 -2.86
N SER C 64 10.80 31.48 -3.87
CA SER C 64 11.60 32.39 -4.69
C SER C 64 11.32 32.26 -6.19
N ARG C 65 11.44 33.39 -6.90
CA ARG C 65 11.49 33.46 -8.37
C ARG C 65 12.92 33.38 -8.89
N ASP C 66 13.92 33.24 -8.05
CA ASP C 66 15.34 33.25 -8.40
C ASP C 66 15.81 31.97 -9.10
N LEU C 67 15.27 31.73 -10.29
CA LEU C 67 15.64 30.61 -11.16
C LEU C 67 17.14 30.60 -11.42
N ALA C 68 17.79 31.74 -11.64
CA ALA C 68 19.23 31.81 -11.82
C ALA C 68 20.00 31.14 -10.67
N SER C 69 19.60 31.37 -9.41
CA SER C 69 20.19 30.65 -8.28
C SER C 69 19.84 29.17 -8.24
N PHE C 70 18.67 28.74 -8.70
CA PHE C 70 18.36 27.31 -8.79
C PHE C 70 19.22 26.63 -9.86
N LEU C 71 19.41 27.26 -11.02
CA LEU C 71 20.28 26.76 -12.08
C LEU C 71 21.75 26.73 -11.64
N GLU C 72 22.26 27.76 -10.98
CA GLU C 72 23.60 27.70 -10.39
C GLU C 72 23.73 26.62 -9.34
N LEU C 73 22.74 26.42 -8.46
CA LEU C 73 22.76 25.36 -7.46
C LEU C 73 22.69 23.96 -8.07
N ALA C 74 21.89 23.74 -9.11
CA ALA C 74 21.91 22.50 -9.87
C ALA C 74 23.30 22.28 -10.50
N GLY C 75 23.93 23.34 -11.00
CA GLY C 75 25.34 23.33 -11.42
C GLY C 75 26.33 22.99 -10.30
N GLU C 76 26.22 23.57 -9.11
CA GLU C 76 27.06 23.23 -7.95
C GLU C 76 26.98 21.74 -7.60
N LEU C 77 25.77 21.20 -7.60
CA LEU C 77 25.49 19.79 -7.33
C LEU C 77 25.84 18.87 -8.52
N GLY C 78 26.27 19.39 -9.66
CA GLY C 78 26.61 18.63 -10.87
C GLY C 78 25.41 18.05 -11.60
N LEU C 79 24.19 18.47 -11.28
CA LEU C 79 22.98 18.09 -12.01
C LEU C 79 22.89 18.93 -13.30
N ARG C 80 22.53 18.29 -14.41
CA ARG C 80 22.05 18.99 -15.60
C ARG C 80 20.62 19.47 -15.39
N VAL C 81 20.06 20.26 -16.29
CA VAL C 81 18.70 20.78 -16.18
C VAL C 81 17.94 20.61 -17.49
N ILE C 82 16.72 20.11 -17.40
CA ILE C 82 15.68 20.28 -18.41
C ILE C 82 14.79 21.42 -17.94
N ALA C 83 14.81 22.52 -18.70
CA ALA C 83 13.93 23.65 -18.48
C ALA C 83 12.63 23.38 -19.24
N ARG C 84 11.49 23.48 -18.58
CA ARG C 84 10.16 23.44 -19.21
C ARG C 84 9.53 24.84 -19.13
N PRO C 85 10.02 25.82 -19.92
CA PRO C 85 9.65 27.23 -19.80
C PRO C 85 8.33 27.62 -20.45
N GLY C 86 7.47 26.66 -20.80
CA GLY C 86 6.34 26.93 -21.68
C GLY C 86 5.46 28.07 -21.18
N PRO C 87 4.79 28.80 -22.08
CA PRO C 87 3.74 29.71 -21.63
C PRO C 87 2.68 28.91 -20.88
N TYR C 88 2.47 27.67 -21.32
CA TYR C 88 1.71 26.65 -20.65
C TYR C 88 2.63 25.56 -20.07
N ILE C 89 2.36 25.19 -18.83
CA ILE C 89 3.06 24.17 -18.06
C ILE C 89 2.16 23.05 -17.53
N CYS C 90 0.83 23.18 -17.53
CA CYS C 90 -0.09 22.24 -16.88
C CYS C 90 0.19 22.16 -15.37
N SER C 91 0.69 21.01 -14.90
CA SER C 91 1.35 20.83 -13.61
C SER C 91 0.47 21.08 -12.40
N GLU C 92 -0.85 21.10 -12.57
CA GLU C 92 -1.79 21.41 -11.50
C GLU C 92 -1.50 22.76 -10.85
N TRP C 93 -0.97 23.68 -11.65
CA TRP C 93 -0.63 25.03 -11.29
C TRP C 93 -1.76 26.00 -11.66
N ASP C 94 -1.75 27.21 -11.12
CA ASP C 94 -2.76 28.23 -11.45
C ASP C 94 -2.73 28.54 -12.94
N SER C 95 -3.87 28.51 -13.61
CA SER C 95 -3.99 28.72 -15.06
C SER C 95 -3.08 27.81 -15.91
N GLY C 96 -2.58 26.73 -15.32
CA GLY C 96 -1.60 25.87 -15.94
C GLY C 96 -0.33 26.58 -16.38
N GLY C 97 0.02 27.73 -15.77
CA GLY C 97 1.18 28.54 -16.13
C GLY C 97 0.86 29.94 -16.66
N HIS C 98 -0.28 30.16 -17.27
CA HIS C 98 -0.60 31.47 -17.86
C HIS C 98 -0.85 32.53 -16.80
N PRO C 99 -0.32 33.76 -16.93
CA PRO C 99 -0.62 34.81 -15.99
C PRO C 99 -1.98 35.41 -16.28
N ASN C 100 -2.77 35.64 -15.24
CA ASN C 100 -4.21 35.78 -15.39
C ASN C 100 -4.63 37.11 -16.05
N TRP C 101 -3.68 37.99 -16.34
CA TRP C 101 -3.86 39.13 -17.23
C TRP C 101 -3.98 38.75 -18.72
N ILE C 102 -3.47 37.62 -19.22
CA ILE C 102 -3.61 37.26 -20.65
C ILE C 102 -5.06 37.01 -21.06
N TYR C 103 -5.94 36.62 -20.15
CA TYR C 103 -7.35 36.46 -20.46
C TYR C 103 -8.03 37.77 -20.91
N THR C 104 -7.47 38.93 -20.52
CA THR C 104 -7.87 40.24 -21.04
C THR C 104 -7.34 40.51 -22.46
N LYS C 105 -6.23 39.87 -22.85
CA LYS C 105 -5.49 40.09 -24.11
C LYS C 105 -5.88 39.15 -25.25
N ALA C 106 -6.29 37.92 -24.94
CA ALA C 106 -6.45 36.84 -25.89
C ALA C 106 -7.63 35.91 -25.56
N MET C 107 -8.58 35.79 -26.49
CA MET C 107 -9.71 34.85 -26.40
C MET C 107 -9.37 33.41 -26.81
N ARG C 108 -8.18 33.18 -27.37
CA ARG C 108 -7.74 31.91 -28.00
C ARG C 108 -6.29 31.60 -27.64
N LEU C 109 -6.11 31.10 -26.42
CA LEU C 109 -4.82 30.74 -25.84
C LEU C 109 -4.19 29.49 -26.49
N ARG C 110 -2.88 29.26 -26.33
CA ARG C 110 -2.13 28.12 -26.89
C ARG C 110 -2.34 27.99 -28.39
N SER C 111 -2.01 29.07 -29.10
CA SER C 111 -2.23 29.27 -30.52
C SER C 111 -1.27 30.31 -31.08
N LEU C 112 -1.20 30.46 -32.40
CA LEU C 112 -0.54 31.58 -33.06
C LEU C 112 -1.42 32.84 -33.17
N ASP C 113 -2.44 33.00 -32.32
CA ASP C 113 -3.16 34.27 -32.18
C ASP C 113 -2.18 35.43 -31.90
N PRO C 114 -2.16 36.54 -32.65
CA PRO C 114 -1.30 37.67 -32.33
C PRO C 114 -1.57 38.29 -30.95
N GLY C 115 -2.74 38.12 -30.35
CA GLY C 115 -2.99 38.51 -28.96
C GLY C 115 -2.17 37.67 -27.97
N TYR C 116 -2.35 36.35 -27.99
CA TYR C 116 -1.59 35.43 -27.15
C TYR C 116 -0.10 35.42 -27.47
N PHE C 117 0.26 35.20 -28.73
CA PHE C 117 1.62 34.84 -29.10
C PHE C 117 2.61 36.01 -28.96
N LYS C 118 2.17 37.26 -29.13
CA LYS C 118 2.97 38.44 -28.81
C LYS C 118 3.45 38.42 -27.36
N HIS C 119 2.57 38.11 -26.42
CA HIS C 119 2.92 37.97 -25.01
C HIS C 119 3.75 36.73 -24.71
N VAL C 120 3.57 35.62 -25.45
CA VAL C 120 4.47 34.46 -25.36
C VAL C 120 5.88 34.79 -25.82
N VAL C 121 6.04 35.57 -26.90
CA VAL C 121 7.37 36.04 -27.35
C VAL C 121 8.05 36.89 -26.29
N GLU C 122 7.33 37.79 -25.61
CA GLU C 122 7.88 38.55 -24.48
C GLU C 122 8.31 37.65 -23.32
N TRP C 123 7.52 36.62 -22.98
CA TRP C 123 7.89 35.62 -22.00
C TRP C 123 9.12 34.81 -22.41
N TYR C 124 9.17 34.28 -23.63
CA TYR C 124 10.34 33.55 -24.10
C TYR C 124 11.57 34.45 -24.18
N ASN C 125 11.48 35.71 -24.58
CA ASN C 125 12.64 36.60 -24.49
C ASN C 125 13.12 36.77 -23.04
N SER C 126 12.19 36.90 -22.10
CA SER C 126 12.51 37.01 -20.67
C SER C 126 13.22 35.77 -20.13
N VAL C 127 12.60 34.59 -20.25
CA VAL C 127 13.14 33.35 -19.68
C VAL C 127 14.34 32.83 -20.43
N LEU C 128 14.42 32.96 -21.76
CA LEU C 128 15.59 32.50 -22.50
C LEU C 128 16.81 33.39 -22.30
N ASN C 129 16.64 34.69 -21.98
CA ASN C 129 17.75 35.53 -21.54
C ASN C 129 18.28 35.10 -20.15
N ILE C 130 17.41 34.67 -19.23
CA ILE C 130 17.83 34.10 -17.94
C ILE C 130 18.54 32.76 -18.14
N LEU C 131 18.03 31.89 -19.03
CA LEU C 131 18.60 30.57 -19.28
C LEU C 131 19.94 30.61 -20.04
N LYS C 132 20.16 31.55 -20.97
CA LYS C 132 21.34 31.57 -21.87
C LYS C 132 22.68 31.29 -21.18
N PRO C 133 23.12 31.99 -20.12
CA PRO C 133 24.41 31.66 -19.47
C PRO C 133 24.47 30.21 -18.98
N TYR C 134 23.41 29.67 -18.40
CA TYR C 134 23.37 28.29 -17.89
C TYR C 134 23.26 27.25 -19.00
N VAL C 135 22.72 27.62 -20.16
CA VAL C 135 22.77 26.83 -21.40
C VAL C 135 24.18 26.80 -21.98
N GLU C 136 24.86 27.95 -22.04
CA GLU C 136 26.26 28.04 -22.51
C GLU C 136 27.24 27.30 -21.58
N ARG C 137 26.96 27.28 -20.28
CA ARG C 137 27.66 26.47 -19.26
C ARG C 137 27.35 24.97 -19.33
N GLU C 138 26.48 24.54 -20.24
CA GLU C 138 26.01 23.16 -20.38
C GLU C 138 25.30 22.63 -19.10
N ILE C 139 24.79 23.51 -18.23
CA ILE C 139 23.93 23.12 -17.11
C ILE C 139 22.55 22.81 -17.66
N VAL C 140 21.94 23.74 -18.39
CA VAL C 140 20.64 23.52 -19.06
C VAL C 140 20.86 22.82 -20.38
N ILE C 141 20.43 21.56 -20.48
CA ILE C 141 20.67 20.67 -21.62
C ILE C 141 19.50 20.52 -22.59
N GLY C 142 18.28 20.90 -22.19
CA GLY C 142 17.09 20.70 -23.01
C GLY C 142 15.95 21.61 -22.61
N ILE C 143 15.24 22.15 -23.60
CA ILE C 143 14.15 23.12 -23.45
C ILE C 143 12.85 22.48 -23.93
N GLN C 144 11.84 22.42 -23.08
CA GLN C 144 10.58 21.74 -23.39
C GLN C 144 9.48 22.78 -23.62
N VAL C 145 8.98 22.93 -24.85
CA VAL C 145 8.30 24.17 -25.25
C VAL C 145 6.89 24.38 -24.69
N GLU C 146 6.06 23.36 -24.56
CA GLU C 146 4.93 23.40 -23.63
C GLU C 146 4.38 22.02 -23.26
N ASN C 147 3.64 21.92 -22.17
CA ASN C 147 3.03 20.66 -21.82
C ASN C 147 1.96 20.29 -22.84
N GLU C 148 1.96 19.03 -23.25
CA GLU C 148 0.77 18.32 -23.69
C GLU C 148 -0.18 19.10 -24.60
N TYR C 149 0.32 19.55 -25.75
CA TYR C 149 -0.55 19.98 -26.84
C TYR C 149 -0.96 18.76 -27.66
N PHE C 150 -1.92 17.97 -27.17
CA PHE C 150 -2.25 16.67 -27.77
C PHE C 150 -2.80 16.75 -29.20
N TRP C 151 -3.28 17.92 -29.62
CA TRP C 151 -4.21 18.09 -30.75
C TRP C 151 -3.54 18.40 -32.08
N GLY C 152 -2.31 18.89 -32.05
CA GLY C 152 -1.37 18.66 -33.13
C GLY C 152 -0.77 19.82 -33.91
N ASN C 153 -1.24 21.07 -33.88
CA ASN C 153 -0.74 22.05 -34.86
C ASN C 153 0.78 22.27 -34.81
N GLU C 154 1.47 21.79 -35.82
CA GLU C 154 2.93 21.91 -35.95
C GLU C 154 3.36 23.38 -35.98
N LYS C 155 2.58 24.26 -36.61
CA LYS C 155 2.93 25.69 -36.78
C LYS C 155 3.23 26.37 -35.44
N TYR C 156 2.35 26.19 -34.46
CA TYR C 156 2.48 26.79 -33.14
C TYR C 156 3.72 26.28 -32.40
N ILE C 157 3.88 24.96 -32.27
CA ILE C 157 5.03 24.37 -31.59
C ILE C 157 6.33 24.63 -32.33
N GLU C 158 6.34 24.69 -33.65
CA GLU C 158 7.52 25.10 -34.40
C GLU C 158 7.86 26.56 -34.20
N LYS C 159 6.90 27.49 -34.06
CA LYS C 159 7.23 28.88 -33.69
C LYS C 159 7.76 28.99 -32.27
N LEU C 160 7.21 28.26 -31.31
CA LEU C 160 7.82 28.15 -29.99
C LEU C 160 9.26 27.65 -30.09
N ALA C 161 9.49 26.57 -30.82
CA ALA C 161 10.81 25.98 -30.99
C ALA C 161 11.77 26.87 -31.76
N GLU C 162 11.30 27.63 -32.75
CA GLU C 162 12.12 28.54 -33.54
C GLU C 162 12.63 29.71 -32.69
N ILE C 163 11.83 30.25 -31.76
CA ILE C 163 12.31 31.26 -30.81
C ILE C 163 13.46 30.70 -29.97
N VAL C 164 13.31 29.46 -29.48
CA VAL C 164 14.36 28.80 -28.72
C VAL C 164 15.60 28.55 -29.58
N GLU C 165 15.46 27.97 -30.76
CA GLU C 165 16.58 27.72 -31.68
C GLU C 165 17.25 29.02 -32.18
N GLU C 166 16.56 30.16 -32.19
CA GLU C 166 17.17 31.47 -32.41
C GLU C 166 17.96 31.97 -31.20
N LYS C 167 17.38 32.02 -30.00
CA LYS C 167 18.04 32.60 -28.81
C LYS C 167 19.05 31.66 -28.16
N LEU C 168 18.88 30.35 -28.28
CA LEU C 168 19.70 29.29 -27.70
C LEU C 168 20.16 28.30 -28.79
N PRO C 169 21.17 28.62 -29.61
CA PRO C 169 21.61 27.76 -30.70
C PRO C 169 22.03 26.35 -30.24
N GLY C 170 21.58 25.32 -30.96
CA GLY C 170 22.05 23.95 -30.83
C GLY C 170 21.53 23.12 -29.64
N VAL C 171 20.64 23.66 -28.79
CA VAL C 171 20.04 22.90 -27.67
C VAL C 171 19.01 21.88 -28.14
N LEU C 172 18.69 20.91 -27.28
CA LEU C 172 17.50 20.07 -27.44
C LEU C 172 16.25 20.92 -27.24
N VAL C 173 15.30 20.87 -28.16
CA VAL C 173 14.01 21.54 -28.06
C VAL C 173 12.93 20.52 -28.34
N PHE C 174 11.89 20.39 -27.51
CA PHE C 174 10.92 19.31 -27.65
C PHE C 174 9.58 19.56 -26.95
N THR C 175 8.55 18.80 -27.30
CA THR C 175 7.19 18.92 -26.74
C THR C 175 6.87 17.72 -25.85
N ASN C 176 6.01 17.89 -24.85
CA ASN C 176 5.64 16.83 -23.91
C ASN C 176 4.98 15.65 -24.61
N GLU C 177 3.84 15.86 -25.28
CA GLU C 177 2.99 14.82 -25.85
C GLU C 177 2.16 15.39 -26.99
N ASP C 178 2.82 15.69 -28.10
CA ASP C 178 2.15 15.97 -29.37
C ASP C 178 2.51 14.88 -30.39
N PRO C 179 1.57 13.97 -30.73
CA PRO C 179 1.83 12.87 -31.66
C PRO C 179 2.14 13.28 -33.11
N TYR C 180 1.90 14.53 -33.49
CA TYR C 180 1.83 14.96 -34.89
C TYR C 180 3.05 15.74 -35.40
N LEU C 181 4.09 15.91 -34.58
CA LEU C 181 5.28 16.69 -34.93
C LEU C 181 6.23 15.93 -35.87
N THR C 182 6.71 16.58 -36.93
CA THR C 182 7.71 16.02 -37.85
C THR C 182 9.15 16.31 -37.43
N ARG C 183 9.58 17.58 -37.35
CA ARG C 183 10.98 17.94 -37.05
C ARG C 183 11.30 18.11 -35.56
N ILE C 184 10.32 18.51 -34.75
CA ILE C 184 10.51 18.77 -33.31
C ILE C 184 10.32 17.46 -32.54
N PRO C 185 11.29 17.00 -31.73
CA PRO C 185 11.11 15.82 -30.91
C PRO C 185 9.88 15.89 -29.99
N ASN C 186 9.26 14.74 -29.78
CA ASN C 186 8.14 14.57 -28.88
C ASN C 186 8.50 13.59 -27.77
N THR C 187 7.95 13.75 -26.57
CA THR C 187 8.15 12.86 -25.44
C THR C 187 6.88 12.15 -25.03
N ILE C 188 6.90 11.45 -23.90
CA ILE C 188 5.72 10.78 -23.35
C ILE C 188 5.59 10.98 -21.85
N ASP C 189 4.35 10.98 -21.42
CA ASP C 189 3.88 11.24 -20.08
C ASP C 189 3.09 10.01 -19.60
N LEU C 190 3.78 8.94 -19.24
CA LEU C 190 3.15 7.67 -18.94
C LEU C 190 2.69 7.59 -17.49
N TYR C 191 1.37 7.74 -17.30
CA TYR C 191 0.66 7.67 -16.01
C TYR C 191 -0.35 6.49 -15.93
N PRO C 192 0.08 5.22 -16.11
CA PRO C 192 -0.84 4.07 -16.14
C PRO C 192 -1.38 3.70 -14.75
N SER C 193 -2.62 3.22 -14.66
CA SER C 193 -3.15 2.65 -13.42
C SER C 193 -2.37 1.39 -13.00
N PRO C 194 -2.16 1.13 -11.69
CA PRO C 194 -1.34 0.01 -11.25
C PRO C 194 -1.72 -1.36 -11.84
N TRP C 195 -0.69 -2.07 -12.28
CA TRP C 195 -0.72 -3.40 -12.90
C TRP C 195 -1.31 -3.45 -14.32
N ASP C 196 -1.70 -2.31 -14.91
CA ASP C 196 -1.99 -2.18 -16.33
C ASP C 196 -0.70 -2.02 -17.17
N MET C 197 0.11 -3.09 -17.25
CA MET C 197 1.28 -3.11 -18.13
C MET C 197 0.91 -3.11 -19.61
N ARG C 198 -0.30 -3.55 -19.98
CA ARG C 198 -0.79 -3.56 -21.37
C ARG C 198 -0.75 -2.17 -21.99
N GLN C 199 -1.32 -1.17 -21.32
CA GLN C 199 -1.25 0.22 -21.80
C GLN C 199 0.18 0.77 -21.74
N PHE C 200 0.94 0.52 -20.67
CA PHE C 200 2.29 1.04 -20.56
C PHE C 200 3.22 0.50 -21.65
N ASP C 201 3.25 -0.81 -21.86
CA ASP C 201 4.01 -1.46 -22.93
C ASP C 201 3.56 -0.99 -24.31
N ASP C 202 2.26 -0.92 -24.59
CA ASP C 202 1.78 -0.47 -25.92
C ASP C 202 2.07 1.01 -26.18
N ARG C 203 1.93 1.89 -25.20
CA ARG C 203 2.33 3.30 -25.35
C ARG C 203 3.84 3.44 -25.52
N LEU C 204 4.66 2.68 -24.80
CA LEU C 204 6.11 2.65 -25.05
C LEU C 204 6.44 2.16 -26.45
N ARG C 205 5.94 0.99 -26.85
CA ARG C 205 6.19 0.39 -28.17
C ARG C 205 5.72 1.29 -29.31
N SER C 206 4.58 1.95 -29.16
CA SER C 206 4.10 2.95 -30.14
C SER C 206 5.09 4.09 -30.25
N TYR C 207 5.41 4.71 -29.12
CA TYR C 207 6.30 5.86 -29.03
C TYR C 207 7.72 5.60 -29.55
N LEU C 208 8.32 4.48 -29.21
CA LEU C 208 9.68 4.12 -29.62
C LEU C 208 9.82 3.95 -31.14
N SER C 209 8.74 3.56 -31.82
CA SER C 209 8.67 3.49 -33.29
C SER C 209 8.44 4.84 -33.99
N SER C 210 7.92 5.84 -33.28
CA SER C 210 7.61 7.18 -33.82
C SER C 210 8.88 8.00 -34.10
N GLN C 211 8.79 8.98 -35.00
CA GLN C 211 9.85 9.97 -35.28
C GLN C 211 11.26 9.35 -35.45
N PRO C 212 11.56 8.69 -36.57
CA PRO C 212 12.86 8.05 -36.78
C PRO C 212 14.05 9.01 -36.65
N GLY C 213 15.03 8.62 -35.83
CA GLY C 213 16.26 9.37 -35.59
C GLY C 213 16.17 10.53 -34.58
N LEU C 214 14.97 10.96 -34.16
CA LEU C 214 14.78 12.03 -33.16
C LEU C 214 14.78 11.50 -31.72
N PHE C 215 15.28 12.32 -30.80
CA PHE C 215 15.38 12.11 -29.36
C PHE C 215 14.13 11.50 -28.70
N LYS C 216 14.31 10.39 -27.97
CA LYS C 216 13.25 9.76 -27.16
C LYS C 216 13.44 10.06 -25.68
N MET C 217 12.37 10.42 -24.98
CA MET C 217 12.35 10.53 -23.53
C MET C 217 10.95 10.30 -22.95
N ILE C 218 10.88 9.65 -21.78
CA ILE C 218 9.68 9.75 -20.94
C ILE C 218 9.82 11.02 -20.14
N MET C 219 9.23 12.11 -20.62
CA MET C 219 9.33 13.39 -19.95
C MET C 219 8.50 13.41 -18.67
N GLU C 220 7.53 12.52 -18.49
CA GLU C 220 6.79 12.39 -17.24
C GLU C 220 6.38 10.95 -16.99
N LEU C 221 7.23 10.17 -16.34
CA LEU C 221 6.84 8.87 -15.78
C LEU C 221 6.06 9.06 -14.47
N GLU C 222 5.16 8.14 -14.11
CA GLU C 222 4.41 8.19 -12.85
C GLU C 222 5.28 7.97 -11.60
N GLY C 223 5.77 9.07 -11.01
CA GLY C 223 6.37 9.11 -9.68
C GLY C 223 5.39 9.26 -8.53
N GLY C 224 4.08 9.15 -8.77
CA GLY C 224 3.03 9.42 -7.80
C GLY C 224 1.79 10.00 -8.48
N TRP C 225 0.92 10.68 -7.73
CA TRP C 225 -0.19 11.47 -8.29
C TRP C 225 -0.62 12.58 -7.31
N PHE C 226 -1.30 13.63 -7.77
CA PHE C 226 -1.70 14.75 -6.92
C PHE C 226 -2.96 14.48 -6.09
N LYS C 227 -3.27 15.35 -5.13
CA LYS C 227 -4.49 15.31 -4.31
C LYS C 227 -5.27 16.62 -4.47
N SER C 228 -6.59 16.53 -4.42
CA SER C 228 -7.52 17.64 -4.64
C SER C 228 -8.51 17.76 -3.51
N SER C 229 -9.05 18.95 -3.28
CA SER C 229 -10.34 19.07 -2.60
C SER C 229 -11.48 18.65 -3.54
N ARG C 230 -12.69 18.58 -3.00
CA ARG C 230 -13.97 18.33 -3.68
C ARG C 230 -14.18 16.92 -4.26
N TYR C 231 -13.15 16.29 -4.82
CA TYR C 231 -13.20 14.95 -5.42
C TYR C 231 -11.91 14.14 -5.20
N GLY C 232 -11.03 14.60 -4.31
CA GLY C 232 -9.73 13.98 -4.07
C GLY C 232 -9.63 13.20 -2.76
N TYR C 233 -8.53 12.47 -2.60
CA TYR C 233 -8.33 11.43 -1.60
C TYR C 233 -6.92 11.52 -1.01
N TYR C 234 -6.67 10.96 0.18
CA TYR C 234 -5.54 11.38 1.03
C TYR C 234 -4.17 11.28 0.34
N PRO C 235 -3.69 10.12 -0.13
CA PRO C 235 -2.34 10.04 -0.64
C PRO C 235 -2.25 10.83 -1.94
N THR C 236 -3.19 10.52 -2.82
CA THR C 236 -3.42 11.04 -4.16
C THR C 236 -4.90 10.81 -4.47
N ASN C 237 -5.44 11.37 -5.54
CA ASN C 237 -6.80 11.06 -6.00
C ASN C 237 -7.01 9.61 -6.49
N ARG C 238 -5.97 8.78 -6.63
CA ARG C 238 -5.98 7.53 -7.39
C ARG C 238 -6.11 6.16 -6.67
N LEU C 239 -6.09 5.93 -5.35
CA LEU C 239 -5.85 6.76 -4.18
C LEU C 239 -4.39 6.73 -3.76
N SER C 240 -3.74 5.57 -3.79
CA SER C 240 -2.30 5.41 -3.56
C SER C 240 -1.66 4.76 -4.77
N ILE C 241 -0.43 5.15 -5.10
CA ILE C 241 0.32 4.54 -6.19
C ILE C 241 1.33 3.60 -5.53
N PRO C 242 1.38 2.30 -5.83
CA PRO C 242 2.33 1.41 -5.18
C PRO C 242 3.78 1.81 -5.48
N PRO C 243 4.70 1.88 -4.51
CA PRO C 243 6.12 2.08 -4.80
C PRO C 243 6.70 0.95 -5.68
N GLU C 244 6.15 -0.26 -5.60
CA GLU C 244 6.48 -1.38 -6.48
C GLU C 244 6.17 -1.07 -7.94
N TRP C 245 5.11 -0.31 -8.20
CA TRP C 245 4.63 0.02 -9.53
C TRP C 245 5.61 0.93 -10.24
N THR C 246 5.99 2.06 -9.64
CA THR C 246 6.97 2.99 -10.22
C THR C 246 8.27 2.29 -10.60
N GLU C 247 8.74 1.34 -9.79
CA GLU C 247 9.97 0.60 -10.09
C GLU C 247 9.81 -0.39 -11.26
N ILE C 248 8.66 -1.03 -11.38
CA ILE C 248 8.34 -1.91 -12.51
C ILE C 248 8.26 -1.13 -13.81
N LEU C 249 7.73 0.10 -13.78
CA LEU C 249 7.64 0.97 -14.94
C LEU C 249 9.01 1.50 -15.36
N LEU C 250 9.85 1.88 -14.40
CA LEU C 250 11.25 2.23 -14.65
C LEU C 250 12.01 1.08 -15.29
N LYS C 251 12.04 -0.09 -14.67
CA LYS C 251 12.75 -1.27 -15.20
C LYS C 251 12.15 -1.77 -16.51
N THR C 252 10.84 -1.64 -16.72
CA THR C 252 10.21 -1.88 -18.02
C THR C 252 10.71 -0.89 -19.06
N ALA C 253 10.72 0.41 -18.79
CA ALA C 253 11.20 1.42 -19.74
C ALA C 253 12.64 1.16 -20.16
N VAL C 254 13.51 0.82 -19.21
CA VAL C 254 14.89 0.36 -19.43
C VAL C 254 14.93 -0.88 -20.30
N GLY C 255 14.13 -1.91 -20.01
CA GLY C 255 14.04 -3.15 -20.79
C GLY C 255 13.48 -2.97 -22.20
N MET C 256 12.58 -2.01 -22.39
CA MET C 256 12.06 -1.59 -23.71
C MET C 256 13.00 -0.64 -24.46
N GLY C 257 14.08 -0.17 -23.84
CA GLY C 257 15.14 0.58 -24.50
C GLY C 257 15.01 2.10 -24.46
N LEU C 258 14.11 2.63 -23.65
CA LEU C 258 14.01 4.07 -23.43
C LEU C 258 15.00 4.48 -22.34
N ASN C 259 16.13 5.09 -22.74
CA ASN C 259 17.19 5.47 -21.80
C ASN C 259 16.83 6.68 -20.94
N ASN C 260 16.25 7.72 -21.56
CA ASN C 260 15.98 9.01 -20.93
C ASN C 260 14.64 8.99 -20.19
N ILE C 261 14.65 9.16 -18.87
CA ILE C 261 13.45 9.04 -18.03
C ILE C 261 13.41 10.18 -17.02
N ASN C 262 12.29 10.89 -16.92
CA ASN C 262 12.00 11.83 -15.85
C ASN C 262 10.83 11.32 -15.03
N ILE C 263 10.99 11.20 -13.71
CA ILE C 263 10.01 10.57 -12.80
C ILE C 263 8.78 11.45 -12.53
N TYR C 264 8.59 12.50 -13.32
CA TYR C 264 7.82 13.66 -12.95
C TYR C 264 8.14 14.01 -11.49
N MET C 265 7.16 14.12 -10.58
CA MET C 265 7.45 14.61 -9.24
C MET C 265 8.34 13.65 -8.48
N PHE C 266 9.60 14.04 -8.38
CA PHE C 266 10.56 13.43 -7.50
C PHE C 266 10.41 13.99 -6.09
N HIS C 267 10.05 15.27 -5.94
CA HIS C 267 9.72 15.87 -4.66
C HIS C 267 8.27 16.36 -4.56
N GLY C 268 7.71 16.99 -5.60
CA GLY C 268 6.38 17.57 -5.46
C GLY C 268 6.43 18.89 -4.67
N GLY C 269 6.59 18.83 -3.36
CA GLY C 269 6.63 20.02 -2.52
C GLY C 269 5.24 20.61 -2.27
N SER C 270 5.11 21.92 -2.41
CA SER C 270 3.96 22.68 -1.89
C SER C 270 3.54 23.75 -2.87
N ASN C 271 2.25 23.95 -3.10
CA ASN C 271 1.75 25.07 -3.88
C ASN C 271 1.80 26.37 -3.04
N PRO C 272 2.45 27.47 -3.50
CA PRO C 272 2.50 28.75 -2.80
C PRO C 272 1.14 29.47 -2.77
N GLY C 273 0.33 29.16 -1.78
CA GLY C 273 -0.98 29.77 -1.58
C GLY C 273 -1.90 29.53 -2.77
N TYR C 274 -2.29 30.61 -3.44
CA TYR C 274 -3.24 30.58 -4.54
C TYR C 274 -2.61 30.38 -5.92
N TYR C 275 -1.30 30.17 -6.00
CA TYR C 275 -0.68 29.50 -7.14
C TYR C 275 -0.93 28.01 -7.12
N THR C 276 -2.13 27.62 -7.50
CA THR C 276 -2.52 26.23 -7.60
C THR C 276 -3.70 26.12 -8.53
N ALA C 277 -3.97 24.95 -9.09
CA ALA C 277 -5.10 24.81 -9.96
C ALA C 277 -6.41 24.95 -9.17
N LYS C 278 -7.51 25.14 -9.87
CA LYS C 278 -8.84 25.03 -9.28
C LYS C 278 -8.99 23.67 -8.57
N TYR C 279 -9.53 23.66 -7.35
CA TYR C 279 -9.71 22.49 -6.47
C TYR C 279 -8.44 21.76 -6.01
N LEU C 280 -7.23 22.26 -6.22
CA LEU C 280 -6.05 21.55 -5.68
C LEU C 280 -5.83 21.82 -4.19
N ALA C 281 -5.19 20.86 -3.51
CA ALA C 281 -4.71 21.06 -2.15
C ALA C 281 -3.45 21.95 -2.13
N SER C 282 -3.12 22.57 -1.00
CA SER C 282 -1.84 23.29 -0.87
C SER C 282 -0.63 22.36 -0.81
N SER C 283 -0.82 21.13 -0.36
CA SER C 283 0.13 20.05 -0.55
C SER C 283 0.24 19.67 -2.03
N TYR C 284 1.44 19.72 -2.59
CA TYR C 284 1.77 19.04 -3.85
C TYR C 284 2.76 17.91 -3.57
N ASP C 285 2.61 17.24 -2.42
CA ASP C 285 3.40 16.07 -2.03
C ASP C 285 3.48 15.01 -3.11
N PHE C 286 2.42 14.91 -3.91
CA PHE C 286 2.29 14.02 -5.06
C PHE C 286 2.47 12.54 -4.73
N GLU C 287 2.55 12.15 -3.44
CA GLU C 287 3.07 10.86 -2.99
C GLU C 287 4.46 10.56 -3.61
N ALA C 288 5.30 11.58 -3.81
CA ALA C 288 6.55 11.50 -4.57
C ALA C 288 7.64 10.68 -3.88
N CYS C 289 8.79 10.47 -4.53
CA CYS C 289 9.98 9.89 -3.92
C CYS C 289 10.35 10.57 -2.60
N ILE C 290 10.63 11.87 -2.66
CA ILE C 290 10.80 12.72 -1.50
C ILE C 290 9.42 13.27 -1.17
N ARG C 291 8.83 12.97 -0.02
CA ARG C 291 7.53 13.53 0.36
C ARG C 291 7.64 15.03 0.58
N GLU C 292 6.55 15.77 0.58
CA GLU C 292 6.57 17.25 0.65
C GLU C 292 7.41 17.80 1.83
N TRP C 293 7.37 17.12 2.96
CA TRP C 293 8.12 17.42 4.17
C TRP C 293 9.58 16.95 4.16
N GLY C 294 10.08 16.34 3.07
CA GLY C 294 11.47 15.91 2.90
C GLY C 294 11.75 14.43 3.16
N GLU C 295 10.73 13.61 3.43
CA GLU C 295 10.91 12.20 3.76
C GLU C 295 11.26 11.34 2.54
N LEU C 296 12.31 10.52 2.63
CA LEU C 296 12.62 9.51 1.62
C LEU C 296 11.64 8.35 1.78
N SER C 297 10.63 8.28 0.91
CA SER C 297 9.61 7.24 0.91
C SER C 297 10.17 5.90 0.39
N GLU C 298 9.38 4.83 0.40
CA GLU C 298 9.79 3.57 -0.23
C GLU C 298 10.09 3.76 -1.72
N ARG C 299 9.31 4.60 -2.39
CA ARG C 299 9.49 4.96 -3.80
C ARG C 299 10.86 5.57 -4.05
N TYR C 300 11.39 6.39 -3.15
CA TYR C 300 12.74 6.94 -3.28
C TYR C 300 13.79 5.86 -3.41
N TYR C 301 13.80 4.90 -2.50
CA TYR C 301 14.80 3.86 -2.42
C TYR C 301 14.72 2.86 -3.57
N ARG C 302 13.51 2.52 -4.00
CA ARG C 302 13.27 1.74 -5.21
C ARG C 302 13.79 2.43 -6.46
N VAL C 303 13.39 3.68 -6.68
CA VAL C 303 13.86 4.53 -7.79
C VAL C 303 15.36 4.67 -7.78
N LYS C 304 15.93 4.95 -6.61
CA LYS C 304 17.36 5.06 -6.35
C LYS C 304 18.14 3.84 -6.79
N ARG C 305 17.63 2.62 -6.60
CA ARG C 305 18.30 1.41 -7.13
C ARG C 305 18.34 1.39 -8.65
N VAL C 306 17.26 1.75 -9.34
CA VAL C 306 17.25 1.80 -10.81
C VAL C 306 18.17 2.91 -11.32
N PHE C 307 18.06 4.12 -10.80
CA PHE C 307 18.93 5.23 -11.19
C PHE C 307 20.40 4.97 -10.85
N THR C 308 20.71 4.26 -9.77
CA THR C 308 22.09 3.83 -9.49
C THR C 308 22.60 2.82 -10.52
N PHE C 309 21.81 1.81 -10.89
CA PHE C 309 22.17 0.87 -11.96
C PHE C 309 22.42 1.60 -13.27
N LEU C 310 21.55 2.53 -13.65
CA LEU C 310 21.65 3.25 -14.92
C LEU C 310 22.83 4.24 -14.99
N ASN C 311 23.37 4.71 -13.86
CA ASN C 311 24.68 5.37 -13.82
C ASN C 311 25.83 4.36 -13.86
N GLY C 312 25.78 3.34 -13.00
CA GLY C 312 26.85 2.36 -12.82
C GLY C 312 27.17 1.57 -14.08
N PHE C 313 26.14 1.31 -14.89
CA PHE C 313 26.21 0.58 -16.16
C PHE C 313 25.81 1.48 -17.34
N GLN C 314 26.12 2.77 -17.30
CA GLN C 314 25.76 3.72 -18.36
C GLN C 314 26.39 3.35 -19.71
N GLU C 315 27.64 2.90 -19.72
CA GLU C 315 28.37 2.43 -20.91
C GLU C 315 27.68 1.23 -21.55
N LEU C 316 27.24 0.27 -20.74
CA LEU C 316 26.43 -0.86 -21.21
C LEU C 316 25.13 -0.33 -21.80
N VAL C 317 24.34 0.39 -21.00
CA VAL C 317 22.96 0.78 -21.29
C VAL C 317 22.84 1.69 -22.51
N THR C 318 23.84 2.53 -22.81
CA THR C 318 23.85 3.34 -24.04
C THR C 318 24.26 2.55 -25.28
N SER C 319 24.90 1.39 -25.16
CA SER C 319 25.32 0.54 -26.30
C SER C 319 24.21 -0.41 -26.78
N LEU C 320 23.09 -0.51 -26.06
CA LEU C 320 22.04 -1.49 -26.26
C LEU C 320 21.18 -1.28 -27.54
N LYS C 321 20.54 -2.35 -28.02
CA LYS C 321 19.55 -2.48 -29.11
C LYS C 321 18.62 -3.69 -28.84
N PRO C 322 17.53 -3.95 -29.58
CA PRO C 322 16.53 -4.97 -29.19
C PRO C 322 17.01 -6.43 -29.11
N GLY C 323 17.60 -6.99 -30.17
CA GLY C 323 18.20 -8.34 -30.19
C GLY C 323 17.23 -9.55 -30.11
N GLU C 324 16.39 -9.63 -29.07
CA GLU C 324 15.36 -10.66 -28.85
C GLU C 324 15.82 -12.10 -29.15
N THR C 325 16.92 -12.51 -28.52
CA THR C 325 17.62 -13.80 -28.74
C THR C 325 17.71 -14.68 -27.48
N VAL C 326 17.62 -14.12 -26.27
CA VAL C 326 17.46 -14.90 -25.02
C VAL C 326 16.01 -15.38 -24.88
N LYS C 327 15.79 -16.59 -24.35
CA LYS C 327 14.46 -17.16 -24.04
C LYS C 327 14.33 -17.46 -22.54
N THR C 328 13.14 -17.34 -21.97
CA THR C 328 12.81 -17.91 -20.65
C THR C 328 12.49 -19.40 -20.75
N ALA C 329 12.79 -20.15 -19.69
CA ALA C 329 12.39 -21.56 -19.56
C ALA C 329 10.95 -21.74 -19.07
N SER C 330 10.39 -20.77 -18.34
CA SER C 330 9.03 -20.82 -17.77
C SER C 330 8.26 -19.52 -18.04
N THR C 331 6.96 -19.58 -18.30
CA THR C 331 6.11 -18.40 -18.60
C THR C 331 5.75 -17.55 -17.37
N CYS C 332 6.31 -17.83 -16.20
CA CYS C 332 6.00 -17.16 -14.94
C CYS C 332 6.50 -15.69 -14.84
N SER C 333 7.53 -15.33 -15.61
CA SER C 333 7.96 -13.93 -15.81
C SER C 333 7.97 -13.58 -17.30
N GLU C 334 7.59 -12.35 -17.59
CA GLU C 334 7.66 -11.73 -18.90
C GLU C 334 9.10 -11.27 -19.16
N LEU C 335 9.71 -11.58 -20.29
CA LEU C 335 11.09 -11.18 -20.59
C LEU C 335 11.12 -10.01 -21.56
N LEU C 336 11.73 -8.90 -21.16
CA LEU C 336 12.08 -7.77 -22.01
C LEU C 336 13.58 -7.73 -22.15
N GLN C 337 14.11 -7.83 -23.36
CA GLN C 337 15.53 -8.07 -23.59
C GLN C 337 16.16 -6.97 -24.43
N ARG C 338 17.45 -6.69 -24.18
CA ARG C 338 18.31 -5.85 -25.00
C ARG C 338 19.67 -6.50 -25.18
N VAL C 339 20.36 -6.26 -26.28
CA VAL C 339 21.71 -6.75 -26.59
C VAL C 339 22.60 -5.57 -26.93
N GLY C 340 23.91 -5.63 -26.65
CA GLY C 340 24.81 -4.48 -26.83
C GLY C 340 26.23 -4.85 -27.26
N ASP C 341 27.04 -3.82 -27.47
CA ASP C 341 28.40 -3.94 -28.00
C ASP C 341 29.33 -4.74 -27.08
N HIS C 342 29.16 -4.61 -25.77
CA HIS C 342 30.01 -5.23 -24.74
C HIS C 342 29.22 -5.81 -23.54
N GLY C 343 27.93 -6.09 -23.72
CA GLY C 343 27.10 -6.78 -22.72
C GLY C 343 25.64 -6.86 -23.15
N LYS C 344 24.77 -7.36 -22.29
CA LYS C 344 23.37 -7.70 -22.61
C LYS C 344 22.50 -7.57 -21.36
N ILE C 345 21.23 -7.23 -21.46
CA ILE C 345 20.33 -7.19 -20.28
C ILE C 345 19.03 -7.94 -20.55
N ALA C 346 18.59 -8.70 -19.56
CA ALA C 346 17.30 -9.37 -19.53
C ALA C 346 16.50 -8.79 -18.37
N VAL C 347 15.45 -8.05 -18.65
CA VAL C 347 14.50 -7.61 -17.63
C VAL C 347 13.42 -8.67 -17.51
N LEU C 348 13.38 -9.34 -16.38
CA LEU C 348 12.39 -10.37 -16.08
C LEU C 348 11.31 -9.78 -15.19
N ARG C 349 10.13 -9.57 -15.74
CA ARG C 349 9.03 -8.88 -15.08
C ARG C 349 8.00 -9.88 -14.58
N ASN C 350 7.77 -9.85 -13.28
CA ASN C 350 6.74 -10.60 -12.59
C ASN C 350 5.69 -9.60 -12.07
N THR C 351 4.62 -9.39 -12.84
CA THR C 351 3.47 -8.59 -12.43
C THR C 351 2.57 -9.28 -11.41
N GLY C 352 2.74 -10.58 -11.17
CA GLY C 352 1.97 -11.36 -10.21
C GLY C 352 2.41 -11.20 -8.76
N ASP C 353 1.54 -11.54 -7.82
CA ASP C 353 1.83 -11.53 -6.38
C ASP C 353 2.40 -12.86 -5.85
N ASN C 354 2.61 -13.86 -6.71
CA ASN C 354 3.42 -15.04 -6.42
C ASN C 354 4.92 -14.78 -6.67
N LEU C 355 5.78 -15.45 -5.93
CA LEU C 355 7.19 -15.55 -6.26
C LEU C 355 7.41 -16.44 -7.49
N CYS C 356 8.25 -15.98 -8.40
CA CYS C 356 8.61 -16.67 -9.63
C CYS C 356 10.05 -17.22 -9.53
N TYR C 357 10.27 -18.45 -9.97
CA TYR C 357 11.61 -19.02 -10.19
C TYR C 357 11.81 -19.27 -11.69
N GLN C 358 12.87 -18.69 -12.25
CA GLN C 358 13.08 -18.58 -13.69
C GLN C 358 14.44 -19.11 -14.14
N ARG C 359 14.56 -19.60 -15.37
CA ARG C 359 15.83 -19.91 -16.03
C ARG C 359 15.84 -19.19 -17.38
N LEU C 360 17.01 -18.83 -17.87
CA LEU C 360 17.19 -18.22 -19.18
C LEU C 360 18.02 -19.13 -20.07
N ILE C 361 17.69 -19.21 -21.35
CA ILE C 361 18.45 -19.92 -22.37
C ILE C 361 19.11 -18.86 -23.25
N ASN C 362 20.45 -18.83 -23.30
CA ASN C 362 21.20 -17.78 -24.01
C ASN C 362 21.81 -18.28 -25.35
N ARG C 363 22.56 -19.38 -25.32
CA ARG C 363 23.23 -19.99 -26.50
C ARG C 363 22.90 -21.48 -26.64
N GLY C 364 21.62 -21.83 -26.53
CA GLY C 364 21.16 -23.22 -26.49
C GLY C 364 21.46 -23.94 -25.18
N GLU C 365 21.85 -23.21 -24.13
CA GLU C 365 22.12 -23.73 -22.78
C GLU C 365 21.43 -22.86 -21.72
N ILE C 366 20.91 -23.50 -20.68
CA ILE C 366 20.36 -22.80 -19.51
C ILE C 366 21.52 -22.17 -18.75
N ILE C 367 21.52 -20.85 -18.57
CA ILE C 367 22.70 -20.15 -18.06
C ILE C 367 22.93 -20.40 -16.56
N PRO C 368 22.05 -19.96 -15.62
CA PRO C 368 22.28 -20.17 -14.20
C PRO C 368 22.10 -21.66 -13.90
N MET C 369 23.17 -22.32 -13.49
CA MET C 369 23.24 -23.78 -13.43
C MET C 369 22.71 -24.33 -12.12
N TRP C 370 23.20 -23.83 -10.98
CA TRP C 370 22.90 -24.39 -9.67
C TRP C 370 21.78 -23.66 -8.92
N THR C 371 21.38 -22.48 -9.39
CA THR C 371 20.26 -21.71 -8.85
C THR C 371 19.26 -21.35 -9.95
N PRO C 372 17.96 -21.28 -9.67
CA PRO C 372 17.04 -20.48 -10.48
C PRO C 372 17.28 -18.98 -10.25
N ILE C 373 16.90 -18.13 -11.20
CA ILE C 373 16.71 -16.71 -10.95
C ILE C 373 15.41 -16.56 -10.15
N ARG C 374 15.51 -16.15 -8.89
CA ARG C 374 14.35 -15.68 -8.13
C ARG C 374 13.84 -14.36 -8.71
N VAL C 375 12.58 -14.26 -9.09
CA VAL C 375 11.94 -12.98 -9.44
C VAL C 375 10.84 -12.70 -8.41
N PRO C 376 11.05 -11.76 -7.46
CA PRO C 376 10.08 -11.41 -6.43
C PRO C 376 8.66 -11.11 -6.96
N PRO C 377 7.61 -11.22 -6.14
CA PRO C 377 6.27 -10.77 -6.52
C PRO C 377 6.22 -9.25 -6.74
N ARG C 378 5.40 -8.78 -7.68
CA ARG C 378 5.25 -7.35 -8.03
C ARG C 378 6.61 -6.70 -8.32
N TYR C 379 7.39 -7.28 -9.22
CA TYR C 379 8.80 -6.93 -9.41
C TYR C 379 9.27 -7.09 -10.85
N ALA C 380 10.32 -6.38 -11.24
CA ALA C 380 11.06 -6.69 -12.45
C ALA C 380 12.53 -6.80 -12.08
N LYS C 381 13.21 -7.89 -12.40
CA LYS C 381 14.63 -8.05 -12.11
C LYS C 381 15.43 -7.78 -13.36
N ILE C 382 16.40 -6.87 -13.31
CA ILE C 382 17.41 -6.75 -14.37
C ILE C 382 18.46 -7.84 -14.13
N VAL C 383 18.36 -8.96 -14.86
CA VAL C 383 19.46 -9.91 -15.00
C VAL C 383 20.46 -9.35 -16.00
N LEU C 384 21.73 -9.35 -15.64
CA LEU C 384 22.82 -8.80 -16.44
C LEU C 384 23.59 -9.97 -17.06
N LEU C 385 23.80 -9.97 -18.37
CA LEU C 385 24.35 -11.09 -19.14
C LEU C 385 25.56 -10.67 -19.96
N ASP C 386 26.51 -11.58 -20.15
CA ASP C 386 27.62 -11.48 -21.11
C ASP C 386 28.50 -10.22 -20.98
N LEU C 387 28.45 -9.51 -19.87
CA LEU C 387 29.07 -8.19 -19.70
C LEU C 387 30.58 -8.29 -19.66
N VAL C 388 31.26 -7.75 -20.67
CA VAL C 388 32.72 -7.58 -20.66
C VAL C 388 33.06 -6.32 -19.88
N VAL C 389 33.67 -6.46 -18.72
CA VAL C 389 34.05 -5.35 -17.84
C VAL C 389 35.23 -4.60 -18.46
N GLU C 390 35.00 -3.36 -18.90
CA GLU C 390 35.86 -2.70 -19.90
C GLU C 390 37.29 -2.42 -19.39
N GLY C 391 38.30 -2.74 -20.21
CA GLY C 391 39.72 -2.59 -19.86
C GLY C 391 40.25 -3.64 -18.89
N THR C 392 39.55 -4.77 -18.72
CA THR C 392 39.86 -5.83 -17.76
C THR C 392 39.70 -7.22 -18.39
N PRO C 393 40.32 -8.28 -17.82
CA PRO C 393 40.11 -9.64 -18.30
C PRO C 393 38.77 -10.26 -17.91
N PHE C 394 37.89 -9.55 -17.19
CA PHE C 394 36.70 -10.14 -16.58
C PHE C 394 35.45 -9.98 -17.44
N LYS C 395 34.77 -11.08 -17.70
CA LYS C 395 33.42 -11.11 -18.26
C LYS C 395 32.45 -11.66 -17.21
N LEU C 396 31.48 -10.86 -16.80
CA LEU C 396 30.39 -11.26 -15.93
C LEU C 396 29.33 -11.96 -16.78
N VAL C 397 29.52 -13.25 -17.02
CA VAL C 397 28.74 -14.09 -17.96
C VAL C 397 27.24 -14.06 -17.65
N TYR C 398 26.88 -14.14 -16.38
CA TYR C 398 25.58 -13.74 -15.90
C TYR C 398 25.68 -13.39 -14.42
N THR C 399 24.71 -12.63 -13.93
CA THR C 399 24.39 -12.60 -12.50
C THR C 399 22.90 -12.79 -12.31
N SER C 400 22.52 -13.75 -11.48
CA SER C 400 21.14 -14.00 -11.05
C SER C 400 20.64 -12.95 -10.05
N GLY C 401 21.54 -12.24 -9.37
CA GLY C 401 21.22 -11.07 -8.56
C GLY C 401 21.29 -9.80 -9.41
N GLU C 402 20.56 -8.75 -9.01
CA GLU C 402 20.69 -7.46 -9.68
C GLU C 402 22.03 -6.82 -9.34
N ALA C 403 22.84 -6.44 -10.33
CA ALA C 403 23.93 -5.54 -10.06
C ALA C 403 23.38 -4.14 -9.78
N LEU C 404 23.76 -3.53 -8.65
CA LEU C 404 23.46 -2.13 -8.32
C LEU C 404 24.41 -1.19 -9.03
N LEU C 405 25.69 -1.50 -8.99
CA LEU C 405 26.78 -0.57 -9.28
C LEU C 405 27.97 -1.35 -9.83
N MET C 406 28.77 -0.69 -10.65
CA MET C 406 30.12 -1.08 -11.01
C MET C 406 31.02 0.17 -10.93
N LYS C 407 32.24 0.03 -10.43
CA LYS C 407 33.22 1.12 -10.24
C LYS C 407 34.65 0.60 -10.41
N ARG C 408 35.61 1.44 -10.79
CA ARG C 408 37.02 1.08 -10.94
C ARG C 408 37.87 1.78 -9.88
N LEU C 409 38.64 1.00 -9.11
CA LEU C 409 39.55 1.41 -8.05
C LEU C 409 40.95 0.81 -8.34
N GLY C 410 41.77 1.49 -9.13
CA GLY C 410 43.13 1.03 -9.47
C GLY C 410 43.13 -0.33 -10.20
N ASP C 411 43.73 -1.35 -9.59
CA ASP C 411 43.72 -2.73 -10.09
C ASP C 411 42.33 -3.40 -10.07
N THR C 412 41.42 -2.89 -9.25
CA THR C 412 40.17 -3.57 -8.89
C THR C 412 38.99 -2.95 -9.59
N VAL C 413 38.13 -3.75 -10.22
CA VAL C 413 36.73 -3.38 -10.42
C VAL C 413 35.94 -3.84 -9.22
N VAL C 414 35.08 -2.96 -8.70
CA VAL C 414 34.10 -3.26 -7.66
C VAL C 414 32.76 -3.40 -8.33
N MET C 415 32.02 -4.45 -8.04
CA MET C 415 30.63 -4.57 -8.45
C MET C 415 29.77 -4.93 -7.24
N ILE C 416 28.66 -4.23 -7.05
CA ILE C 416 27.73 -4.50 -5.95
C ILE C 416 26.55 -5.23 -6.56
N ILE C 417 26.18 -6.38 -6.01
CA ILE C 417 25.08 -7.24 -6.48
C ILE C 417 24.13 -7.49 -5.31
N TYR C 418 22.83 -7.55 -5.56
CA TYR C 418 21.86 -7.76 -4.49
C TYR C 418 20.77 -8.77 -4.81
N GLY C 419 20.16 -9.25 -3.73
CA GLY C 419 19.01 -10.12 -3.69
C GLY C 419 18.26 -9.90 -2.37
N ASP C 420 17.15 -10.57 -2.16
CA ASP C 420 16.44 -10.52 -0.89
C ASP C 420 17.06 -11.46 0.16
N HIS C 421 16.67 -11.36 1.43
CA HIS C 421 17.21 -12.26 2.46
C HIS C 421 16.84 -13.71 2.20
N GLY C 422 17.84 -14.60 2.25
CA GLY C 422 17.68 -16.00 1.92
C GLY C 422 17.56 -16.29 0.42
N GLU C 423 17.74 -15.30 -0.45
CA GLU C 423 17.88 -15.53 -1.89
C GLU C 423 19.23 -16.18 -2.19
N TYR C 424 19.24 -17.19 -3.05
CA TYR C 424 20.48 -17.68 -3.65
C TYR C 424 20.65 -17.00 -5.00
N THR C 425 21.73 -16.25 -5.18
CA THR C 425 22.13 -15.75 -6.49
C THR C 425 23.40 -16.45 -6.92
N GLU C 426 23.45 -16.83 -8.18
CA GLU C 426 24.65 -17.30 -8.82
C GLU C 426 25.18 -16.25 -9.79
N THR C 427 26.47 -15.97 -9.69
CA THR C 427 27.20 -15.07 -10.58
C THR C 427 28.32 -15.83 -11.25
N ALA C 428 28.35 -15.86 -12.58
CA ALA C 428 29.42 -16.49 -13.33
C ALA C 428 30.43 -15.43 -13.79
N VAL C 429 31.70 -15.62 -13.48
CA VAL C 429 32.80 -14.75 -13.89
C VAL C 429 33.76 -15.55 -14.75
N GLU C 430 33.98 -15.13 -15.99
CA GLU C 430 34.91 -15.74 -16.94
C GLU C 430 36.12 -14.83 -17.13
N VAL C 431 37.33 -15.36 -16.94
CA VAL C 431 38.55 -14.55 -16.92
C VAL C 431 39.44 -14.89 -18.12
N GLU C 432 39.68 -13.93 -19.01
CA GLU C 432 40.33 -14.17 -20.31
C GLU C 432 41.82 -14.50 -20.21
N GLY C 433 42.46 -14.19 -19.08
CA GLY C 433 43.80 -14.67 -18.67
C GLY C 433 43.78 -15.84 -17.67
N GLY C 434 42.63 -16.49 -17.48
CA GLY C 434 42.39 -17.50 -16.44
C GLY C 434 42.20 -16.91 -15.03
N VAL C 435 41.42 -17.59 -14.20
CA VAL C 435 41.30 -17.28 -12.76
C VAL C 435 42.60 -17.70 -12.07
N LEU C 436 43.25 -16.76 -11.37
CA LEU C 436 44.43 -17.04 -10.55
C LEU C 436 44.02 -17.65 -9.21
N ASP C 437 43.09 -16.99 -8.52
CA ASP C 437 42.47 -17.49 -7.29
C ASP C 437 41.18 -16.72 -6.97
N VAL C 438 40.36 -17.22 -6.04
CA VAL C 438 39.25 -16.45 -5.46
C VAL C 438 39.34 -16.42 -3.93
N ASP C 439 39.44 -15.22 -3.34
CA ASP C 439 39.26 -15.02 -1.90
C ASP C 439 37.78 -14.75 -1.57
N ILE C 440 37.32 -15.07 -0.35
CA ILE C 440 35.94 -14.78 0.08
C ILE C 440 35.82 -14.30 1.54
N GLN C 441 34.73 -13.60 1.83
CA GLN C 441 34.18 -13.44 3.17
C GLN C 441 32.66 -13.66 3.14
N GLY C 442 32.13 -14.36 4.14
CA GLY C 442 30.72 -14.69 4.24
C GLY C 442 30.29 -15.91 3.42
N ASP C 443 28.98 -16.14 3.33
CA ASP C 443 28.35 -17.31 2.72
C ASP C 443 28.38 -17.30 1.18
N VAL C 444 29.60 -17.32 0.63
CA VAL C 444 29.92 -17.50 -0.80
C VAL C 444 30.43 -18.91 -1.03
N LEU C 445 29.86 -19.62 -1.99
CA LEU C 445 30.31 -20.93 -2.45
C LEU C 445 30.96 -20.80 -3.84
N ILE C 446 32.18 -21.30 -3.98
CA ILE C 446 32.98 -21.21 -5.21
C ILE C 446 32.95 -22.54 -5.95
N ARG C 447 32.61 -22.53 -7.24
CA ARG C 447 32.79 -23.65 -8.17
C ARG C 447 33.68 -23.19 -9.32
N ARG C 448 34.84 -23.79 -9.54
CA ARG C 448 35.80 -23.38 -10.57
C ARG C 448 35.88 -24.42 -11.67
N GLU C 449 35.73 -23.98 -12.92
CA GLU C 449 35.68 -24.82 -14.11
C GLU C 449 36.37 -24.10 -15.28
N GLY C 450 37.62 -24.46 -15.57
CA GLY C 450 38.43 -23.77 -16.57
C GLY C 450 38.61 -22.29 -16.25
N GLU C 451 38.39 -21.42 -17.23
CA GLU C 451 38.50 -19.96 -17.09
C GLU C 451 37.35 -19.32 -16.28
N ARG C 452 36.39 -20.10 -15.76
CA ARG C 452 35.24 -19.60 -14.99
C ARG C 452 35.32 -19.89 -13.51
N ALA C 453 35.02 -18.87 -12.71
CA ALA C 453 34.54 -19.02 -11.34
C ALA C 453 33.02 -18.79 -11.31
N TYR C 454 32.27 -19.76 -10.81
CA TYR C 454 30.85 -19.61 -10.52
C TYR C 454 30.69 -19.39 -9.02
N LEU C 455 30.01 -18.31 -8.66
CA LEU C 455 29.94 -17.81 -7.30
C LEU C 455 28.48 -17.91 -6.87
N VAL C 456 28.15 -18.83 -5.97
CA VAL C 456 26.78 -19.01 -5.47
C VAL C 456 26.71 -18.42 -4.08
N VAL C 457 25.84 -17.44 -3.90
CA VAL C 457 25.81 -16.60 -2.70
C VAL C 457 24.43 -16.66 -2.08
N ASN C 458 24.38 -16.97 -0.79
CA ASN C 458 23.18 -16.92 0.00
C ASN C 458 23.08 -15.53 0.65
N HIS C 459 22.20 -14.67 0.15
CA HIS C 459 22.07 -13.30 0.63
C HIS C 459 21.54 -13.20 2.07
N THR C 460 22.13 -12.32 2.86
CA THR C 460 21.77 -12.06 4.27
C THR C 460 21.94 -10.57 4.59
N HIS C 461 21.62 -10.14 5.81
CA HIS C 461 21.71 -8.74 6.24
C HIS C 461 23.14 -8.26 6.50
N GLY C 462 23.96 -8.28 5.46
CA GLY C 462 25.35 -7.88 5.48
C GLY C 462 25.94 -7.97 4.08
N GLU C 463 27.27 -7.83 3.98
CA GLU C 463 27.99 -8.01 2.72
C GLU C 463 28.75 -9.32 2.72
N HIS C 464 28.59 -10.09 1.65
CA HIS C 464 29.49 -11.17 1.33
C HIS C 464 30.45 -10.65 0.25
N LEU C 465 31.74 -10.91 0.40
CA LEU C 465 32.76 -10.46 -0.55
C LEU C 465 33.28 -11.67 -1.30
N ALA C 466 33.46 -11.56 -2.60
CA ALA C 466 34.32 -12.43 -3.37
C ALA C 466 35.34 -11.57 -4.11
N ILE C 467 36.62 -11.96 -4.11
CA ILE C 467 37.66 -11.27 -4.87
C ILE C 467 38.26 -12.27 -5.85
N VAL C 468 37.76 -12.25 -7.10
CA VAL C 468 38.33 -13.02 -8.20
C VAL C 468 39.59 -12.33 -8.67
N LYS C 469 40.72 -13.03 -8.66
CA LYS C 469 42.01 -12.52 -9.13
C LYS C 469 42.25 -13.03 -10.56
N SER C 470 42.66 -12.15 -11.47
CA SER C 470 43.18 -12.59 -12.77
C SER C 470 44.68 -12.83 -12.71
N THR C 471 45.22 -13.67 -13.60
CA THR C 471 46.69 -13.90 -13.71
C THR C 471 47.46 -12.60 -14.01
N ARG C 472 46.81 -11.63 -14.66
CA ARG C 472 47.35 -10.32 -15.03
C ARG C 472 47.42 -9.31 -13.88
N GLY C 473 46.90 -9.66 -12.70
CA GLY C 473 46.91 -8.81 -11.50
C GLY C 473 45.78 -7.78 -11.42
N GLN C 474 44.94 -7.67 -12.46
CA GLN C 474 43.62 -7.03 -12.33
C GLN C 474 42.73 -7.90 -11.43
N ASN C 475 41.87 -7.28 -10.62
CA ASN C 475 40.97 -7.98 -9.71
C ASN C 475 39.51 -7.58 -9.94
N LEU C 476 38.59 -8.50 -9.68
CA LEU C 476 37.17 -8.20 -9.60
C LEU C 476 36.69 -8.50 -8.19
N LEU C 477 36.33 -7.45 -7.47
CA LEU C 477 35.69 -7.53 -6.17
C LEU C 477 34.19 -7.49 -6.38
N LEU C 478 33.51 -8.59 -6.11
CA LEU C 478 32.06 -8.64 -6.05
C LEU C 478 31.61 -8.53 -4.61
N ILE C 479 30.69 -7.62 -4.35
CA ILE C 479 30.12 -7.38 -3.04
C ILE C 479 28.63 -7.73 -3.13
N PHE C 480 28.18 -8.67 -2.33
CA PHE C 480 26.82 -9.16 -2.38
C PHE C 480 26.06 -8.66 -1.15
N THR C 481 24.99 -7.90 -1.33
CA THR C 481 24.23 -7.23 -0.27
C THR C 481 22.76 -7.63 -0.32
N CYS C 482 22.01 -7.57 0.76
CA CYS C 482 20.56 -7.62 0.66
C CYS C 482 20.01 -6.37 -0.06
N ARG C 483 18.77 -6.42 -0.54
CA ARG C 483 18.12 -5.33 -1.29
C ARG C 483 18.07 -4.02 -0.50
N CYS C 484 17.71 -4.04 0.78
CA CYS C 484 17.61 -2.86 1.62
C CYS C 484 18.95 -2.15 1.87
N ARG C 485 20.08 -2.85 1.85
CA ARG C 485 21.42 -2.23 1.92
C ARG C 485 21.93 -1.74 0.58
N ALA C 486 21.46 -2.28 -0.54
CA ALA C 486 21.65 -1.66 -1.86
C ALA C 486 20.82 -0.38 -2.01
N GLU C 487 19.60 -0.36 -1.49
CA GLU C 487 18.76 0.84 -1.37
C GLU C 487 19.42 1.94 -0.55
N LYS C 488 20.18 1.58 0.48
CA LYS C 488 20.87 2.47 1.39
C LYS C 488 22.38 2.40 1.20
N THR C 489 22.79 2.37 -0.07
CA THR C 489 24.17 2.56 -0.52
C THR C 489 24.34 3.97 -1.09
N TRP C 490 25.36 4.72 -0.70
CA TRP C 490 25.66 6.04 -1.26
C TRP C 490 27.06 6.16 -1.83
N ILE C 491 27.15 6.56 -3.09
CA ILE C 491 28.37 7.00 -3.76
C ILE C 491 28.60 8.47 -3.38
N VAL C 492 29.08 8.71 -2.17
CA VAL C 492 29.28 10.06 -1.62
C VAL C 492 30.48 10.79 -2.25
N ASP C 493 31.39 10.03 -2.87
CA ASP C 493 32.37 10.48 -3.85
C ASP C 493 32.60 9.35 -4.86
N GLU C 494 33.16 9.66 -6.02
CA GLU C 494 33.54 8.64 -7.01
C GLU C 494 34.58 7.65 -6.47
N ASP C 495 35.31 8.02 -5.42
CA ASP C 495 36.22 7.15 -4.67
C ASP C 495 35.75 6.95 -3.21
N LEU C 496 34.44 6.92 -2.94
CA LEU C 496 33.90 6.62 -1.61
C LEU C 496 32.45 6.11 -1.70
N VAL C 497 32.24 4.80 -1.54
CA VAL C 497 30.90 4.18 -1.56
C VAL C 497 30.57 3.61 -0.18
N LEU C 498 29.47 4.05 0.41
CA LEU C 498 29.01 3.58 1.72
C LEU C 498 27.80 2.68 1.54
N ILE C 499 27.94 1.40 1.84
CA ILE C 499 26.86 0.43 1.88
C ILE C 499 26.39 0.34 3.33
N SER C 500 25.11 0.60 3.60
CA SER C 500 24.71 0.92 4.95
C SER C 500 23.24 0.63 5.22
N ASN C 501 22.83 0.72 6.47
CA ASN C 501 21.42 0.82 6.83
C ASN C 501 20.96 2.29 6.92
N ILE C 502 21.86 3.27 6.75
CA ILE C 502 21.64 4.68 7.07
C ILE C 502 20.50 5.23 6.23
N TYR C 503 19.61 6.04 6.78
CA TYR C 503 18.46 6.58 6.07
C TYR C 503 18.87 7.49 4.91
N TYR C 504 19.78 8.44 5.11
CA TYR C 504 20.29 9.36 4.08
C TYR C 504 21.73 9.79 4.38
N ILE C 505 22.56 10.04 3.37
CA ILE C 505 23.98 10.41 3.55
C ILE C 505 24.32 11.88 3.31
N GLY C 506 23.46 12.67 2.66
CA GLY C 506 23.58 14.13 2.73
C GLY C 506 24.85 14.73 2.13
N ASP C 507 25.17 15.95 2.57
CA ASP C 507 26.29 16.74 2.09
C ASP C 507 27.64 16.15 2.49
N SER C 508 28.70 16.60 1.84
CA SER C 508 30.06 16.10 2.07
C SER C 508 31.12 17.19 1.94
N ARG C 509 32.21 17.03 2.69
CA ARG C 509 33.42 17.83 2.68
C ARG C 509 34.59 16.86 2.45
N ILE C 510 34.85 16.58 1.17
CA ILE C 510 35.94 15.70 0.70
C ILE C 510 37.28 16.45 0.83
N ASP C 511 37.72 16.66 2.06
CA ASP C 511 38.98 17.37 2.36
C ASP C 511 40.21 16.52 2.06
N GLU C 512 41.36 17.16 1.83
CA GLU C 512 42.68 16.55 1.67
C GLU C 512 43.25 16.05 3.01
N GLY C 513 42.53 15.13 3.65
CA GLY C 513 42.68 14.71 5.04
C GLY C 513 41.48 15.15 5.89
N LYS C 514 40.90 14.23 6.67
CA LYS C 514 39.64 14.38 7.42
C LYS C 514 38.42 14.67 6.51
N VAL C 515 38.01 13.67 5.74
CA VAL C 515 36.74 13.68 5.00
C VAL C 515 35.54 13.70 5.97
N VAL C 516 34.48 14.44 5.66
CA VAL C 516 33.29 14.54 6.51
C VAL C 516 32.01 14.40 5.70
N ILE C 517 30.99 13.69 6.19
CA ILE C 517 29.69 13.52 5.53
C ILE C 517 28.52 13.73 6.51
N ASN C 518 27.43 14.33 6.05
CA ASN C 518 26.27 14.72 6.86
C ASN C 518 25.20 13.62 6.90
N ALA C 519 25.46 12.50 7.58
CA ALA C 519 24.52 11.40 7.67
C ALA C 519 23.27 11.76 8.46
N GLU C 520 22.12 11.26 8.03
CA GLU C 520 20.86 11.36 8.76
C GLU C 520 20.34 9.98 9.11
N LEU C 521 20.17 9.73 10.41
CA LEU C 521 19.86 8.41 10.96
C LEU C 521 18.43 8.38 11.47
N ASP C 522 17.65 7.42 10.99
CA ASP C 522 16.39 6.98 11.58
C ASP C 522 16.60 5.78 12.52
N GLU C 523 15.55 5.25 13.13
CA GLU C 523 15.65 4.12 14.06
C GLU C 523 16.03 2.78 13.40
N ASP C 524 16.18 2.72 12.07
CA ASP C 524 16.71 1.56 11.36
C ASP C 524 18.20 1.73 10.99
N SER C 525 18.76 2.93 11.14
CA SER C 525 20.01 3.33 10.51
C SER C 525 21.31 2.80 11.13
N CYS C 526 21.24 2.23 12.32
CA CYS C 526 22.38 1.62 12.99
C CYS C 526 22.68 0.20 12.48
N GLY C 527 23.76 -0.41 12.95
CA GLY C 527 24.30 -1.65 12.42
C GLY C 527 25.53 -1.40 11.57
N ARG C 528 25.93 -2.36 10.71
CA ARG C 528 27.18 -2.22 9.97
C ARG C 528 27.11 -1.19 8.84
N LEU C 529 28.18 -0.42 8.76
CA LEU C 529 28.52 0.47 7.66
C LEU C 529 29.73 -0.14 6.95
N LEU C 530 29.61 -0.38 5.66
CA LEU C 530 30.67 -0.95 4.84
C LEU C 530 31.12 0.10 3.83
N VAL C 531 32.40 0.45 3.85
CA VAL C 531 32.96 1.57 3.09
C VAL C 531 33.90 1.01 2.02
N VAL C 532 33.65 1.32 0.76
CA VAL C 532 34.48 0.91 -0.38
C VAL C 532 35.19 2.12 -0.97
N THR C 533 36.51 2.12 -1.02
CA THR C 533 37.32 3.31 -1.38
C THR C 533 38.79 2.97 -1.59
N SER C 534 39.49 3.72 -2.45
CA SER C 534 40.95 3.69 -2.59
C SER C 534 41.68 4.50 -1.52
N ARG C 535 40.97 5.37 -0.78
CA ARG C 535 41.55 6.15 0.31
C ARG C 535 41.93 5.24 1.47
N GLU C 536 43.08 5.49 2.09
CA GLU C 536 43.50 4.74 3.27
C GLU C 536 42.80 5.29 4.52
N ILE C 537 41.60 4.78 4.82
CA ILE C 537 40.84 5.19 5.99
C ILE C 537 41.55 4.72 7.26
N GLU C 538 42.05 5.67 8.05
CA GLU C 538 42.81 5.44 9.29
C GLU C 538 41.89 5.32 10.52
N ALA C 539 40.77 6.04 10.51
CA ALA C 539 39.73 5.96 11.52
C ALA C 539 38.38 6.40 10.93
N ILE C 540 37.27 5.95 11.53
CA ILE C 540 35.94 6.48 11.27
C ILE C 540 35.36 6.91 12.62
N SER C 541 34.76 8.10 12.68
CA SER C 541 34.06 8.61 13.83
C SER C 541 32.65 9.03 13.43
N LEU C 542 31.72 8.95 14.35
CA LEU C 542 30.38 9.51 14.20
C LEU C 542 30.16 10.49 15.35
N GLU C 543 29.96 11.77 15.05
CA GLU C 543 29.71 12.83 16.03
C GLU C 543 30.70 12.80 17.22
N ASP C 544 32.00 12.66 16.90
CA ASP C 544 33.13 12.50 17.83
C ASP C 544 33.15 11.20 18.67
N LEU C 545 32.18 10.29 18.54
CA LEU C 545 32.36 8.90 18.97
C LEU C 545 33.28 8.19 17.97
N ASP C 546 34.33 7.51 18.46
CA ASP C 546 35.19 6.68 17.61
C ASP C 546 34.49 5.35 17.27
N LEU C 547 34.47 4.95 15.99
CA LEU C 547 33.93 3.66 15.55
C LEU C 547 35.08 2.68 15.26
N ASP C 548 34.87 1.40 15.60
CA ASP C 548 35.83 0.32 15.34
C ASP C 548 35.90 -0.04 13.84
N LEU C 549 37.10 -0.24 13.31
CA LEU C 549 37.35 -0.61 11.92
C LEU C 549 37.84 -2.06 11.77
N THR C 550 37.33 -2.76 10.76
CA THR C 550 38.03 -3.92 10.18
C THR C 550 38.28 -3.64 8.69
N ARG C 551 39.54 -3.63 8.24
CA ARG C 551 39.87 -3.58 6.81
C ARG C 551 39.72 -4.97 6.20
N LEU C 552 38.57 -5.27 5.59
CA LEU C 552 38.24 -6.59 5.05
C LEU C 552 39.16 -7.00 3.90
N SER C 553 39.55 -6.03 3.07
CA SER C 553 40.38 -6.18 1.87
C SER C 553 40.93 -4.80 1.49
N LYS C 554 41.89 -4.71 0.56
CA LYS C 554 42.59 -3.47 0.19
C LYS C 554 41.68 -2.24 0.01
N TYR C 555 40.50 -2.42 -0.56
CA TYR C 555 39.55 -1.35 -0.86
C TYR C 555 38.34 -1.28 0.08
N VAL C 556 38.24 -2.12 1.13
CA VAL C 556 37.00 -2.27 1.92
C VAL C 556 37.24 -2.19 3.42
N TYR C 557 36.45 -1.35 4.09
CA TYR C 557 36.43 -1.20 5.55
C TYR C 557 35.02 -1.48 6.10
N ALA C 558 34.86 -2.41 7.03
CA ALA C 558 33.67 -2.52 7.85
C ALA C 558 33.81 -1.70 9.12
N THR C 559 32.68 -1.17 9.60
CA THR C 559 32.54 -0.51 10.90
C THR C 559 31.09 -0.61 11.36
N HIS C 560 30.80 -0.36 12.64
CA HIS C 560 29.45 -0.50 13.19
C HIS C 560 29.01 0.81 13.80
N ILE C 561 27.86 1.33 13.38
CA ILE C 561 27.16 2.41 14.08
C ILE C 561 26.35 1.75 15.21
N PRO C 562 26.61 2.02 16.50
CA PRO C 562 25.94 1.31 17.59
C PRO C 562 24.43 1.50 17.57
N LEU C 563 23.64 0.49 17.94
CA LEU C 563 22.17 0.59 18.02
C LEU C 563 21.70 1.61 19.07
N SER C 564 22.57 2.01 20.00
CA SER C 564 22.34 3.11 20.94
C SER C 564 22.39 4.52 20.31
N MET C 565 22.93 4.69 19.10
CA MET C 565 23.02 6.01 18.44
C MET C 565 21.67 6.53 17.96
N CYS C 566 20.90 5.72 17.22
CA CYS C 566 19.62 6.15 16.67
C CYS C 566 18.54 6.28 17.77
N ARG C 567 17.54 7.13 17.53
CA ARG C 567 16.38 7.38 18.40
C ARG C 567 15.09 7.31 17.59
N SER C 568 14.02 6.85 18.22
CA SER C 568 12.65 6.93 17.70
C SER C 568 11.87 7.98 18.48
N GLY C 569 11.27 8.96 17.78
CA GLY C 569 10.59 10.09 18.39
C GLY C 569 9.69 10.82 17.39
N LYS C 570 8.57 11.37 17.86
CA LYS C 570 7.47 11.90 17.05
C LYS C 570 6.60 12.86 17.88
N ASN C 571 7.23 13.88 18.46
CA ASN C 571 6.62 14.81 19.42
C ASN C 571 5.47 15.64 18.81
N THR C 572 4.53 16.09 19.65
CA THR C 572 3.47 17.05 19.28
C THR C 572 3.44 18.25 20.22
N TYR C 573 3.11 19.40 19.68
CA TYR C 573 3.12 20.70 20.34
C TYR C 573 1.76 21.35 20.17
N HIS C 574 1.22 21.90 21.26
CA HIS C 574 -0.15 22.42 21.33
C HIS C 574 -0.15 23.90 21.70
N PRO C 575 -1.17 24.68 21.31
CA PRO C 575 -1.29 26.08 21.72
C PRO C 575 -1.21 26.31 23.23
N LEU C 576 -0.59 27.42 23.63
CA LEU C 576 -0.79 27.97 24.96
C LEU C 576 -2.20 28.55 25.11
N GLU C 577 -2.67 29.27 24.09
CA GLU C 577 -3.92 30.00 24.09
C GLU C 577 -4.49 30.10 22.67
N TYR C 578 -5.82 30.22 22.55
CA TYR C 578 -6.52 30.56 21.32
C TYR C 578 -7.22 31.91 21.50
N ARG C 579 -6.97 32.88 20.62
CA ARG C 579 -7.53 34.24 20.65
C ARG C 579 -8.38 34.46 19.41
N LEU C 580 -9.64 34.88 19.57
CA LEU C 580 -10.56 35.12 18.46
C LEU C 580 -10.67 36.61 18.14
N LEU C 581 -10.65 36.96 16.86
CA LEU C 581 -11.00 38.28 16.34
C LEU C 581 -11.98 38.12 15.18
N GLU C 582 -13.12 38.80 15.21
CA GLU C 582 -13.94 38.96 14.01
C GLU C 582 -13.35 40.05 13.12
N ASP C 583 -13.01 39.68 11.88
CA ASP C 583 -12.68 40.62 10.82
C ASP C 583 -13.91 41.47 10.45
N PRO C 584 -13.82 42.80 10.37
CA PRO C 584 -14.94 43.62 9.86
C PRO C 584 -15.21 43.38 8.35
N VAL C 585 -14.41 42.54 7.67
CA VAL C 585 -14.48 42.11 6.28
C VAL C 585 -14.19 43.21 5.27
N PHE C 586 -14.82 44.38 5.38
CA PHE C 586 -14.74 45.46 4.39
C PHE C 586 -13.64 46.48 4.70
N HIS C 587 -12.67 46.62 3.79
CA HIS C 587 -11.66 47.68 3.82
C HIS C 587 -12.14 48.91 3.05
N THR C 588 -12.16 48.84 1.72
CA THR C 588 -12.75 49.81 0.79
C THR C 588 -13.35 49.08 -0.40
N LEU C 589 -14.44 49.61 -0.96
CA LEU C 589 -15.19 49.02 -2.07
C LEU C 589 -15.04 49.87 -3.34
N THR C 590 -14.86 49.25 -4.50
CA THR C 590 -14.96 49.92 -5.80
C THR C 590 -16.04 49.29 -6.66
N SER C 591 -16.71 50.08 -7.49
CA SER C 591 -17.84 49.62 -8.31
C SER C 591 -17.37 48.68 -9.44
N ILE C 592 -18.13 47.61 -9.68
CA ILE C 592 -17.93 46.64 -10.76
C ILE C 592 -19.25 46.46 -11.52
N ASN C 593 -19.20 46.22 -12.83
CA ASN C 593 -20.42 45.96 -13.59
C ASN C 593 -20.97 44.56 -13.29
N PRO C 594 -22.30 44.38 -13.19
CA PRO C 594 -22.90 43.08 -12.99
C PRO C 594 -22.46 42.03 -14.01
N SER C 595 -22.20 40.81 -13.53
CA SER C 595 -21.65 39.67 -14.29
C SER C 595 -20.23 39.84 -14.84
N SER C 596 -19.54 40.98 -14.65
CA SER C 596 -18.19 41.15 -15.20
C SER C 596 -17.16 40.40 -14.35
N PRO C 597 -16.28 39.58 -14.97
CA PRO C 597 -15.18 38.96 -14.24
C PRO C 597 -14.23 39.98 -13.61
N LEU C 598 -13.71 39.66 -12.43
CA LEU C 598 -12.79 40.56 -11.73
C LEU C 598 -11.44 40.73 -12.45
N LEU C 599 -11.05 39.83 -13.35
CA LEU C 599 -9.87 40.01 -14.21
C LEU C 599 -10.05 41.06 -15.31
N LYS C 600 -11.26 41.20 -15.85
CA LYS C 600 -11.62 42.33 -16.74
C LYS C 600 -11.60 43.68 -16.00
N ASN C 601 -11.61 43.64 -14.67
CA ASN C 601 -11.48 44.77 -13.76
C ASN C 601 -10.08 44.87 -13.10
N GLY C 602 -9.08 44.17 -13.65
CA GLY C 602 -7.67 44.29 -13.24
C GLY C 602 -7.25 43.49 -12.01
N PHE C 603 -8.13 42.66 -11.46
CA PHE C 603 -7.82 41.78 -10.33
C PHE C 603 -7.24 40.45 -10.80
N TYR C 604 -5.95 40.42 -11.12
CA TYR C 604 -5.28 39.23 -11.68
C TYR C 604 -4.91 38.15 -10.65
N GLU C 605 -5.07 38.41 -9.35
CA GLU C 605 -4.82 37.44 -8.30
C GLU C 605 -6.00 36.47 -8.09
N ASN C 606 -5.71 35.23 -7.75
CA ASN C 606 -6.67 34.33 -7.12
C ASN C 606 -6.83 34.71 -5.64
N GLY C 607 -7.59 33.94 -4.87
CA GLY C 607 -7.77 34.16 -3.44
C GLY C 607 -9.12 34.77 -3.10
N ILE C 608 -9.19 35.42 -1.94
CA ILE C 608 -10.42 35.99 -1.40
C ILE C 608 -10.73 37.34 -2.06
N TYR C 609 -11.99 37.54 -2.40
CA TYR C 609 -12.62 38.78 -2.77
C TYR C 609 -13.92 38.88 -1.99
N VAL C 610 -14.32 40.07 -1.55
CA VAL C 610 -15.70 40.26 -1.11
C VAL C 610 -16.42 41.16 -2.10
N TYR C 611 -17.53 40.67 -2.62
CA TYR C 611 -18.51 41.50 -3.32
C TYR C 611 -19.52 42.04 -2.33
N ARG C 612 -19.93 43.30 -2.50
CA ARG C 612 -21.22 43.81 -2.02
C ARG C 612 -22.11 44.05 -3.22
N LEU C 613 -23.29 43.47 -3.23
CA LEU C 613 -24.33 43.71 -4.24
C LEU C 613 -25.44 44.50 -3.55
N ARG C 614 -25.86 45.64 -4.10
CA ARG C 614 -27.00 46.40 -3.58
C ARG C 614 -28.22 46.15 -4.47
N LEU C 615 -28.88 45.02 -4.23
CA LEU C 615 -29.96 44.52 -5.05
C LEU C 615 -31.25 45.28 -4.76
N HIS C 616 -32.02 45.62 -5.80
CA HIS C 616 -33.30 46.34 -5.65
C HIS C 616 -34.47 45.39 -5.84
N LEU C 617 -35.39 45.38 -4.87
CA LEU C 617 -36.62 44.59 -4.91
C LEU C 617 -37.82 45.48 -4.52
N ASP C 618 -39.02 45.07 -4.91
CA ASP C 618 -40.24 45.87 -4.83
C ASP C 618 -41.48 44.96 -4.76
N LYS C 619 -42.68 45.47 -5.11
CA LYS C 619 -43.92 44.69 -5.19
C LYS C 619 -43.83 43.44 -6.10
N LYS C 620 -42.86 43.32 -7.00
CA LYS C 620 -42.61 42.07 -7.75
C LYS C 620 -42.29 40.86 -6.86
N GLN C 621 -41.93 41.05 -5.58
CA GLN C 621 -41.86 39.94 -4.61
C GLN C 621 -43.20 39.24 -4.39
N LEU C 622 -44.33 39.93 -4.56
CA LEU C 622 -45.67 39.35 -4.55
C LEU C 622 -45.97 38.50 -5.81
N GLY C 623 -45.22 38.73 -6.89
CA GLY C 623 -45.21 37.93 -8.12
C GLY C 623 -44.19 36.77 -8.10
N ASP C 624 -43.43 36.61 -7.03
CA ASP C 624 -42.49 35.50 -6.86
C ASP C 624 -43.22 34.19 -6.45
N LEU C 625 -42.66 33.05 -6.85
CA LEU C 625 -43.26 31.72 -6.63
C LEU C 625 -43.04 31.23 -5.19
N LEU C 626 -43.86 30.26 -4.78
CA LEU C 626 -43.92 29.72 -3.42
C LEU C 626 -42.57 29.16 -2.90
N ASP C 627 -41.70 28.69 -3.80
CA ASP C 627 -40.36 28.20 -3.47
C ASP C 627 -39.47 29.30 -2.85
N LYS C 628 -39.59 30.56 -3.31
CA LYS C 628 -38.98 31.76 -2.70
C LYS C 628 -37.47 31.63 -2.38
N HIS C 629 -36.69 31.09 -3.31
CA HIS C 629 -35.22 31.09 -3.23
C HIS C 629 -34.60 32.31 -3.90
N LEU C 630 -33.42 32.69 -3.44
CA LEU C 630 -32.48 33.55 -4.16
C LEU C 630 -31.30 32.66 -4.56
N ALA C 631 -30.87 32.70 -5.81
CA ALA C 631 -29.78 31.88 -6.30
C ALA C 631 -28.64 32.74 -6.81
N LEU C 632 -27.43 32.51 -6.30
CA LEU C 632 -26.20 33.11 -6.83
C LEU C 632 -25.57 32.05 -7.73
N ILE C 633 -25.42 32.35 -9.01
CA ILE C 633 -25.11 31.34 -10.03
C ILE C 633 -23.97 31.82 -10.90
N GLY C 634 -23.01 30.96 -11.22
CA GLY C 634 -21.91 31.30 -12.09
C GLY C 634 -20.90 32.16 -11.36
N PHE C 635 -20.23 31.59 -10.39
CA PHE C 635 -19.13 32.26 -9.71
C PHE C 635 -17.98 31.30 -9.48
N SER C 636 -16.80 31.85 -9.23
CA SER C 636 -15.58 31.06 -9.22
C SER C 636 -15.25 30.42 -7.88
N ASP C 637 -15.75 29.21 -7.76
CA ASP C 637 -15.23 28.10 -6.98
C ASP C 637 -15.24 28.13 -5.44
N TYR C 638 -15.69 29.19 -4.79
CA TYR C 638 -16.30 29.10 -3.46
C TYR C 638 -16.88 30.44 -3.06
N ALA C 639 -18.06 30.46 -2.47
CA ALA C 639 -18.61 31.66 -1.88
C ALA C 639 -19.40 31.35 -0.63
N VAL C 640 -19.35 32.27 0.32
CA VAL C 640 -20.23 32.37 1.48
C VAL C 640 -21.06 33.62 1.32
N VAL C 641 -22.38 33.50 1.34
CA VAL C 641 -23.33 34.59 1.07
C VAL C 641 -24.05 35.00 2.33
N SER C 642 -24.23 36.30 2.52
CA SER C 642 -25.02 36.91 3.58
C SER C 642 -26.00 37.91 2.98
N ILE C 643 -27.28 37.86 3.34
CA ILE C 643 -28.35 38.72 2.80
C ILE C 643 -28.90 39.58 3.93
N ASN C 644 -28.81 40.90 3.79
CA ASN C 644 -29.17 41.88 4.82
C ASN C 644 -28.51 41.56 6.18
N ASN C 645 -27.22 41.20 6.14
CA ASN C 645 -26.38 40.77 7.27
C ASN C 645 -26.78 39.45 7.95
N GLU C 646 -27.67 38.65 7.36
CA GLU C 646 -27.97 37.28 7.80
C GLU C 646 -27.29 36.27 6.87
N TYR C 647 -26.49 35.34 7.39
CA TYR C 647 -25.92 34.25 6.60
C TYR C 647 -27.02 33.44 5.89
N ALA C 648 -26.83 33.24 4.58
CA ALA C 648 -27.87 32.74 3.68
C ALA C 648 -27.49 31.44 2.95
N GLY C 649 -26.21 31.15 2.78
CA GLY C 649 -25.74 29.91 2.15
C GLY C 649 -24.28 29.97 1.73
N SER C 650 -23.67 28.82 1.48
CA SER C 650 -22.35 28.74 0.86
C SER C 650 -22.27 27.58 -0.13
N GLY C 651 -21.29 27.61 -1.02
CA GLY C 651 -21.09 26.56 -2.02
C GLY C 651 -20.10 26.96 -3.10
N TYR C 652 -19.98 26.12 -4.12
CA TYR C 652 -18.88 26.17 -5.08
C TYR C 652 -19.08 27.04 -6.33
N HIS C 653 -20.15 26.86 -7.10
CA HIS C 653 -20.40 27.66 -8.33
C HIS C 653 -21.83 28.14 -8.49
N TYR C 654 -22.67 27.68 -7.59
CA TYR C 654 -24.12 27.79 -7.58
C TYR C 654 -24.53 27.64 -6.12
N ILE C 655 -25.26 28.62 -5.58
CA ILE C 655 -25.82 28.58 -4.23
C ILE C 655 -27.27 28.95 -4.37
N GLU C 656 -28.17 28.18 -3.76
CA GLU C 656 -29.59 28.49 -3.77
C GLU C 656 -30.10 28.75 -2.34
N MET C 657 -29.85 29.98 -1.87
CA MET C 657 -30.27 30.48 -0.58
C MET C 657 -31.80 30.52 -0.45
N SER C 658 -32.36 30.20 0.71
CA SER C 658 -33.75 30.59 1.01
C SER C 658 -33.81 32.11 1.22
N ALA C 659 -34.70 32.81 0.52
CA ALA C 659 -34.73 34.28 0.51
C ALA C 659 -35.41 34.92 1.74
N ASP C 660 -35.19 34.35 2.92
CA ASP C 660 -35.88 34.69 4.17
C ASP C 660 -35.76 36.17 4.54
N SER C 661 -34.56 36.74 4.37
CA SER C 661 -34.20 38.08 4.82
C SER C 661 -34.29 39.16 3.74
N LEU C 662 -34.82 38.87 2.54
CA LEU C 662 -35.11 39.93 1.55
C LEU C 662 -36.29 40.81 1.96
N ARG C 663 -36.28 42.05 1.48
CA ARG C 663 -37.23 43.13 1.80
C ARG C 663 -37.52 44.00 0.57
N GLU C 664 -38.60 44.78 0.57
CA GLU C 664 -38.77 45.88 -0.39
C GLU C 664 -37.67 46.95 -0.23
N GLY C 665 -37.26 47.57 -1.33
CA GLY C 665 -36.19 48.55 -1.39
C GLY C 665 -34.82 47.94 -1.63
N VAL C 666 -33.77 48.60 -1.14
CA VAL C 666 -32.38 48.15 -1.30
C VAL C 666 -32.07 47.01 -0.33
N ASN C 667 -31.51 45.93 -0.87
CA ASN C 667 -31.03 44.77 -0.14
C ASN C 667 -29.52 44.67 -0.30
N GLU C 668 -28.77 44.69 0.79
CA GLU C 668 -27.35 44.38 0.75
C GLU C 668 -27.14 42.86 0.73
N VAL C 669 -26.47 42.35 -0.29
CA VAL C 669 -25.95 40.98 -0.31
C VAL C 669 -24.43 41.04 -0.27
N THR C 670 -23.80 40.37 0.69
CA THR C 670 -22.35 40.24 0.76
C THR C 670 -21.94 38.84 0.35
N VAL C 671 -20.97 38.74 -0.54
CA VAL C 671 -20.47 37.47 -1.06
C VAL C 671 -18.97 37.44 -0.79
N ILE C 672 -18.56 36.77 0.27
CA ILE C 672 -17.15 36.45 0.49
C ILE C 672 -16.82 35.28 -0.43
N LEU C 673 -16.12 35.56 -1.52
CA LEU C 673 -15.79 34.64 -2.58
C LEU C 673 -14.31 34.26 -2.49
N GLU C 674 -14.00 32.99 -2.50
CA GLU C 674 -12.62 32.51 -2.60
C GLU C 674 -12.42 31.79 -3.93
N SER C 675 -11.51 32.30 -4.74
CA SER C 675 -11.09 31.66 -5.99
C SER C 675 -9.83 30.84 -5.75
N THR C 676 -9.95 29.53 -5.81
CA THR C 676 -8.92 28.54 -5.43
C THR C 676 -7.74 28.51 -6.39
N GLY C 677 -7.87 29.10 -7.56
CA GLY C 677 -6.97 28.90 -8.69
C GLY C 677 -7.79 28.89 -9.96
N HIS C 678 -7.26 29.31 -11.09
CA HIS C 678 -7.85 28.94 -12.37
C HIS C 678 -7.57 27.46 -12.66
N PRO C 679 -8.30 26.82 -13.58
CA PRO C 679 -8.01 25.46 -13.99
C PRO C 679 -6.63 25.38 -14.67
N ASN C 680 -6.05 24.19 -14.70
CA ASN C 680 -4.73 23.97 -15.26
C ASN C 680 -4.71 23.38 -16.67
N ASP C 681 -5.84 23.29 -17.35
CA ASP C 681 -5.75 23.36 -18.81
C ASP C 681 -5.36 24.81 -19.15
N GLY C 682 -5.02 25.07 -20.41
CA GLY C 682 -4.65 26.41 -20.86
C GLY C 682 -5.47 26.87 -22.05
N LEU C 683 -6.72 26.43 -22.17
CA LEU C 683 -7.54 26.64 -23.36
C LEU C 683 -8.79 27.46 -23.04
N LEU C 684 -9.41 27.22 -21.89
CA LEU C 684 -10.66 27.85 -21.51
C LEU C 684 -10.39 29.00 -20.55
N TYR C 685 -10.99 30.15 -20.79
CA TYR C 685 -11.10 31.22 -19.83
C TYR C 685 -12.20 30.87 -18.83
N VAL C 686 -11.84 30.33 -17.66
CA VAL C 686 -12.78 30.12 -16.56
C VAL C 686 -12.62 31.29 -15.61
N PRO C 687 -13.54 32.27 -15.59
CA PRO C 687 -13.26 33.55 -14.96
C PRO C 687 -13.33 33.45 -13.44
N ASN C 688 -12.49 34.21 -12.72
CA ASN C 688 -12.70 34.44 -11.29
C ASN C 688 -13.77 35.51 -11.06
N GLY C 689 -14.36 35.48 -9.88
CA GLY C 689 -15.49 36.33 -9.49
C GLY C 689 -16.83 35.74 -9.88
N ILE C 690 -17.87 36.57 -9.84
CA ILE C 690 -19.22 36.22 -10.28
C ILE C 690 -19.35 36.61 -11.77
N TYR C 691 -19.13 35.64 -12.67
CA TYR C 691 -19.30 35.79 -14.11
C TYR C 691 -20.75 35.57 -14.57
N GLY C 692 -21.58 34.94 -13.75
CA GLY C 692 -23.02 34.79 -13.89
C GLY C 692 -23.78 35.90 -13.16
N GLY C 693 -24.73 35.56 -12.29
CA GLY C 693 -25.61 36.56 -11.67
C GLY C 693 -26.46 36.05 -10.52
N VAL C 694 -27.38 36.89 -10.06
CA VAL C 694 -28.32 36.60 -8.97
C VAL C 694 -29.74 36.47 -9.52
N TYR C 695 -30.48 35.42 -9.15
CA TYR C 695 -31.78 35.06 -9.69
C TYR C 695 -32.81 34.73 -8.59
N LEU C 696 -34.11 34.91 -8.86
CA LEU C 696 -35.20 34.71 -7.90
C LEU C 696 -36.13 33.55 -8.27
N GLY C 697 -36.61 32.86 -7.24
CA GLY C 697 -37.56 31.77 -7.32
C GLY C 697 -36.94 30.45 -7.78
N ARG C 698 -37.81 29.47 -8.01
CA ARG C 698 -37.52 28.30 -8.84
C ARG C 698 -38.83 27.85 -9.47
N VAL C 699 -39.10 28.37 -10.66
CA VAL C 699 -40.29 28.04 -11.44
C VAL C 699 -40.27 26.55 -11.83
N GLY C 700 -39.08 26.01 -12.09
CA GLY C 700 -38.93 24.62 -12.48
C GLY C 700 -37.48 24.19 -12.59
N GLU C 701 -37.30 22.93 -12.96
CA GLU C 701 -36.01 22.29 -13.14
C GLU C 701 -36.14 21.28 -14.28
N ILE C 702 -35.61 21.62 -15.45
CA ILE C 702 -35.65 20.79 -16.65
C ILE C 702 -34.39 19.93 -16.65
N ARG C 703 -34.51 18.65 -16.31
CA ARG C 703 -33.38 17.71 -16.36
C ARG C 703 -33.16 17.23 -17.79
N LEU C 704 -31.89 17.14 -18.20
CA LEU C 704 -31.49 16.84 -19.58
C LEU C 704 -30.78 15.49 -19.63
N TYR C 705 -31.53 14.41 -19.85
CA TYR C 705 -30.99 13.03 -19.86
C TYR C 705 -31.42 12.16 -21.05
N LYS C 706 -32.21 12.68 -21.99
CA LYS C 706 -32.58 11.96 -23.23
C LYS C 706 -31.67 12.38 -24.38
N TRP C 707 -30.39 12.01 -24.35
CA TRP C 707 -29.43 12.41 -25.36
C TRP C 707 -29.41 11.44 -26.55
N ARG C 708 -29.24 11.98 -27.75
CA ARG C 708 -28.86 11.28 -28.99
C ARG C 708 -27.36 11.51 -29.16
N LYS C 709 -26.53 10.48 -29.35
CA LYS C 709 -25.08 10.64 -29.53
C LYS C 709 -24.74 10.39 -30.99
N THR C 710 -24.17 11.39 -31.67
CA THR C 710 -24.10 11.45 -33.14
C THR C 710 -22.72 11.16 -33.73
N GLY C 711 -21.73 10.78 -32.90
CA GLY C 711 -20.46 10.18 -33.36
C GLY C 711 -19.46 11.11 -34.04
N PHE C 712 -19.58 12.43 -33.86
CA PHE C 712 -18.71 13.44 -34.47
C PHE C 712 -17.21 13.23 -34.19
N GLU C 713 -16.37 13.44 -35.20
CA GLU C 713 -14.90 13.31 -35.10
C GLU C 713 -14.22 14.69 -35.17
N ILE C 714 -13.51 15.07 -34.11
CA ILE C 714 -12.70 16.29 -34.09
C ILE C 714 -11.42 16.04 -34.91
N PRO C 715 -11.08 16.88 -35.90
CA PRO C 715 -10.05 16.57 -36.90
C PRO C 715 -8.60 16.84 -36.41
N TYR C 716 -8.20 16.28 -35.27
CA TYR C 716 -6.86 16.44 -34.69
C TYR C 716 -5.75 16.03 -35.68
N GLY C 717 -4.63 16.75 -35.70
CA GLY C 717 -3.56 16.51 -36.67
C GLY C 717 -2.54 17.64 -36.76
N PRO C 718 -1.52 17.52 -37.63
CA PRO C 718 -0.47 18.53 -37.78
C PRO C 718 -0.97 19.93 -38.19
N GLY C 719 -2.18 20.05 -38.75
CA GLY C 719 -2.80 21.33 -39.10
C GLY C 719 -3.90 21.82 -38.15
N PHE C 720 -4.16 21.14 -37.03
CA PHE C 720 -5.33 21.42 -36.20
C PHE C 720 -4.99 22.27 -34.97
N ASP C 721 -5.58 23.47 -34.90
CA ASP C 721 -5.48 24.37 -33.75
C ASP C 721 -6.75 24.27 -32.92
N LEU C 722 -6.61 23.76 -31.70
CA LEU C 722 -7.73 23.57 -30.79
C LEU C 722 -8.38 24.89 -30.36
N ALA C 723 -7.61 25.97 -30.27
CA ALA C 723 -8.14 27.26 -29.86
C ALA C 723 -8.98 27.91 -30.98
N GLU C 724 -8.57 27.74 -32.23
CA GLU C 724 -9.42 28.10 -33.38
C GLU C 724 -10.70 27.27 -33.37
N PHE C 725 -10.64 25.96 -33.08
CA PHE C 725 -11.82 25.12 -33.06
C PHE C 725 -12.80 25.47 -31.92
N ILE C 726 -12.30 25.72 -30.70
CA ILE C 726 -13.13 26.17 -29.57
C ILE C 726 -13.78 27.52 -29.87
N ALA C 727 -13.11 28.44 -30.59
CA ALA C 727 -13.69 29.71 -31.00
C ALA C 727 -14.65 29.61 -32.21
N ASN C 728 -14.33 28.79 -33.22
CA ASN C 728 -15.07 28.61 -34.47
C ASN C 728 -15.40 27.12 -34.73
N PRO C 729 -16.26 26.49 -33.92
CA PRO C 729 -16.54 25.06 -34.01
C PRO C 729 -17.31 24.68 -35.28
N GLU C 730 -16.82 23.70 -36.03
CA GLU C 730 -17.51 23.10 -37.19
C GLU C 730 -18.68 22.13 -36.92
N PRO C 731 -18.97 21.56 -35.72
CA PRO C 731 -20.21 20.80 -35.50
C PRO C 731 -21.50 21.58 -35.76
N VAL C 732 -21.47 22.91 -35.93
CA VAL C 732 -22.63 23.67 -36.41
C VAL C 732 -23.11 23.14 -37.78
N ILE C 733 -22.19 22.73 -38.66
CA ILE C 733 -22.55 22.07 -39.94
C ILE C 733 -23.27 20.74 -39.68
N LYS C 734 -22.77 19.91 -38.76
CA LYS C 734 -23.38 18.61 -38.44
C LYS C 734 -24.64 18.69 -37.59
N ALA C 735 -24.86 19.79 -36.87
CA ALA C 735 -26.13 20.09 -36.24
C ALA C 735 -27.20 20.48 -37.29
N LEU C 736 -26.83 21.26 -38.31
CA LEU C 736 -27.70 21.55 -39.46
C LEU C 736 -27.98 20.29 -40.30
N GLN C 737 -26.96 19.49 -40.58
CA GLN C 737 -27.04 18.21 -41.30
C GLN C 737 -27.42 17.03 -40.39
N GLU C 738 -28.44 17.20 -39.56
CA GLU C 738 -28.88 16.26 -38.51
C GLU C 738 -27.73 15.81 -37.59
N GLU D 1 -31.62 8.08 -26.65
CA GLU D 1 -30.82 6.84 -26.50
C GLU D 1 -30.01 6.76 -25.19
N THR D 2 -29.13 7.72 -24.88
CA THR D 2 -28.15 7.60 -23.79
C THR D 2 -28.39 8.60 -22.66
N TYR D 3 -28.18 8.16 -21.41
CA TYR D 3 -28.39 8.96 -20.21
C TYR D 3 -27.16 9.75 -19.74
N SER D 4 -25.95 9.34 -20.14
CA SER D 4 -24.72 9.71 -19.43
C SER D 4 -24.06 11.01 -19.90
N VAL D 5 -23.98 11.25 -21.22
CA VAL D 5 -23.27 12.40 -21.83
C VAL D 5 -21.84 12.61 -21.27
N ASP D 6 -21.09 11.51 -21.14
CA ASP D 6 -19.88 11.41 -20.30
C ASP D 6 -18.59 11.00 -21.03
N SER D 7 -18.63 10.94 -22.35
CA SER D 7 -17.56 10.37 -23.19
C SER D 7 -17.48 11.14 -24.50
N PRO D 8 -16.35 11.15 -25.23
CA PRO D 8 -16.20 12.00 -26.41
C PRO D 8 -17.27 11.78 -27.49
N GLY D 9 -17.83 12.86 -28.01
CA GLY D 9 -18.84 12.85 -29.06
C GLY D 9 -19.70 14.11 -29.09
N LEU D 10 -20.58 14.22 -30.07
CA LEU D 10 -21.58 15.29 -30.16
C LEU D 10 -22.93 14.73 -29.74
N TYR D 11 -23.46 15.20 -28.63
CA TYR D 11 -24.71 14.76 -28.04
C TYR D 11 -25.77 15.83 -28.27
N ILE D 12 -27.00 15.44 -28.61
CA ILE D 12 -28.11 16.37 -28.83
C ILE D 12 -29.29 15.94 -27.95
N THR D 13 -29.95 16.88 -27.29
CA THR D 13 -31.22 16.64 -26.58
C THR D 13 -32.19 17.78 -26.83
N GLU D 14 -33.46 17.56 -26.51
CA GLU D 14 -34.56 18.43 -26.89
C GLU D 14 -35.46 18.69 -25.68
N PHE D 15 -35.92 19.92 -25.51
CA PHE D 15 -36.70 20.38 -24.35
C PHE D 15 -37.70 21.48 -24.76
N LYS D 16 -38.70 21.78 -23.94
CA LYS D 16 -39.79 22.71 -24.28
C LYS D 16 -39.95 23.80 -23.23
N VAL D 17 -40.19 25.04 -23.70
CA VAL D 17 -40.41 26.24 -22.87
C VAL D 17 -41.74 26.91 -23.22
N ASP D 18 -42.41 27.47 -22.22
CA ASP D 18 -43.80 27.94 -22.38
C ASP D 18 -43.96 29.35 -22.97
N ASP D 19 -43.14 30.32 -22.54
CA ASP D 19 -43.48 31.76 -22.69
C ASP D 19 -42.29 32.72 -22.91
N LEU D 20 -41.05 32.27 -22.65
CA LEU D 20 -39.83 33.11 -22.74
C LEU D 20 -39.76 34.29 -21.74
N SER D 21 -40.65 34.36 -20.75
CA SER D 21 -40.62 35.35 -19.65
C SER D 21 -39.70 34.98 -18.49
N ARG D 22 -39.36 33.69 -18.31
CA ARG D 22 -38.44 33.18 -17.27
C ARG D 22 -36.97 33.31 -17.69
N HIS D 23 -36.05 33.08 -16.77
CA HIS D 23 -34.62 32.88 -17.01
C HIS D 23 -34.26 31.40 -16.92
N TYR D 24 -33.63 30.87 -17.95
CA TYR D 24 -33.26 29.46 -18.11
C TYR D 24 -31.75 29.32 -17.91
N VAL D 25 -31.34 28.90 -16.73
CA VAL D 25 -29.92 28.86 -16.37
C VAL D 25 -29.46 27.41 -16.34
N LEU D 26 -28.61 27.05 -17.29
CA LEU D 26 -28.02 25.74 -17.44
C LEU D 26 -26.89 25.53 -16.42
N ASP D 27 -27.02 24.52 -15.59
CA ASP D 27 -26.01 24.03 -14.66
C ASP D 27 -25.33 22.79 -15.28
N PRO D 28 -24.00 22.72 -15.38
CA PRO D 28 -23.32 21.54 -15.96
C PRO D 28 -23.20 20.34 -15.01
N GLY D 29 -23.61 20.48 -13.75
CA GLY D 29 -23.57 19.43 -12.71
C GLY D 29 -22.22 19.30 -12.02
N LEU D 30 -22.16 18.74 -10.80
CA LEU D 30 -20.90 18.62 -10.07
C LEU D 30 -19.90 17.63 -10.69
N GLU D 31 -20.36 16.75 -11.56
CA GLU D 31 -19.53 15.85 -12.38
C GLU D 31 -18.54 16.61 -13.28
N PHE D 32 -18.92 17.81 -13.74
CA PHE D 32 -18.20 18.58 -14.74
C PHE D 32 -16.93 19.24 -14.22
N TYR D 33 -16.90 19.64 -12.96
CA TYR D 33 -15.79 20.43 -12.44
C TYR D 33 -14.58 19.56 -12.15
N TYR D 34 -13.45 19.89 -12.77
CA TYR D 34 -12.18 19.20 -12.59
C TYR D 34 -11.04 20.23 -12.60
N ASN D 35 -9.88 19.92 -12.00
CA ASN D 35 -8.78 20.88 -11.92
C ASN D 35 -8.20 21.21 -13.29
N HIS D 36 -8.35 20.30 -14.26
CA HIS D 36 -8.00 20.47 -15.66
C HIS D 36 -9.32 20.51 -16.41
N TYR D 37 -9.80 21.67 -16.87
CA TYR D 37 -11.22 21.80 -17.19
C TYR D 37 -11.59 20.98 -18.42
N TYR D 38 -12.84 20.54 -18.48
CA TYR D 38 -13.33 19.69 -19.56
C TYR D 38 -13.65 20.49 -20.82
N ARG D 39 -13.10 20.06 -21.95
CA ARG D 39 -13.34 20.60 -23.28
C ARG D 39 -14.73 20.18 -23.78
N ILE D 40 -15.76 20.91 -23.38
CA ILE D 40 -17.14 20.64 -23.74
C ILE D 40 -17.77 21.91 -24.30
N LEU D 41 -18.24 21.85 -25.53
CA LEU D 41 -18.76 23.00 -26.28
C LEU D 41 -20.28 22.95 -26.32
N LEU D 42 -20.93 23.99 -25.83
CA LEU D 42 -22.39 24.13 -25.76
C LEU D 42 -22.93 24.89 -26.97
N PHE D 43 -23.96 24.32 -27.59
CA PHE D 43 -24.81 24.98 -28.56
C PHE D 43 -26.24 24.93 -28.03
N VAL D 44 -26.99 26.02 -28.16
CA VAL D 44 -28.41 26.06 -27.81
C VAL D 44 -29.17 26.46 -29.06
N ASN D 45 -30.13 25.63 -29.44
CA ASN D 45 -30.56 25.45 -30.82
C ASN D 45 -29.32 25.20 -31.70
N LYS D 46 -29.30 25.66 -32.95
CA LYS D 46 -28.14 25.51 -33.84
C LYS D 46 -27.03 26.56 -33.58
N VAL D 47 -27.16 27.39 -32.55
CA VAL D 47 -26.28 28.53 -32.26
C VAL D 47 -25.27 28.17 -31.17
N TYR D 48 -24.00 28.44 -31.42
CA TYR D 48 -22.93 28.18 -30.47
C TYR D 48 -22.94 29.18 -29.30
N VAL D 49 -23.11 28.69 -28.07
CA VAL D 49 -23.07 29.50 -26.85
C VAL D 49 -21.63 29.73 -26.41
N GLY D 50 -20.81 28.68 -26.38
CA GLY D 50 -19.42 28.74 -25.94
C GLY D 50 -18.94 27.42 -25.33
N PRO D 51 -17.66 27.32 -24.93
CA PRO D 51 -17.25 26.26 -24.04
C PRO D 51 -17.99 26.38 -22.70
N LEU D 52 -18.23 25.28 -22.00
CA LEU D 52 -18.82 25.34 -20.66
C LEU D 52 -17.83 25.95 -19.67
N ILE D 53 -18.09 27.19 -19.23
CA ILE D 53 -17.36 27.85 -18.14
C ILE D 53 -17.76 27.27 -16.78
N GLY D 54 -19.00 26.82 -16.67
CA GLY D 54 -19.73 26.62 -15.42
C GLY D 54 -21.21 26.85 -15.69
N PRO D 55 -22.00 27.36 -14.75
CA PRO D 55 -23.41 27.69 -14.99
C PRO D 55 -23.60 28.87 -15.95
N ILE D 56 -24.54 28.78 -16.89
CA ILE D 56 -24.77 29.78 -17.95
C ILE D 56 -26.27 30.10 -18.07
N ASP D 57 -26.67 31.37 -18.11
CA ASP D 57 -28.03 31.75 -18.55
C ASP D 57 -28.14 31.62 -20.08
N ILE D 58 -28.86 30.61 -20.54
CA ILE D 58 -29.06 30.30 -21.95
C ILE D 58 -30.31 30.96 -22.57
N THR D 59 -31.04 31.81 -21.84
CA THR D 59 -32.31 32.42 -22.29
C THR D 59 -32.24 33.18 -23.62
N ARG D 60 -31.11 33.82 -23.93
CA ARG D 60 -30.86 34.51 -25.21
C ARG D 60 -30.99 33.60 -26.42
N TYR D 61 -30.61 32.34 -26.27
CA TYR D 61 -30.41 31.39 -27.38
C TYR D 61 -31.64 30.53 -27.67
N LEU D 62 -32.70 30.66 -26.87
CA LEU D 62 -33.89 29.81 -26.94
C LEU D 62 -35.17 30.59 -27.29
N LYS D 63 -36.12 29.85 -27.87
CA LYS D 63 -37.32 30.31 -28.57
C LYS D 63 -38.57 29.65 -27.97
N PRO D 64 -39.76 30.28 -28.00
CA PRO D 64 -40.97 29.69 -27.42
C PRO D 64 -41.31 28.34 -28.09
N GLY D 65 -41.82 27.38 -27.32
CA GLY D 65 -42.01 26.01 -27.78
C GLY D 65 -40.76 25.14 -27.63
N VAL D 66 -40.48 24.29 -28.63
CA VAL D 66 -39.41 23.29 -28.56
C VAL D 66 -38.04 23.89 -28.92
N ASN D 67 -37.00 23.44 -28.20
CA ASN D 67 -35.61 23.85 -28.29
C ASN D 67 -34.69 22.63 -28.25
N GLU D 68 -33.46 22.78 -28.76
CA GLU D 68 -32.41 21.78 -28.66
C GLU D 68 -31.20 22.29 -27.87
N VAL D 69 -30.52 21.38 -27.18
CA VAL D 69 -29.17 21.58 -26.64
C VAL D 69 -28.26 20.61 -27.38
N ALA D 70 -27.12 21.06 -27.87
CA ALA D 70 -26.07 20.17 -28.33
C ALA D 70 -24.80 20.38 -27.51
N LEU D 71 -24.06 19.30 -27.29
CA LEU D 71 -22.81 19.29 -26.55
C LEU D 71 -21.77 18.50 -27.33
N LEU D 72 -20.82 19.20 -27.94
CA LEU D 72 -19.60 18.52 -28.39
C LEU D 72 -18.68 18.41 -27.18
N VAL D 73 -18.80 17.30 -26.46
CA VAL D 73 -17.83 16.93 -25.44
C VAL D 73 -16.65 16.28 -26.16
N GLU D 74 -15.50 16.94 -26.17
CA GLU D 74 -14.26 16.34 -26.66
C GLU D 74 -13.61 15.49 -25.59
N TRP D 75 -13.69 15.94 -24.34
CA TRP D 75 -13.12 15.26 -23.19
C TRP D 75 -13.91 15.64 -21.94
N GLY D 76 -13.99 14.72 -20.98
CA GLY D 76 -14.69 14.92 -19.72
C GLY D 76 -16.17 14.57 -19.73
N VAL D 77 -16.86 15.01 -18.68
CA VAL D 77 -18.20 14.58 -18.28
C VAL D 77 -19.08 15.80 -18.01
N VAL D 78 -20.38 15.72 -18.28
CA VAL D 78 -21.37 16.65 -17.73
C VAL D 78 -22.58 15.87 -17.23
N ASN D 79 -23.39 16.52 -16.41
CA ASN D 79 -24.76 16.09 -16.17
C ASN D 79 -25.66 17.32 -16.17
N PRO D 80 -26.00 17.85 -17.36
CA PRO D 80 -26.67 19.14 -17.47
C PRO D 80 -28.08 19.13 -16.88
N VAL D 81 -28.44 20.24 -16.26
CA VAL D 81 -29.80 20.56 -15.81
C VAL D 81 -30.06 22.02 -16.13
N ILE D 82 -31.28 22.42 -16.46
CA ILE D 82 -31.65 23.83 -16.53
C ILE D 82 -32.51 24.15 -15.30
N GLY D 83 -32.06 25.08 -14.48
CA GLY D 83 -32.89 25.72 -13.46
C GLY D 83 -33.66 26.88 -14.08
N VAL D 84 -34.93 27.02 -13.74
CA VAL D 84 -35.81 28.05 -14.34
C VAL D 84 -36.22 29.05 -13.26
N TYR D 85 -35.94 30.34 -13.49
CA TYR D 85 -36.06 31.41 -12.50
C TYR D 85 -37.02 32.50 -12.95
N GLN D 86 -37.75 33.09 -12.01
CA GLN D 86 -38.77 34.09 -12.29
C GLN D 86 -38.15 35.44 -12.70
N TYR D 87 -37.06 35.85 -12.05
CA TYR D 87 -36.34 37.10 -12.30
C TYR D 87 -34.82 36.91 -12.22
N LYS D 88 -34.07 37.74 -12.93
CA LYS D 88 -32.65 38.04 -12.67
C LYS D 88 -32.60 39.41 -11.98
N VAL D 89 -31.84 39.54 -10.89
CA VAL D 89 -32.02 40.64 -9.93
C VAL D 89 -31.10 41.81 -10.25
N ASP D 90 -31.66 43.01 -10.39
CA ASP D 90 -30.92 44.25 -10.66
C ASP D 90 -30.31 44.86 -9.40
N GLY D 91 -29.11 45.42 -9.53
CA GLY D 91 -28.40 46.07 -8.44
C GLY D 91 -27.00 46.48 -8.85
N GLU D 92 -26.50 47.58 -8.31
CA GLU D 92 -25.08 47.92 -8.43
C GLU D 92 -24.23 46.95 -7.61
N TRP D 93 -23.06 46.61 -8.13
CA TRP D 93 -22.12 45.69 -7.51
C TRP D 93 -20.82 46.41 -7.17
N PHE D 94 -20.18 46.00 -6.09
CA PHE D 94 -18.88 46.49 -5.66
C PHE D 94 -17.98 45.33 -5.27
N ILE D 95 -16.67 45.46 -5.41
CA ILE D 95 -15.67 44.49 -4.92
C ILE D 95 -14.63 45.14 -4.01
N GLN D 96 -14.06 44.30 -3.14
CA GLN D 96 -12.77 44.47 -2.51
C GLN D 96 -11.92 43.23 -2.84
N GLU D 97 -10.64 43.41 -3.16
CA GLU D 97 -9.66 42.32 -3.10
C GLU D 97 -9.27 42.02 -1.65
N GLY D 98 -9.41 40.77 -1.24
CA GLY D 98 -9.15 40.35 0.13
C GLY D 98 -10.19 40.84 1.12
N LEU D 99 -9.73 41.05 2.35
CA LEU D 99 -10.53 41.39 3.53
C LEU D 99 -9.79 42.46 4.32
N HIS D 100 -10.47 43.21 5.20
CA HIS D 100 -9.84 44.21 6.05
C HIS D 100 -8.69 43.64 6.89
N GLY D 101 -8.94 42.60 7.70
CA GLY D 101 -7.89 41.99 8.50
C GLY D 101 -6.76 41.41 7.65
N LEU D 102 -7.05 40.99 6.42
CA LEU D 102 -6.03 40.45 5.52
C LEU D 102 -5.15 41.56 4.94
N ILE D 103 -5.73 42.66 4.44
CA ILE D 103 -5.00 43.77 3.81
C ILE D 103 -4.35 44.72 4.84
N GLU D 104 -4.76 44.65 6.11
CA GLU D 104 -4.04 45.20 7.28
C GLU D 104 -2.99 44.23 7.86
N GLU D 105 -2.78 43.06 7.26
CA GLU D 105 -1.83 42.02 7.67
C GLU D 105 -2.00 41.55 9.12
N TRP D 106 -3.21 41.23 9.56
CA TRP D 106 -3.45 40.59 10.85
C TRP D 106 -2.75 39.24 11.01
N PHE D 107 -2.32 38.59 9.93
CA PHE D 107 -1.42 37.44 9.99
C PHE D 107 0.01 37.79 10.46
N ARG D 108 0.47 39.03 10.27
CA ARG D 108 1.74 39.52 10.84
C ARG D 108 1.53 40.01 12.27
N ARG D 109 0.58 40.93 12.48
CA ARG D 109 0.12 41.41 13.80
C ARG D 109 -1.35 41.80 13.74
N SER D 110 -2.22 40.96 14.30
CA SER D 110 -3.60 41.35 14.58
C SER D 110 -3.67 42.28 15.80
N PRO D 111 -4.78 43.00 16.02
CA PRO D 111 -5.11 43.48 17.36
C PRO D 111 -5.19 42.32 18.35
N ARG D 112 -5.29 42.63 19.65
CA ARG D 112 -5.65 41.61 20.66
C ARG D 112 -7.08 41.10 20.43
N GLY D 113 -7.31 39.84 20.76
CA GLY D 113 -8.63 39.20 20.72
C GLY D 113 -9.06 38.64 22.08
N GLU D 114 -10.33 38.26 22.20
CA GLU D 114 -10.82 37.52 23.37
C GLU D 114 -10.31 36.06 23.34
N THR D 115 -9.93 35.53 24.51
CA THR D 115 -9.50 34.13 24.64
C THR D 115 -10.68 33.17 24.52
N ALA D 116 -10.49 32.05 23.82
CA ALA D 116 -11.44 30.95 23.72
C ALA D 116 -10.83 29.62 24.18
N GLU D 117 -11.68 28.74 24.72
CA GLU D 117 -11.34 27.35 25.03
C GLU D 117 -11.11 26.54 23.73
N PRO D 118 -10.37 25.42 23.76
CA PRO D 118 -9.95 24.71 22.54
C PRO D 118 -11.07 24.29 21.56
N PRO D 119 -12.28 23.85 21.99
CA PRO D 119 -13.41 23.67 21.08
C PRO D 119 -14.08 25.02 20.77
N ILE D 120 -13.57 25.73 19.77
CA ILE D 120 -14.05 27.03 19.31
C ILE D 120 -15.29 26.83 18.43
N LEU D 121 -16.47 27.11 18.95
CA LEU D 121 -17.71 27.09 18.17
C LEU D 121 -17.83 28.38 17.33
N LEU D 122 -18.09 28.21 16.04
CA LEU D 122 -18.16 29.29 15.04
C LEU D 122 -19.50 29.32 14.30
N GLY D 123 -20.37 28.32 14.42
CA GLY D 123 -21.60 28.25 13.64
C GLY D 123 -22.59 29.38 13.87
N ASP D 124 -22.55 30.01 15.04
CA ASP D 124 -23.25 31.28 15.31
C ASP D 124 -22.70 32.42 14.43
N LYS D 125 -21.39 32.49 14.31
CA LYS D 125 -20.57 33.45 13.54
C LYS D 125 -20.48 33.09 12.03
N ALA D 126 -21.35 32.23 11.52
CA ALA D 126 -21.40 31.86 10.09
C ALA D 126 -21.62 33.09 9.20
N GLY D 127 -21.04 33.07 7.99
CA GLY D 127 -21.11 34.18 7.05
C GLY D 127 -20.02 35.24 7.22
N ARG D 128 -19.03 34.99 8.09
CA ARG D 128 -18.05 35.97 8.57
C ARG D 128 -16.64 35.40 8.53
N VAL D 129 -15.66 36.26 8.69
CA VAL D 129 -14.27 35.84 8.86
C VAL D 129 -13.86 36.04 10.32
N ILE D 130 -13.46 34.95 10.98
CA ILE D 130 -12.87 34.96 12.30
C ILE D 130 -11.39 34.60 12.14
N TRP D 131 -10.53 35.41 12.75
CA TRP D 131 -9.12 35.14 12.93
C TRP D 131 -8.93 34.41 14.25
N VAL D 132 -8.48 33.15 14.20
CA VAL D 132 -8.07 32.38 15.38
C VAL D 132 -6.55 32.45 15.46
N ASN D 133 -6.04 33.15 16.46
CA ASN D 133 -4.62 33.34 16.68
C ASN D 133 -4.19 32.41 17.81
N THR D 134 -3.08 31.72 17.65
CA THR D 134 -2.51 30.84 18.68
C THR D 134 -1.02 31.06 18.78
N VAL D 135 -0.42 30.80 19.95
CA VAL D 135 1.03 30.66 20.07
C VAL D 135 1.37 29.22 20.41
N ILE D 136 2.27 28.60 19.67
CA ILE D 136 2.76 27.24 19.95
C ILE D 136 4.25 27.32 20.31
N PRO D 137 4.68 26.85 21.49
CA PRO D 137 6.10 26.72 21.81
C PRO D 137 6.72 25.58 20.99
N TYR D 138 7.90 25.81 20.44
CA TYR D 138 8.69 24.79 19.74
C TYR D 138 10.14 24.97 20.19
N GLU D 139 10.53 24.27 21.26
CA GLU D 139 11.67 24.67 22.11
C GLU D 139 13.04 24.20 21.60
N LYS D 140 13.11 23.81 20.33
CA LYS D 140 14.23 23.13 19.65
C LYS D 140 14.52 23.78 18.30
N GLU D 141 15.74 23.64 17.78
CA GLU D 141 16.08 24.19 16.47
C GLU D 141 15.28 23.48 15.36
N PRO D 142 14.46 24.18 14.56
CA PRO D 142 13.71 23.58 13.47
C PRO D 142 14.64 23.09 12.36
N THR D 143 14.41 21.87 11.86
CA THR D 143 15.25 21.25 10.82
C THR D 143 14.44 20.29 9.95
N SER D 144 14.90 20.05 8.73
CA SER D 144 14.40 18.99 7.85
C SER D 144 14.65 17.58 8.41
N SER D 145 15.47 17.41 9.45
CA SER D 145 15.60 16.17 10.23
C SER D 145 14.34 15.83 11.02
N SER D 146 13.54 16.83 11.39
CA SER D 146 12.28 16.65 12.11
C SER D 146 11.24 17.61 11.57
N PRO D 147 10.68 17.34 10.38
CA PRO D 147 9.73 18.21 9.72
C PRO D 147 8.45 18.33 10.52
N VAL D 148 7.78 19.46 10.37
CA VAL D 148 6.57 19.79 11.12
C VAL D 148 5.35 19.78 10.19
N LYS D 149 4.29 19.08 10.57
CA LYS D 149 2.97 19.25 9.97
C LYS D 149 2.05 19.92 10.99
N LEU D 150 1.38 20.99 10.63
CA LEU D 150 0.27 21.52 11.40
C LEU D 150 -0.99 20.73 11.05
N GLU D 151 -1.60 20.06 12.01
CA GLU D 151 -2.94 19.51 11.84
C GLU D 151 -3.97 20.43 12.50
N VAL D 152 -5.01 20.77 11.75
CA VAL D 152 -6.15 21.53 12.25
C VAL D 152 -7.34 20.58 12.33
N ASP D 153 -7.97 20.46 13.49
CA ASP D 153 -9.24 19.75 13.62
C ASP D 153 -10.36 20.79 13.61
N PHE D 154 -11.25 20.73 12.63
CA PHE D 154 -12.29 21.72 12.40
C PHE D 154 -13.39 21.11 11.53
N TRP D 155 -14.52 21.79 11.46
CA TRP D 155 -15.54 21.58 10.44
C TRP D 155 -16.28 22.88 10.12
N GLY D 156 -16.94 22.94 8.98
CA GLY D 156 -17.78 24.07 8.58
C GLY D 156 -17.01 25.32 8.14
N CYS D 157 -15.70 25.24 7.92
CA CYS D 157 -14.85 26.40 7.65
C CYS D 157 -14.03 26.22 6.37
N ARG D 158 -13.65 27.33 5.75
CA ARG D 158 -12.47 27.39 4.89
C ARG D 158 -11.42 28.17 5.66
N ILE D 159 -10.31 27.53 5.98
CA ILE D 159 -9.29 28.07 6.89
C ILE D 159 -8.01 28.27 6.11
N LEU D 160 -7.45 29.49 6.18
CA LEU D 160 -6.12 29.80 5.67
C LEU D 160 -5.16 29.82 6.84
N VAL D 161 -4.02 29.15 6.73
CA VAL D 161 -3.04 29.00 7.80
C VAL D 161 -1.85 29.89 7.51
N PHE D 162 -1.42 30.65 8.52
CA PHE D 162 -0.21 31.44 8.52
C PHE D 162 0.64 31.03 9.71
N VAL D 163 1.94 30.81 9.54
CA VAL D 163 2.86 30.53 10.65
C VAL D 163 3.94 31.60 10.66
N ASN D 164 4.03 32.37 11.74
CA ASN D 164 4.92 33.51 11.89
C ASN D 164 4.79 34.56 10.78
N GLY D 165 3.59 34.69 10.22
CA GLY D 165 3.27 35.60 9.12
C GLY D 165 3.51 35.03 7.72
N GLU D 166 4.16 33.88 7.58
CA GLU D 166 4.32 33.20 6.30
C GLU D 166 3.07 32.35 5.99
N PHE D 167 2.46 32.57 4.82
CA PHE D 167 1.27 31.82 4.38
C PHE D 167 1.61 30.36 4.09
N ILE D 168 1.00 29.42 4.83
CA ILE D 168 1.32 27.99 4.71
C ILE D 168 0.38 27.27 3.75
N GLY D 169 -0.93 27.55 3.77
CA GLY D 169 -1.88 26.83 2.93
C GLY D 169 -3.33 27.01 3.32
N ARG D 170 -4.21 26.26 2.66
CA ARG D 170 -5.65 26.24 2.91
C ARG D 170 -6.12 24.85 3.29
N ILE D 171 -7.14 24.78 4.13
CA ILE D 171 -7.86 23.55 4.43
C ILE D 171 -9.35 23.85 4.39
N SER D 172 -10.14 22.92 3.86
CA SER D 172 -11.60 23.02 3.72
C SER D 172 -12.25 21.70 4.13
N ASP D 173 -13.55 21.68 4.40
CA ASP D 173 -14.26 20.45 4.80
C ASP D 173 -14.04 19.29 3.84
N ASP D 174 -13.99 19.59 2.54
CA ASP D 174 -13.81 18.66 1.44
C ASP D 174 -12.36 18.51 0.97
N SER D 175 -11.38 19.01 1.72
CA SER D 175 -9.96 18.78 1.43
C SER D 175 -9.54 17.38 1.87
N PRO D 176 -8.57 16.74 1.19
CA PRO D 176 -8.33 15.31 1.32
C PRO D 176 -7.57 14.92 2.60
N GLU D 177 -6.93 15.87 3.28
CA GLU D 177 -6.22 15.68 4.55
C GLU D 177 -6.28 16.97 5.38
N ARG D 178 -6.23 16.87 6.71
CA ARG D 178 -6.30 18.00 7.66
C ARG D 178 -4.94 18.57 8.07
N GLU D 179 -3.86 18.12 7.43
CA GLU D 179 -2.48 18.45 7.77
C GLU D 179 -1.84 19.32 6.69
N LEU D 180 -1.17 20.40 7.08
CA LEU D 180 -0.27 21.17 6.22
C LEU D 180 1.18 20.98 6.65
N TYR D 181 2.08 20.67 5.75
CA TYR D 181 3.51 20.83 6.01
C TYR D 181 3.84 22.30 6.20
N VAL D 182 4.47 22.62 7.33
CA VAL D 182 5.03 23.95 7.59
C VAL D 182 6.56 23.83 7.57
N PRO D 183 7.26 24.52 6.65
CA PRO D 183 8.71 24.37 6.48
C PRO D 183 9.55 24.84 7.68
N GLU D 184 10.81 24.39 7.76
CA GLU D 184 11.76 24.88 8.78
C GLU D 184 12.06 26.38 8.67
N THR D 185 11.78 26.98 7.51
CA THR D 185 11.88 28.42 7.24
C THR D 185 10.71 29.22 7.80
N ALA D 186 9.56 28.58 8.04
CA ALA D 186 8.40 29.19 8.69
C ALA D 186 8.46 29.05 10.22
N VAL D 187 8.75 27.86 10.72
CA VAL D 187 8.86 27.56 12.16
C VAL D 187 10.01 28.34 12.81
N ARG D 188 9.81 28.82 14.03
CA ARG D 188 10.83 29.47 14.89
C ARG D 188 11.12 28.58 16.09
N ARG D 189 12.37 28.59 16.54
CA ARG D 189 12.74 28.12 17.88
C ARG D 189 12.20 29.12 18.91
N GLY D 190 11.44 28.66 19.89
CA GLY D 190 10.66 29.51 20.80
C GLY D 190 9.19 29.54 20.43
N LEU D 191 8.49 30.66 20.64
CA LEU D 191 7.07 30.78 20.34
C LEU D 191 6.80 31.00 18.86
N ASN D 192 5.83 30.27 18.32
CA ASN D 192 5.34 30.40 16.95
C ASN D 192 3.94 31.02 16.96
N ASN D 193 3.77 32.20 16.37
CA ASN D 193 2.45 32.78 16.16
C ASN D 193 1.82 32.05 14.97
N ILE D 194 0.99 31.06 15.22
CA ILE D 194 0.26 30.36 14.17
C ILE D 194 -1.18 30.84 14.20
N THR D 195 -1.63 31.33 13.05
CA THR D 195 -2.86 32.10 12.88
C THR D 195 -3.69 31.50 11.78
N LEU D 196 -4.98 31.38 12.01
CA LEU D 196 -5.98 30.87 11.09
C LEU D 196 -6.92 32.00 10.71
N LEU D 197 -7.04 32.30 9.42
CA LEU D 197 -8.18 33.04 8.89
C LEU D 197 -9.27 32.00 8.54
N ALA D 198 -10.28 31.87 9.38
CA ALA D 198 -11.44 31.03 9.12
C ALA D 198 -12.59 31.87 8.53
N ILE D 199 -12.83 31.74 7.23
CA ILE D 199 -14.13 32.11 6.66
C ILE D 199 -15.14 31.02 7.06
N VAL D 200 -16.10 31.40 7.87
CA VAL D 200 -17.06 30.52 8.55
C VAL D 200 -18.22 30.24 7.61
N THR D 201 -18.33 29.00 7.12
CA THR D 201 -19.19 28.66 5.98
C THR D 201 -20.54 28.06 6.33
N SER D 202 -20.81 27.64 7.56
CA SER D 202 -22.04 26.91 7.91
C SER D 202 -22.52 27.16 9.34
N ARG D 203 -23.81 26.98 9.61
CA ARG D 203 -24.39 27.10 10.97
C ARG D 203 -23.88 26.05 11.98
N SER D 204 -23.11 25.07 11.50
CA SER D 204 -22.46 24.02 12.30
C SER D 204 -20.99 24.28 12.63
N SER D 205 -20.33 25.33 12.09
CA SER D 205 -18.87 25.46 12.11
C SER D 205 -18.20 25.41 13.49
N GLY D 206 -16.93 25.01 13.50
CA GLY D 206 -16.03 25.20 14.63
C GLY D 206 -14.62 24.71 14.34
N ILE D 207 -13.66 25.16 15.14
CA ILE D 207 -12.30 24.60 15.21
C ILE D 207 -12.19 23.88 16.55
N ARG D 208 -11.81 22.60 16.53
CA ARG D 208 -11.68 21.73 17.70
C ARG D 208 -10.28 21.75 18.29
N GLY D 209 -9.26 22.06 17.49
CA GLY D 209 -7.90 22.23 17.97
C GLY D 209 -6.84 22.37 16.88
N LEU D 210 -5.65 22.79 17.30
CA LEU D 210 -4.41 22.82 16.51
C LEU D 210 -3.39 21.89 17.19
N ARG D 211 -2.55 21.24 16.40
CA ARG D 211 -1.28 20.69 16.87
C ARG D 211 -0.20 20.84 15.80
N LEU D 212 1.02 21.18 16.18
CA LEU D 212 2.20 20.88 15.35
C LEU D 212 2.61 19.46 15.70
N LYS D 213 2.68 18.55 14.73
CA LYS D 213 3.26 17.23 14.91
C LYS D 213 4.58 17.16 14.17
N GLU D 214 5.65 16.72 14.82
CA GLU D 214 6.86 16.33 14.10
C GLU D 214 6.60 14.98 13.45
N THR D 215 6.77 14.86 12.14
CA THR D 215 6.41 13.63 11.41
C THR D 215 7.27 12.44 11.86
N TYR D 216 8.52 12.74 12.22
CA TYR D 216 9.57 11.89 12.75
C TYR D 216 10.67 12.80 13.30
N VAL D 217 11.65 12.24 14.00
CA VAL D 217 12.82 12.98 14.49
C VAL D 217 14.08 12.16 14.23
N HIS D 218 14.76 12.44 13.12
CA HIS D 218 16.04 11.83 12.77
C HIS D 218 17.21 12.54 13.44
N GLU D 219 18.28 11.79 13.71
CA GLU D 219 19.54 12.35 14.16
C GLU D 219 20.40 12.69 12.95
N ARG D 220 20.67 13.96 12.66
CA ARG D 220 21.78 14.30 11.76
C ARG D 220 23.10 14.24 12.52
N LYS D 221 23.91 13.23 12.19
CA LYS D 221 25.22 12.95 12.79
C LYS D 221 26.29 13.25 11.75
N GLU D 222 27.31 14.01 12.12
CA GLU D 222 28.47 14.24 11.27
C GLU D 222 29.39 13.03 11.33
N ILE D 223 29.52 12.25 10.24
CA ILE D 223 30.41 11.09 10.15
C ILE D 223 31.72 11.54 9.51
N VAL D 224 32.84 11.13 10.09
CA VAL D 224 34.16 11.69 9.81
C VAL D 224 35.13 10.55 9.54
N PHE D 225 35.96 10.65 8.50
CA PHE D 225 36.97 9.66 8.13
C PHE D 225 38.34 10.31 8.16
N LYS D 226 39.23 9.85 9.04
CA LYS D 226 40.67 10.22 8.99
C LYS D 226 41.35 9.41 7.90
N LEU D 227 42.25 9.98 7.11
CA LEU D 227 42.86 9.31 5.95
C LEU D 227 44.26 8.77 6.23
#